data_3PAT
# 
_entry.id   3PAT 
# 
_audit_conform.dict_name       mmcif_pdbx.dic 
_audit_conform.dict_version    5.398 
_audit_conform.dict_location   http://mmcif.pdb.org/dictionaries/ascii/mmcif_pdbx.dic 
# 
loop_
_database_2.database_id 
_database_2.database_code 
_database_2.pdbx_database_accession 
_database_2.pdbx_DOI 
PDB   3PAT         pdb_00003pat 10.2210/pdb3pat/pdb 
WWPDB D_1000179081 ?            ?                   
# 
loop_
_pdbx_audit_revision_history.ordinal 
_pdbx_audit_revision_history.data_content_type 
_pdbx_audit_revision_history.major_revision 
_pdbx_audit_revision_history.minor_revision 
_pdbx_audit_revision_history.revision_date 
1 'Structure model' 1 0 1994-07-31 
2 'Structure model' 1 1 2008-03-03 
3 'Structure model' 1 2 2011-07-13 
4 'Structure model' 1 3 2022-03-16 
5 'Structure model' 1 4 2024-10-30 
# 
_pdbx_audit_revision_details.ordinal             1 
_pdbx_audit_revision_details.revision_ordinal    1 
_pdbx_audit_revision_details.data_content_type   'Structure model' 
_pdbx_audit_revision_details.provider            repository 
_pdbx_audit_revision_details.type                'Initial release' 
_pdbx_audit_revision_details.description         ? 
_pdbx_audit_revision_details.details             ? 
# 
loop_
_pdbx_audit_revision_group.ordinal 
_pdbx_audit_revision_group.revision_ordinal 
_pdbx_audit_revision_group.data_content_type 
_pdbx_audit_revision_group.group 
1 2 'Structure model' 'Version format compliance' 
2 3 'Structure model' 'Version format compliance' 
3 4 'Structure model' 'Database references'       
4 4 'Structure model' 'Derived calculations'      
5 4 'Structure model' Other                       
6 5 'Structure model' 'Data collection'           
7 5 'Structure model' 'Structure summary'         
# 
loop_
_pdbx_audit_revision_category.ordinal 
_pdbx_audit_revision_category.revision_ordinal 
_pdbx_audit_revision_category.data_content_type 
_pdbx_audit_revision_category.category 
1  4 'Structure model' database_2                
2  4 'Structure model' pdbx_database_status      
3  4 'Structure model' pdbx_struct_assembly      
4  4 'Structure model' pdbx_struct_conn_angle    
5  4 'Structure model' pdbx_struct_oper_list     
6  4 'Structure model' struct_conn               
7  4 'Structure model' struct_site               
8  5 'Structure model' chem_comp_atom            
9  5 'Structure model' chem_comp_bond            
10 5 'Structure model' pdbx_entry_details        
11 5 'Structure model' pdbx_modification_feature 
# 
loop_
_pdbx_audit_revision_item.ordinal 
_pdbx_audit_revision_item.revision_ordinal 
_pdbx_audit_revision_item.data_content_type 
_pdbx_audit_revision_item.item 
1  4 'Structure model' '_database_2.pdbx_DOI'                        
2  4 'Structure model' '_database_2.pdbx_database_accession'         
3  4 'Structure model' '_pdbx_database_status.process_site'          
4  4 'Structure model' '_pdbx_struct_conn_angle.ptnr1_auth_comp_id'  
5  4 'Structure model' '_pdbx_struct_conn_angle.ptnr1_auth_seq_id'   
6  4 'Structure model' '_pdbx_struct_conn_angle.ptnr1_label_atom_id' 
7  4 'Structure model' '_pdbx_struct_conn_angle.ptnr1_label_comp_id' 
8  4 'Structure model' '_pdbx_struct_conn_angle.ptnr1_label_seq_id'  
9  4 'Structure model' '_pdbx_struct_conn_angle.ptnr3_auth_comp_id'  
10 4 'Structure model' '_pdbx_struct_conn_angle.ptnr3_auth_seq_id'   
11 4 'Structure model' '_pdbx_struct_conn_angle.ptnr3_label_atom_id' 
12 4 'Structure model' '_pdbx_struct_conn_angle.ptnr3_label_comp_id' 
13 4 'Structure model' '_pdbx_struct_conn_angle.ptnr3_label_seq_id'  
14 4 'Structure model' '_pdbx_struct_conn_angle.value'               
15 4 'Structure model' '_struct_conn.pdbx_dist_value'                
16 4 'Structure model' '_struct_conn.pdbx_leaving_atom_flag'         
17 4 'Structure model' '_struct_conn.ptnr1_auth_comp_id'             
18 4 'Structure model' '_struct_conn.ptnr1_auth_seq_id'              
19 4 'Structure model' '_struct_conn.ptnr1_label_asym_id'            
20 4 'Structure model' '_struct_conn.ptnr1_label_atom_id'            
21 4 'Structure model' '_struct_conn.ptnr1_label_comp_id'            
22 4 'Structure model' '_struct_conn.ptnr1_label_seq_id'             
23 4 'Structure model' '_struct_conn.ptnr2_auth_comp_id'             
24 4 'Structure model' '_struct_conn.ptnr2_auth_seq_id'              
25 4 'Structure model' '_struct_conn.ptnr2_label_asym_id'            
26 4 'Structure model' '_struct_conn.ptnr2_label_atom_id'            
27 4 'Structure model' '_struct_conn.ptnr2_label_comp_id'            
28 4 'Structure model' '_struct_conn.ptnr2_label_seq_id'             
29 4 'Structure model' '_struct_site.pdbx_auth_asym_id'              
30 4 'Structure model' '_struct_site.pdbx_auth_comp_id'              
31 4 'Structure model' '_struct_site.pdbx_auth_seq_id'               
# 
_pdbx_database_status.status_code                     REL 
_pdbx_database_status.entry_id                        3PAT 
_pdbx_database_status.recvd_initial_deposition_date   1994-03-22 
_pdbx_database_status.deposit_site                    ? 
_pdbx_database_status.process_site                    BNL 
_pdbx_database_status.SG_entry                        . 
_pdbx_database_status.pdb_format_compatible           Y 
_pdbx_database_status.status_code_mr                  ? 
_pdbx_database_status.status_code_sf                  ? 
_pdbx_database_status.status_code_cs                  ? 
_pdbx_database_status.status_code_nmr_data            ? 
_pdbx_database_status.methods_development_category    ? 
# 
loop_
_audit_author.name 
_audit_author.pdbx_ordinal 
'Padilla, A.'   1 
'Cave, A.'      2 
'Parello, J.'   3 
'Etienne, G.'   4 
'Baldellon, C.' 5 
# 
loop_
_citation.id 
_citation.title 
_citation.journal_abbrev 
_citation.journal_volume 
_citation.page_first 
_citation.page_last 
_citation.year 
_citation.journal_id_ASTM 
_citation.country 
_citation.journal_id_ISSN 
_citation.journal_id_CSD 
_citation.book_publisher 
_citation.pdbx_database_id_PubMed 
_citation.pdbx_database_id_DOI 
primary 'Comparison between the Crystal and the Solution Structures of the EF Hand Parvalbumin' 'To be Published' ?   ?    ? ?    
?      ?  ?         0353 ? ? ? 
1       'Symmetrical Rearrangement of Cation-Binding Sites of Parvalbumin Upon Ca2+(Slash)Mg2+ Exchange. A Study by 1H 2D NMR' 
Biochemistry      32  1302 ? 1993 BICHAW US 0006-2960 0033 ? ? ? 
2       
'Homonuclear Three-Dimensional 1H NMR Spectroscopy of Pike Parvalbumin. Comparison of Short-and Medium-Range Noes from 2D and 3D NMR' 
J.Am.Chem.Soc.    112 5024 ? 1990 JACSAT US 0002-7863 0004 ? ? ? 
3       
;Two-Dimensional 1H Nuclear Magnetic Resonance Study of Pike Pi 5.0 Parvalbumin (Esox Lucius): Sequential Resonance Assignments and Folding of the Polypeptide Chain
;
J.Mol.Biol.       204 995  ? 1988 JMOBAK UK 0022-2836 0070 ? ? ? 
# 
loop_
_citation_author.citation_id 
_citation_author.name 
_citation_author.ordinal 
_citation_author.identifier_ORCID 
primary 'Padilla, A.'   1  ? 
primary 'Cave, A.'      2  ? 
primary 'Parello, J.'   3  ? 
primary 'Etienne, G.'   4  ? 
primary 'Baldellon, C.' 5  ? 
1       'Blancuzzi, Y.' 6  ? 
1       'Padilla, A.'   7  ? 
1       'Parello, J.'   8  ? 
1       'Cave, A.'      9  ? 
2       'Padilla, A.'   10 ? 
2       'Vuister, G.W.' 11 ? 
2       'Boelens, R.'   12 ? 
2       'Kleywegt, G.'  13 ? 
2       'Cave, A.'      14 ? 
2       'Parello, J.'   15 ? 
2       'Kaptein, R.'   16 ? 
3       'Padilla, A.'   17 ? 
3       'Cave, A.'      18 ? 
3       'Parello, J.'   19 ? 
# 
loop_
_entity.id 
_entity.type 
_entity.src_method 
_entity.pdbx_description 
_entity.formula_weight 
_entity.pdbx_number_of_molecules 
_entity.pdbx_ec 
_entity.pdbx_mutation 
_entity.pdbx_fragment 
_entity.details 
1 polymer     man PARVALBUMIN   11824.427 1 ? ? ? ? 
2 non-polymer syn 'CALCIUM ION' 40.078    2 ? ? ? ? 
# 
_entity_poly.entity_id                      1 
_entity_poly.type                           'polypeptide(L)' 
_entity_poly.nstd_linkage                   no 
_entity_poly.nstd_monomer                   yes 
_entity_poly.pdbx_seq_one_letter_code       
;(ACE)AAKDLLKADDIKKALDAVKAEGSFNHKKFFALVGLKAMSANDVKKVFKAIDADASGFIEEEELKFVLKSFAADGR
DLTDAETKAFLKAADKDGDGKIGIDEFETLVHEA
;
_entity_poly.pdbx_seq_one_letter_code_can   
;XAAKDLLKADDIKKALDAVKAEGSFNHKKFFALVGLKAMSANDVKKVFKAIDADASGFIEEEELKFVLKSFAADGRDLTD
AETKAFLKAADKDGDGKIGIDEFETLVHEA
;
_entity_poly.pdbx_strand_id                 A 
_entity_poly.pdbx_target_identifier         ? 
# 
_pdbx_entity_nonpoly.entity_id   2 
_pdbx_entity_nonpoly.name        'CALCIUM ION' 
_pdbx_entity_nonpoly.comp_id     CA 
# 
loop_
_entity_poly_seq.entity_id 
_entity_poly_seq.num 
_entity_poly_seq.mon_id 
_entity_poly_seq.hetero 
1 1   ACE n 
1 2   ALA n 
1 3   ALA n 
1 4   LYS n 
1 5   ASP n 
1 6   LEU n 
1 7   LEU n 
1 8   LYS n 
1 9   ALA n 
1 10  ASP n 
1 11  ASP n 
1 12  ILE n 
1 13  LYS n 
1 14  LYS n 
1 15  ALA n 
1 16  LEU n 
1 17  ASP n 
1 18  ALA n 
1 19  VAL n 
1 20  LYS n 
1 21  ALA n 
1 22  GLU n 
1 23  GLY n 
1 24  SER n 
1 25  PHE n 
1 26  ASN n 
1 27  HIS n 
1 28  LYS n 
1 29  LYS n 
1 30  PHE n 
1 31  PHE n 
1 32  ALA n 
1 33  LEU n 
1 34  VAL n 
1 35  GLY n 
1 36  LEU n 
1 37  LYS n 
1 38  ALA n 
1 39  MET n 
1 40  SER n 
1 41  ALA n 
1 42  ASN n 
1 43  ASP n 
1 44  VAL n 
1 45  LYS n 
1 46  LYS n 
1 47  VAL n 
1 48  PHE n 
1 49  LYS n 
1 50  ALA n 
1 51  ILE n 
1 52  ASP n 
1 53  ALA n 
1 54  ASP n 
1 55  ALA n 
1 56  SER n 
1 57  GLY n 
1 58  PHE n 
1 59  ILE n 
1 60  GLU n 
1 61  GLU n 
1 62  GLU n 
1 63  GLU n 
1 64  LEU n 
1 65  LYS n 
1 66  PHE n 
1 67  VAL n 
1 68  LEU n 
1 69  LYS n 
1 70  SER n 
1 71  PHE n 
1 72  ALA n 
1 73  ALA n 
1 74  ASP n 
1 75  GLY n 
1 76  ARG n 
1 77  ASP n 
1 78  LEU n 
1 79  THR n 
1 80  ASP n 
1 81  ALA n 
1 82  GLU n 
1 83  THR n 
1 84  LYS n 
1 85  ALA n 
1 86  PHE n 
1 87  LEU n 
1 88  LYS n 
1 89  ALA n 
1 90  ALA n 
1 91  ASP n 
1 92  LYS n 
1 93  ASP n 
1 94  GLY n 
1 95  ASP n 
1 96  GLY n 
1 97  LYS n 
1 98  ILE n 
1 99  GLY n 
1 100 ILE n 
1 101 ASP n 
1 102 GLU n 
1 103 PHE n 
1 104 GLU n 
1 105 THR n 
1 106 LEU n 
1 107 VAL n 
1 108 HIS n 
1 109 GLU n 
1 110 ALA n 
# 
_entity_src_gen.entity_id                          1 
_entity_src_gen.pdbx_src_id                        1 
_entity_src_gen.pdbx_alt_source_flag               sample 
_entity_src_gen.pdbx_seq_type                      ? 
_entity_src_gen.pdbx_beg_seq_num                   ? 
_entity_src_gen.pdbx_end_seq_num                   ? 
_entity_src_gen.gene_src_common_name               'northern pike' 
_entity_src_gen.gene_src_genus                     Esox 
_entity_src_gen.pdbx_gene_src_gene                 ? 
_entity_src_gen.gene_src_species                   ? 
_entity_src_gen.gene_src_strain                    ? 
_entity_src_gen.gene_src_tissue                    ? 
_entity_src_gen.gene_src_tissue_fraction           ? 
_entity_src_gen.gene_src_details                   ? 
_entity_src_gen.pdbx_gene_src_fragment             ? 
_entity_src_gen.pdbx_gene_src_scientific_name      'Esox lucius' 
_entity_src_gen.pdbx_gene_src_ncbi_taxonomy_id     8010 
_entity_src_gen.pdbx_gene_src_variant              ? 
_entity_src_gen.pdbx_gene_src_cell_line            ? 
_entity_src_gen.pdbx_gene_src_atcc                 ? 
_entity_src_gen.pdbx_gene_src_organ                ? 
_entity_src_gen.pdbx_gene_src_organelle            ? 
_entity_src_gen.pdbx_gene_src_cell                 ? 
_entity_src_gen.pdbx_gene_src_cellular_location    ? 
_entity_src_gen.host_org_common_name               ? 
_entity_src_gen.pdbx_host_org_scientific_name      ? 
_entity_src_gen.pdbx_host_org_ncbi_taxonomy_id     ? 
_entity_src_gen.host_org_genus                     ? 
_entity_src_gen.pdbx_host_org_gene                 ? 
_entity_src_gen.pdbx_host_org_organ                ? 
_entity_src_gen.host_org_species                   ? 
_entity_src_gen.pdbx_host_org_tissue               ? 
_entity_src_gen.pdbx_host_org_tissue_fraction      ? 
_entity_src_gen.pdbx_host_org_strain               ? 
_entity_src_gen.pdbx_host_org_variant              ? 
_entity_src_gen.pdbx_host_org_cell_line            ? 
_entity_src_gen.pdbx_host_org_atcc                 ? 
_entity_src_gen.pdbx_host_org_culture_collection   ? 
_entity_src_gen.pdbx_host_org_cell                 ? 
_entity_src_gen.pdbx_host_org_organelle            ? 
_entity_src_gen.pdbx_host_org_cellular_location    ? 
_entity_src_gen.pdbx_host_org_vector_type          ? 
_entity_src_gen.pdbx_host_org_vector               ? 
_entity_src_gen.host_org_details                   ? 
_entity_src_gen.expression_system_id               ? 
_entity_src_gen.plasmid_name                       ? 
_entity_src_gen.plasmid_details                    ? 
_entity_src_gen.pdbx_description                   ? 
# 
loop_
_chem_comp.id 
_chem_comp.type 
_chem_comp.mon_nstd_flag 
_chem_comp.name 
_chem_comp.pdbx_synonyms 
_chem_comp.formula 
_chem_comp.formula_weight 
ACE non-polymer         . 'ACETYL GROUP'  ? 'C2 H4 O'        44.053  
ALA 'L-peptide linking' y ALANINE         ? 'C3 H7 N O2'     89.093  
ARG 'L-peptide linking' y ARGININE        ? 'C6 H15 N4 O2 1' 175.209 
ASN 'L-peptide linking' y ASPARAGINE      ? 'C4 H8 N2 O3'    132.118 
ASP 'L-peptide linking' y 'ASPARTIC ACID' ? 'C4 H7 N O4'     133.103 
CA  non-polymer         . 'CALCIUM ION'   ? 'Ca 2'           40.078  
GLU 'L-peptide linking' y 'GLUTAMIC ACID' ? 'C5 H9 N O4'     147.129 
GLY 'peptide linking'   y GLYCINE         ? 'C2 H5 N O2'     75.067  
HIS 'L-peptide linking' y HISTIDINE       ? 'C6 H10 N3 O2 1' 156.162 
ILE 'L-peptide linking' y ISOLEUCINE      ? 'C6 H13 N O2'    131.173 
LEU 'L-peptide linking' y LEUCINE         ? 'C6 H13 N O2'    131.173 
LYS 'L-peptide linking' y LYSINE          ? 'C6 H15 N2 O2 1' 147.195 
MET 'L-peptide linking' y METHIONINE      ? 'C5 H11 N O2 S'  149.211 
PHE 'L-peptide linking' y PHENYLALANINE   ? 'C9 H11 N O2'    165.189 
SER 'L-peptide linking' y SERINE          ? 'C3 H7 N O3'     105.093 
THR 'L-peptide linking' y THREONINE       ? 'C4 H9 N O3'     119.119 
VAL 'L-peptide linking' y VALINE          ? 'C5 H11 N O2'    117.146 
# 
loop_
_pdbx_poly_seq_scheme.asym_id 
_pdbx_poly_seq_scheme.entity_id 
_pdbx_poly_seq_scheme.seq_id 
_pdbx_poly_seq_scheme.mon_id 
_pdbx_poly_seq_scheme.ndb_seq_num 
_pdbx_poly_seq_scheme.pdb_seq_num 
_pdbx_poly_seq_scheme.auth_seq_num 
_pdbx_poly_seq_scheme.pdb_mon_id 
_pdbx_poly_seq_scheme.auth_mon_id 
_pdbx_poly_seq_scheme.pdb_strand_id 
_pdbx_poly_seq_scheme.pdb_ins_code 
_pdbx_poly_seq_scheme.hetero 
A 1 1   ACE 1   0   0   ACE ACE A . n 
A 1 2   ALA 2   1   1   ALA ALA A . n 
A 1 3   ALA 3   2   2   ALA ALA A . n 
A 1 4   LYS 4   3   3   LYS LYS A . n 
A 1 5   ASP 5   4   4   ASP ASP A . n 
A 1 6   LEU 6   5   5   LEU LEU A . n 
A 1 7   LEU 7   6   6   LEU LEU A . n 
A 1 8   LYS 8   7   7   LYS LYS A . n 
A 1 9   ALA 9   8   8   ALA ALA A . n 
A 1 10  ASP 10  9   9   ASP ASP A . n 
A 1 11  ASP 11  10  10  ASP ASP A . n 
A 1 12  ILE 12  11  11  ILE ILE A . n 
A 1 13  LYS 13  12  12  LYS LYS A . n 
A 1 14  LYS 14  13  13  LYS LYS A . n 
A 1 15  ALA 15  14  14  ALA ALA A . n 
A 1 16  LEU 16  15  15  LEU LEU A . n 
A 1 17  ASP 17  16  16  ASP ASP A . n 
A 1 18  ALA 18  17  17  ALA ALA A . n 
A 1 19  VAL 19  18  18  VAL VAL A . n 
A 1 20  LYS 20  19  19  LYS LYS A . n 
A 1 21  ALA 21  20  20  ALA ALA A . n 
A 1 22  GLU 22  21  21  GLU GLU A . n 
A 1 23  GLY 23  22  22  GLY GLY A . n 
A 1 24  SER 24  23  23  SER SER A . n 
A 1 25  PHE 25  24  24  PHE PHE A . n 
A 1 26  ASN 26  25  25  ASN ASN A . n 
A 1 27  HIS 27  26  26  HIS HIS A . n 
A 1 28  LYS 28  27  27  LYS LYS A . n 
A 1 29  LYS 29  28  28  LYS LYS A . n 
A 1 30  PHE 30  29  29  PHE PHE A . n 
A 1 31  PHE 31  30  30  PHE PHE A . n 
A 1 32  ALA 32  31  31  ALA ALA A . n 
A 1 33  LEU 33  32  32  LEU LEU A . n 
A 1 34  VAL 34  33  33  VAL VAL A . n 
A 1 35  GLY 35  34  34  GLY GLY A . n 
A 1 36  LEU 36  35  35  LEU LEU A . n 
A 1 37  LYS 37  36  36  LYS LYS A . n 
A 1 38  ALA 38  37  37  ALA ALA A . n 
A 1 39  MET 39  38  38  MET MET A . n 
A 1 40  SER 40  39  39  SER SER A . n 
A 1 41  ALA 41  40  40  ALA ALA A . n 
A 1 42  ASN 42  41  41  ASN ASN A . n 
A 1 43  ASP 43  42  42  ASP ASP A . n 
A 1 44  VAL 44  43  43  VAL VAL A . n 
A 1 45  LYS 45  44  44  LYS LYS A . n 
A 1 46  LYS 46  45  45  LYS LYS A . n 
A 1 47  VAL 47  46  46  VAL VAL A . n 
A 1 48  PHE 48  47  47  PHE PHE A . n 
A 1 49  LYS 49  48  48  LYS LYS A . n 
A 1 50  ALA 50  49  49  ALA ALA A . n 
A 1 51  ILE 51  50  50  ILE ILE A . n 
A 1 52  ASP 52  51  51  ASP ASP A . n 
A 1 53  ALA 53  52  52  ALA ALA A . n 
A 1 54  ASP 54  53  53  ASP ASP A . n 
A 1 55  ALA 55  54  54  ALA ALA A . n 
A 1 56  SER 56  55  55  SER SER A . n 
A 1 57  GLY 57  56  56  GLY GLY A . n 
A 1 58  PHE 58  57  57  PHE PHE A . n 
A 1 59  ILE 59  58  58  ILE ILE A . n 
A 1 60  GLU 60  59  59  GLU GLU A . n 
A 1 61  GLU 61  60  60  GLU GLU A . n 
A 1 62  GLU 62  61  61  GLU GLU A . n 
A 1 63  GLU 63  62  62  GLU GLU A . n 
A 1 64  LEU 64  63  63  LEU LEU A . n 
A 1 65  LYS 65  64  64  LYS LYS A . n 
A 1 66  PHE 66  65  65  PHE PHE A . n 
A 1 67  VAL 67  66  66  VAL VAL A . n 
A 1 68  LEU 68  67  67  LEU LEU A . n 
A 1 69  LYS 69  68  68  LYS LYS A . n 
A 1 70  SER 70  69  69  SER SER A . n 
A 1 71  PHE 71  70  70  PHE PHE A . n 
A 1 72  ALA 72  71  71  ALA ALA A . n 
A 1 73  ALA 73  72  72  ALA ALA A . n 
A 1 74  ASP 74  73  73  ASP ASP A . n 
A 1 75  GLY 75  74  74  GLY GLY A . n 
A 1 76  ARG 76  75  75  ARG ARG A . n 
A 1 77  ASP 77  76  76  ASP ASP A . n 
A 1 78  LEU 78  77  77  LEU LEU A . n 
A 1 79  THR 79  78  78  THR THR A . n 
A 1 80  ASP 80  79  79  ASP ASP A . n 
A 1 81  ALA 81  80  80  ALA ALA A . n 
A 1 82  GLU 82  81  81  GLU GLU A . n 
A 1 83  THR 83  82  82  THR THR A . n 
A 1 84  LYS 84  83  83  LYS LYS A . n 
A 1 85  ALA 85  84  84  ALA ALA A . n 
A 1 86  PHE 86  85  85  PHE PHE A . n 
A 1 87  LEU 87  86  86  LEU LEU A . n 
A 1 88  LYS 88  87  87  LYS LYS A . n 
A 1 89  ALA 89  88  88  ALA ALA A . n 
A 1 90  ALA 90  89  89  ALA ALA A . n 
A 1 91  ASP 91  90  90  ASP ASP A . n 
A 1 92  LYS 92  91  91  LYS LYS A . n 
A 1 93  ASP 93  92  92  ASP ASP A . n 
A 1 94  GLY 94  93  93  GLY GLY A . n 
A 1 95  ASP 95  94  94  ASP ASP A . n 
A 1 96  GLY 96  95  95  GLY GLY A . n 
A 1 97  LYS 97  96  96  LYS LYS A . n 
A 1 98  ILE 98  97  97  ILE ILE A . n 
A 1 99  GLY 99  98  98  GLY GLY A . n 
A 1 100 ILE 100 99  99  ILE ILE A . n 
A 1 101 ASP 101 100 100 ASP ASP A . n 
A 1 102 GLU 102 101 101 GLU GLU A . n 
A 1 103 PHE 103 102 102 PHE PHE A . n 
A 1 104 GLU 104 103 103 GLU GLU A . n 
A 1 105 THR 105 104 104 THR THR A . n 
A 1 106 LEU 106 105 105 LEU LEU A . n 
A 1 107 VAL 107 106 106 VAL VAL A . n 
A 1 108 HIS 108 107 107 HIS HIS A . n 
A 1 109 GLU 109 108 108 GLU GLU A . n 
A 1 110 ALA 110 109 109 ALA ALA A . n 
# 
loop_
_pdbx_nonpoly_scheme.asym_id 
_pdbx_nonpoly_scheme.entity_id 
_pdbx_nonpoly_scheme.mon_id 
_pdbx_nonpoly_scheme.ndb_seq_num 
_pdbx_nonpoly_scheme.pdb_seq_num 
_pdbx_nonpoly_scheme.auth_seq_num 
_pdbx_nonpoly_scheme.pdb_mon_id 
_pdbx_nonpoly_scheme.auth_mon_id 
_pdbx_nonpoly_scheme.pdb_strand_id 
_pdbx_nonpoly_scheme.pdb_ins_code 
B 2 CA 1 110 110 CA CA A . 
C 2 CA 1 111 111 CA CA A . 
# 
loop_
_software.name 
_software.classification 
_software.version 
_software.citation_id 
_software.pdbx_ordinal 
X-PLOR 'model building' 3.0 ? 1 
X-PLOR refinement       3.0 ? 2 
X-PLOR phasing          3.0 ? 3 
# 
_cell.entry_id           3PAT 
_cell.length_a           1.000 
_cell.length_b           1.000 
_cell.length_c           1.000 
_cell.angle_alpha        90.00 
_cell.angle_beta         90.00 
_cell.angle_gamma        90.00 
_cell.Z_PDB              1 
_cell.pdbx_unique_axis   ? 
# 
_symmetry.entry_id                         3PAT 
_symmetry.space_group_name_H-M             'P 1' 
_symmetry.pdbx_full_space_group_name_H-M   ? 
_symmetry.cell_setting                     ? 
_symmetry.Int_Tables_number                1 
# 
_exptl.entry_id          3PAT 
_exptl.method            'SOLUTION NMR' 
_exptl.crystals_number   ? 
# 
_struct.entry_id                  3PAT 
_struct.title                     'COMPARISON BETWEEN THE CRYSTAL AND THE SOLUTION STRUCTURES OF THE EF HAND PARVALBUMIN' 
_struct.pdbx_model_details        ? 
_struct.pdbx_CASP_flag            ? 
_struct.pdbx_model_type_details   ? 
# 
_struct_keywords.entry_id        3PAT 
_struct_keywords.pdbx_keywords   'BINDING PROTEIN(CALCIUM)' 
_struct_keywords.text            'BINDING PROTEIN(CALCIUM)' 
# 
loop_
_struct_asym.id 
_struct_asym.pdbx_blank_PDB_chainid_flag 
_struct_asym.pdbx_modified 
_struct_asym.entity_id 
_struct_asym.details 
A Y N 1 ? 
B N N 2 ? 
C N N 2 ? 
# 
_struct_ref.id                         1 
_struct_ref.db_name                    UNP 
_struct_ref.db_code                    PRVA_ESOLU 
_struct_ref.entity_id                  1 
_struct_ref.pdbx_db_accession          P02628 
_struct_ref.pdbx_align_begin           1 
_struct_ref.pdbx_seq_one_letter_code   
;AKDLLKADDIKKALDAVKAEGSFNHKKFFALVGLKAMSANDVKKVFKAIDADASGFIEEEELKFVLKSFAADGRDLTDAE
TKAFLKAADKDGDGKIGIDEFETLVHEA
;
_struct_ref.pdbx_db_isoform            ? 
# 
_struct_ref_seq.align_id                      1 
_struct_ref_seq.ref_id                        1 
_struct_ref_seq.pdbx_PDB_id_code              3PAT 
_struct_ref_seq.pdbx_strand_id                A 
_struct_ref_seq.seq_align_beg                 3 
_struct_ref_seq.pdbx_seq_align_beg_ins_code   ? 
_struct_ref_seq.seq_align_end                 110 
_struct_ref_seq.pdbx_seq_align_end_ins_code   ? 
_struct_ref_seq.pdbx_db_accession             P02628 
_struct_ref_seq.db_align_beg                  1 
_struct_ref_seq.pdbx_db_align_beg_ins_code    ? 
_struct_ref_seq.db_align_end                  108 
_struct_ref_seq.pdbx_db_align_end_ins_code    ? 
_struct_ref_seq.pdbx_auth_seq_align_beg       2 
_struct_ref_seq.pdbx_auth_seq_align_end       109 
# 
_pdbx_struct_assembly.id                   1 
_pdbx_struct_assembly.details              author_defined_assembly 
_pdbx_struct_assembly.method_details       ? 
_pdbx_struct_assembly.oligomeric_details   monomeric 
_pdbx_struct_assembly.oligomeric_count     1 
# 
_pdbx_struct_assembly_gen.assembly_id       1 
_pdbx_struct_assembly_gen.oper_expression   1 
_pdbx_struct_assembly_gen.asym_id_list      A,B,C 
# 
_pdbx_struct_oper_list.id                   1 
_pdbx_struct_oper_list.type                 'identity operation' 
_pdbx_struct_oper_list.name                 1_555 
_pdbx_struct_oper_list.symmetry_operation   x,y,z 
_pdbx_struct_oper_list.matrix[1][1]         1.0000000000 
_pdbx_struct_oper_list.matrix[1][2]         0.0000000000 
_pdbx_struct_oper_list.matrix[1][3]         0.0000000000 
_pdbx_struct_oper_list.vector[1]            0.0000000000 
_pdbx_struct_oper_list.matrix[2][1]         0.0000000000 
_pdbx_struct_oper_list.matrix[2][2]         1.0000000000 
_pdbx_struct_oper_list.matrix[2][3]         0.0000000000 
_pdbx_struct_oper_list.vector[2]            0.0000000000 
_pdbx_struct_oper_list.matrix[3][1]         0.0000000000 
_pdbx_struct_oper_list.matrix[3][2]         0.0000000000 
_pdbx_struct_oper_list.matrix[3][3]         1.0000000000 
_pdbx_struct_oper_list.vector[3]            0.0000000000 
# 
_struct_biol.id   1 
# 
loop_
_struct_conf.conf_type_id 
_struct_conf.id 
_struct_conf.pdbx_PDB_helix_id 
_struct_conf.beg_label_comp_id 
_struct_conf.beg_label_asym_id 
_struct_conf.beg_label_seq_id 
_struct_conf.pdbx_beg_PDB_ins_code 
_struct_conf.end_label_comp_id 
_struct_conf.end_label_asym_id 
_struct_conf.end_label_seq_id 
_struct_conf.pdbx_end_PDB_ins_code 
_struct_conf.beg_auth_comp_id 
_struct_conf.beg_auth_asym_id 
_struct_conf.beg_auth_seq_id 
_struct_conf.end_auth_comp_id 
_struct_conf.end_auth_asym_id 
_struct_conf.end_auth_seq_id 
_struct_conf.pdbx_PDB_helix_class 
_struct_conf.details 
_struct_conf.pdbx_PDB_helix_length 
HELX_P HELX_P1 A ASP A 10  ? VAL A 19  ? ASP A 9  VAL A 18  1 ?                       10 
HELX_P HELX_P2 B HIS A 27  ? VAL A 34  ? HIS A 26 VAL A 33  1 ?                       8  
HELX_P HELX_P3 C ALA A 41  ? ILE A 51  ? ALA A 40 ILE A 50  1 ?                       11 
HELX_P HELX_P4 D GLU A 61  ? ALA A 72  ? GLU A 60 ALA A 71  1 'BENDING AT RESIDUE 65' 12 
HELX_P HELX_P5 E ASP A 80  ? ALA A 90  ? ASP A 79 ALA A 89  1 ?                       11 
HELX_P HELX_P6 F ILE A 100 ? GLU A 109 ? ILE A 99 GLU A 108 1 ?                       10 
# 
_struct_conf_type.id          HELX_P 
_struct_conf_type.criteria    ? 
_struct_conf_type.reference   ? 
# 
loop_
_struct_conn.id 
_struct_conn.conn_type_id 
_struct_conn.pdbx_leaving_atom_flag 
_struct_conn.pdbx_PDB_id 
_struct_conn.ptnr1_label_asym_id 
_struct_conn.ptnr1_label_comp_id 
_struct_conn.ptnr1_label_seq_id 
_struct_conn.ptnr1_label_atom_id 
_struct_conn.pdbx_ptnr1_label_alt_id 
_struct_conn.pdbx_ptnr1_PDB_ins_code 
_struct_conn.pdbx_ptnr1_standard_comp_id 
_struct_conn.ptnr1_symmetry 
_struct_conn.ptnr2_label_asym_id 
_struct_conn.ptnr2_label_comp_id 
_struct_conn.ptnr2_label_seq_id 
_struct_conn.ptnr2_label_atom_id 
_struct_conn.pdbx_ptnr2_label_alt_id 
_struct_conn.pdbx_ptnr2_PDB_ins_code 
_struct_conn.ptnr1_auth_asym_id 
_struct_conn.ptnr1_auth_comp_id 
_struct_conn.ptnr1_auth_seq_id 
_struct_conn.ptnr2_auth_asym_id 
_struct_conn.ptnr2_auth_comp_id 
_struct_conn.ptnr2_auth_seq_id 
_struct_conn.ptnr2_symmetry 
_struct_conn.pdbx_ptnr3_label_atom_id 
_struct_conn.pdbx_ptnr3_label_seq_id 
_struct_conn.pdbx_ptnr3_label_comp_id 
_struct_conn.pdbx_ptnr3_label_asym_id 
_struct_conn.pdbx_ptnr3_label_alt_id 
_struct_conn.pdbx_ptnr3_PDB_ins_code 
_struct_conn.details 
_struct_conn.pdbx_dist_value 
_struct_conn.pdbx_value_order 
_struct_conn.pdbx_role 
covale1  covale none ? A ACE 1   O   ? ? ? 1_555 A ALA 2 CA ? ? A ACE 0   A ALA 1   1_555 ? ? ? ? ? ? ? 1.483 ? ? 
covale2  covale one  ? A ACE 1   C   ? ? ? 1_555 A ALA 2 CA ? ? A ACE 0   A ALA 1   1_555 ? ? ? ? ? ? ? 1.620 ? ? 
covale3  covale one  ? A ACE 1   CH3 ? ? ? 1_555 A ALA 2 N  ? ? A ACE 0   A ALA 1   1_555 ? ? ? ? ? ? ? 1.648 ? ? 
covale4  covale none ? A ACE 1   O   ? ? ? 1_555 A ALA 2 CB ? ? A ACE 0   A ALA 1   1_555 ? ? ? ? ? ? ? 1.620 ? ? 
covale5  covale one  ? A ACE 1   O   ? ? ? 1_555 A ALA 2 N  ? ? A ACE 0   A ALA 1   1_555 ? ? ? ? ? ? ? 1.280 ? ? 
covale6  covale one  ? A ACE 1   C   ? ? ? 1_555 A ALA 2 CB ? ? A ACE 0   A ALA 1   1_555 ? ? ? ? ? ? ? 2.045 ? ? 
metalc1  metalc ?    ? A ASP 52  OD1 ? ? ? 1_555 B CA  . CA ? ? A ASP 51  A CA  110 1_555 ? ? ? ? ? ? ? 2.785 ? ? 
metalc2  metalc ?    ? A ASP 54  OD1 ? ? ? 1_555 B CA  . CA ? ? A ASP 53  A CA  110 1_555 ? ? ? ? ? ? ? 2.344 ? ? 
metalc3  metalc ?    ? A ASP 54  OD2 ? ? ? 1_555 B CA  . CA ? ? A ASP 53  A CA  110 1_555 ? ? ? ? ? ? ? 2.595 ? ? 
metalc4  metalc ?    ? A SER 56  OG  ? ? ? 1_555 B CA  . CA ? ? A SER 55  A CA  110 1_555 ? ? ? ? ? ? ? 2.905 ? ? 
metalc5  metalc ?    ? A PHE 58  O   ? ? ? 1_555 B CA  . CA ? ? A PHE 57  A CA  110 1_555 ? ? ? ? ? ? ? 2.268 ? ? 
metalc6  metalc ?    ? A ASP 91  OD1 ? ? ? 1_555 C CA  . CA ? ? A ASP 90  A CA  111 1_555 ? ? ? ? ? ? ? 2.804 ? ? 
metalc7  metalc ?    ? A ASP 93  OD2 ? ? ? 1_555 C CA  . CA ? ? A ASP 92  A CA  111 1_555 ? ? ? ? ? ? ? 3.173 ? ? 
metalc8  metalc ?    ? A ASP 93  OD1 ? ? ? 1_555 C CA  . CA ? ? A ASP 92  A CA  111 1_555 ? ? ? ? ? ? ? 2.916 ? ? 
metalc9  metalc ?    ? A ASP 95  OD1 ? ? ? 1_555 C CA  . CA ? ? A ASP 94  A CA  111 1_555 ? ? ? ? ? ? ? 2.757 ? ? 
metalc10 metalc ?    ? A LYS 97  O   ? ? ? 1_555 C CA  . CA ? ? A LYS 96  A CA  111 1_555 ? ? ? ? ? ? ? 2.893 ? ? 
metalc11 metalc ?    ? A GLU 102 OE2 ? ? ? 1_555 C CA  . CA ? ? A GLU 101 A CA  111 1_555 ? ? ? ? ? ? ? 3.348 ? ? 
metalc12 metalc ?    ? A GLU 102 OE1 ? ? ? 1_555 C CA  . CA ? ? A GLU 101 A CA  111 1_555 ? ? ? ? ? ? ? 2.952 ? ? 
# 
loop_
_struct_conn_type.id 
_struct_conn_type.criteria 
_struct_conn_type.reference 
covale ? ? 
metalc ? ? 
# 
loop_
_pdbx_struct_conn_angle.id 
_pdbx_struct_conn_angle.ptnr1_label_atom_id 
_pdbx_struct_conn_angle.ptnr1_label_alt_id 
_pdbx_struct_conn_angle.ptnr1_label_asym_id 
_pdbx_struct_conn_angle.ptnr1_label_comp_id 
_pdbx_struct_conn_angle.ptnr1_label_seq_id 
_pdbx_struct_conn_angle.ptnr1_auth_atom_id 
_pdbx_struct_conn_angle.ptnr1_auth_asym_id 
_pdbx_struct_conn_angle.ptnr1_auth_comp_id 
_pdbx_struct_conn_angle.ptnr1_auth_seq_id 
_pdbx_struct_conn_angle.ptnr1_PDB_ins_code 
_pdbx_struct_conn_angle.ptnr1_symmetry 
_pdbx_struct_conn_angle.ptnr2_label_atom_id 
_pdbx_struct_conn_angle.ptnr2_label_alt_id 
_pdbx_struct_conn_angle.ptnr2_label_asym_id 
_pdbx_struct_conn_angle.ptnr2_label_comp_id 
_pdbx_struct_conn_angle.ptnr2_label_seq_id 
_pdbx_struct_conn_angle.ptnr2_auth_atom_id 
_pdbx_struct_conn_angle.ptnr2_auth_asym_id 
_pdbx_struct_conn_angle.ptnr2_auth_comp_id 
_pdbx_struct_conn_angle.ptnr2_auth_seq_id 
_pdbx_struct_conn_angle.ptnr2_PDB_ins_code 
_pdbx_struct_conn_angle.ptnr2_symmetry 
_pdbx_struct_conn_angle.ptnr3_label_atom_id 
_pdbx_struct_conn_angle.ptnr3_label_alt_id 
_pdbx_struct_conn_angle.ptnr3_label_asym_id 
_pdbx_struct_conn_angle.ptnr3_label_comp_id 
_pdbx_struct_conn_angle.ptnr3_label_seq_id 
_pdbx_struct_conn_angle.ptnr3_auth_atom_id 
_pdbx_struct_conn_angle.ptnr3_auth_asym_id 
_pdbx_struct_conn_angle.ptnr3_auth_comp_id 
_pdbx_struct_conn_angle.ptnr3_auth_seq_id 
_pdbx_struct_conn_angle.ptnr3_PDB_ins_code 
_pdbx_struct_conn_angle.ptnr3_symmetry 
_pdbx_struct_conn_angle.value 
_pdbx_struct_conn_angle.value_esd 
1  OD1 ? A ASP 52  ? A ASP 51  ? 1_555 CA ? B CA . ? A CA 110 ? 1_555 OD1 ? A ASP 54  ? A ASP 53  ? 1_555 62.3  ? 
2  OD1 ? A ASP 52  ? A ASP 51  ? 1_555 CA ? B CA . ? A CA 110 ? 1_555 OD2 ? A ASP 54  ? A ASP 53  ? 1_555 102.6 ? 
3  OD1 ? A ASP 54  ? A ASP 53  ? 1_555 CA ? B CA . ? A CA 110 ? 1_555 OD2 ? A ASP 54  ? A ASP 53  ? 1_555 41.2  ? 
4  OD1 ? A ASP 52  ? A ASP 51  ? 1_555 CA ? B CA . ? A CA 110 ? 1_555 OG  ? A SER 56  ? A SER 55  ? 1_555 79.4  ? 
5  OD1 ? A ASP 54  ? A ASP 53  ? 1_555 CA ? B CA . ? A CA 110 ? 1_555 OG  ? A SER 56  ? A SER 55  ? 1_555 77.5  ? 
6  OD2 ? A ASP 54  ? A ASP 53  ? 1_555 CA ? B CA . ? A CA 110 ? 1_555 OG  ? A SER 56  ? A SER 55  ? 1_555 75.5  ? 
7  OD1 ? A ASP 52  ? A ASP 51  ? 1_555 CA ? B CA . ? A CA 110 ? 1_555 O   ? A PHE 58  ? A PHE 57  ? 1_555 64.5  ? 
8  OD1 ? A ASP 54  ? A ASP 53  ? 1_555 CA ? B CA . ? A CA 110 ? 1_555 O   ? A PHE 58  ? A PHE 57  ? 1_555 125.5 ? 
9  OD2 ? A ASP 54  ? A ASP 53  ? 1_555 CA ? B CA . ? A CA 110 ? 1_555 O   ? A PHE 58  ? A PHE 57  ? 1_555 166.6 ? 
10 OG  ? A SER 56  ? A SER 55  ? 1_555 CA ? B CA . ? A CA 110 ? 1_555 O   ? A PHE 58  ? A PHE 57  ? 1_555 104.1 ? 
11 OD1 ? A ASP 91  ? A ASP 90  ? 1_555 CA ? C CA . ? A CA 111 ? 1_555 OD2 ? A ASP 93  ? A ASP 92  ? 1_555 96.7  ? 
12 OD1 ? A ASP 91  ? A ASP 90  ? 1_555 CA ? C CA . ? A CA 111 ? 1_555 OD1 ? A ASP 93  ? A ASP 92  ? 1_555 62.5  ? 
13 OD2 ? A ASP 93  ? A ASP 92  ? 1_555 CA ? C CA . ? A CA 111 ? 1_555 OD1 ? A ASP 93  ? A ASP 92  ? 1_555 37.1  ? 
14 OD1 ? A ASP 91  ? A ASP 90  ? 1_555 CA ? C CA . ? A CA 111 ? 1_555 OD1 ? A ASP 95  ? A ASP 94  ? 1_555 53.3  ? 
15 OD2 ? A ASP 93  ? A ASP 92  ? 1_555 CA ? C CA . ? A CA 111 ? 1_555 OD1 ? A ASP 95  ? A ASP 94  ? 1_555 62.0  ? 
16 OD1 ? A ASP 93  ? A ASP 92  ? 1_555 CA ? C CA . ? A CA 111 ? 1_555 OD1 ? A ASP 95  ? A ASP 94  ? 1_555 52.9  ? 
17 OD1 ? A ASP 91  ? A ASP 90  ? 1_555 CA ? C CA . ? A CA 111 ? 1_555 O   ? A LYS 97  ? A LYS 96  ? 1_555 84.1  ? 
18 OD2 ? A ASP 93  ? A ASP 92  ? 1_555 CA ? C CA . ? A CA 111 ? 1_555 O   ? A LYS 97  ? A LYS 96  ? 1_555 106.7 ? 
19 OD1 ? A ASP 93  ? A ASP 92  ? 1_555 CA ? C CA . ? A CA 111 ? 1_555 O   ? A LYS 97  ? A LYS 96  ? 1_555 114.2 ? 
20 OD1 ? A ASP 95  ? A ASP 94  ? 1_555 CA ? C CA . ? A CA 111 ? 1_555 O   ? A LYS 97  ? A LYS 96  ? 1_555 61.6  ? 
21 OD1 ? A ASP 91  ? A ASP 90  ? 1_555 CA ? C CA . ? A CA 111 ? 1_555 OE2 ? A GLU 102 ? A GLU 101 ? 1_555 139.9 ? 
22 OD2 ? A ASP 93  ? A ASP 92  ? 1_555 CA ? C CA . ? A CA 111 ? 1_555 OE2 ? A GLU 102 ? A GLU 101 ? 1_555 83.8  ? 
23 OD1 ? A ASP 93  ? A ASP 92  ? 1_555 CA ? C CA . ? A CA 111 ? 1_555 OE2 ? A GLU 102 ? A GLU 101 ? 1_555 100.9 ? 
24 OD1 ? A ASP 95  ? A ASP 94  ? 1_555 CA ? C CA . ? A CA 111 ? 1_555 OE2 ? A GLU 102 ? A GLU 101 ? 1_555 145.8 ? 
25 O   ? A LYS 97  ? A LYS 96  ? 1_555 CA ? C CA . ? A CA 111 ? 1_555 OE2 ? A GLU 102 ? A GLU 101 ? 1_555 134.3 ? 
26 OD1 ? A ASP 91  ? A ASP 90  ? 1_555 CA ? C CA . ? A CA 111 ? 1_555 OE1 ? A GLU 102 ? A GLU 101 ? 1_555 159.6 ? 
27 OD2 ? A ASP 93  ? A ASP 92  ? 1_555 CA ? C CA . ? A CA 111 ? 1_555 OE1 ? A GLU 102 ? A GLU 101 ? 1_555 89.9  ? 
28 OD1 ? A ASP 93  ? A ASP 92  ? 1_555 CA ? C CA . ? A CA 111 ? 1_555 OE1 ? A GLU 102 ? A GLU 101 ? 1_555 116.6 ? 
29 OD1 ? A ASP 95  ? A ASP 94  ? 1_555 CA ? C CA . ? A CA 111 ? 1_555 OE1 ? A GLU 102 ? A GLU 101 ? 1_555 144.5 ? 
30 O   ? A LYS 97  ? A LYS 96  ? 1_555 CA ? C CA . ? A CA 111 ? 1_555 OE1 ? A GLU 102 ? A GLU 101 ? 1_555 112.5 ? 
31 OE2 ? A GLU 102 ? A GLU 101 ? 1_555 CA ? C CA . ? A CA 111 ? 1_555 OE1 ? A GLU 102 ? A GLU 101 ? 1_555 21.8  ? 
# 
loop_
_pdbx_modification_feature.ordinal 
_pdbx_modification_feature.label_comp_id 
_pdbx_modification_feature.label_asym_id 
_pdbx_modification_feature.label_seq_id 
_pdbx_modification_feature.label_alt_id 
_pdbx_modification_feature.modified_residue_label_comp_id 
_pdbx_modification_feature.modified_residue_label_asym_id 
_pdbx_modification_feature.modified_residue_label_seq_id 
_pdbx_modification_feature.modified_residue_label_alt_id 
_pdbx_modification_feature.auth_comp_id 
_pdbx_modification_feature.auth_asym_id 
_pdbx_modification_feature.auth_seq_id 
_pdbx_modification_feature.PDB_ins_code 
_pdbx_modification_feature.symmetry 
_pdbx_modification_feature.modified_residue_auth_comp_id 
_pdbx_modification_feature.modified_residue_auth_asym_id 
_pdbx_modification_feature.modified_residue_auth_seq_id 
_pdbx_modification_feature.modified_residue_PDB_ins_code 
_pdbx_modification_feature.modified_residue_symmetry 
_pdbx_modification_feature.comp_id_linking_atom 
_pdbx_modification_feature.modified_residue_id_linking_atom 
_pdbx_modification_feature.modified_residue_id 
_pdbx_modification_feature.ref_pcm_id 
_pdbx_modification_feature.ref_comp_id 
_pdbx_modification_feature.type 
_pdbx_modification_feature.category 
1 ACE A 1 ? ALA A 2 ? ACE A 0 ? 1_555 ALA A 1 ? 1_555 .   .  ALA 1 ACE None 'Terminal acetylation' 
2 ACE A 1 ? ALA A 2 ? ACE A 0 ? 1_555 ALA A 1 ? 1_555 O   CA .   . .   None 'Non-standard linkage' 
3 ACE A 1 ? ALA A 2 ? ACE A 0 ? 1_555 ALA A 1 ? 1_555 C   CA .   . .   None 'Non-standard linkage' 
4 ACE A 1 ? ALA A 2 ? ACE A 0 ? 1_555 ALA A 1 ? 1_555 CH3 N  .   . .   None 'Non-standard linkage' 
5 ACE A 1 ? ALA A 2 ? ACE A 0 ? 1_555 ALA A 1 ? 1_555 O   CB .   . .   None 'Non-standard linkage' 
6 ACE A 1 ? ALA A 2 ? ACE A 0 ? 1_555 ALA A 1 ? 1_555 C   CB .   . .   None 'Non-standard linkage' 
# 
_struct_sheet.id               A 
_struct_sheet.type             ? 
_struct_sheet.number_strands   2 
_struct_sheet.details          ? 
# 
_struct_sheet_order.sheet_id     A 
_struct_sheet_order.range_id_1   1 
_struct_sheet_order.range_id_2   2 
_struct_sheet_order.offset       ? 
_struct_sheet_order.sense        anti-parallel 
# 
loop_
_struct_sheet_range.sheet_id 
_struct_sheet_range.id 
_struct_sheet_range.beg_label_comp_id 
_struct_sheet_range.beg_label_asym_id 
_struct_sheet_range.beg_label_seq_id 
_struct_sheet_range.pdbx_beg_PDB_ins_code 
_struct_sheet_range.end_label_comp_id 
_struct_sheet_range.end_label_asym_id 
_struct_sheet_range.end_label_seq_id 
_struct_sheet_range.pdbx_end_PDB_ins_code 
_struct_sheet_range.beg_auth_comp_id 
_struct_sheet_range.beg_auth_asym_id 
_struct_sheet_range.beg_auth_seq_id 
_struct_sheet_range.end_auth_comp_id 
_struct_sheet_range.end_auth_asym_id 
_struct_sheet_range.end_auth_seq_id 
A 1 ILE A 59 ? GLU A 60 ? ILE A 58 GLU A 59 
A 2 LYS A 97 ? ILE A 98 ? LYS A 96 ILE A 97 
# 
_pdbx_struct_sheet_hbond.sheet_id                A 
_pdbx_struct_sheet_hbond.range_id_1              1 
_pdbx_struct_sheet_hbond.range_id_2              2 
_pdbx_struct_sheet_hbond.range_1_label_atom_id   O 
_pdbx_struct_sheet_hbond.range_1_label_comp_id   ILE 
_pdbx_struct_sheet_hbond.range_1_label_asym_id   A 
_pdbx_struct_sheet_hbond.range_1_label_seq_id    59 
_pdbx_struct_sheet_hbond.range_1_PDB_ins_code    ? 
_pdbx_struct_sheet_hbond.range_1_auth_atom_id    O 
_pdbx_struct_sheet_hbond.range_1_auth_comp_id    ILE 
_pdbx_struct_sheet_hbond.range_1_auth_asym_id    A 
_pdbx_struct_sheet_hbond.range_1_auth_seq_id     58 
_pdbx_struct_sheet_hbond.range_2_label_atom_id   N 
_pdbx_struct_sheet_hbond.range_2_label_comp_id   ILE 
_pdbx_struct_sheet_hbond.range_2_label_asym_id   A 
_pdbx_struct_sheet_hbond.range_2_label_seq_id    98 
_pdbx_struct_sheet_hbond.range_2_PDB_ins_code    ? 
_pdbx_struct_sheet_hbond.range_2_auth_atom_id    N 
_pdbx_struct_sheet_hbond.range_2_auth_comp_id    ILE 
_pdbx_struct_sheet_hbond.range_2_auth_asym_id    A 
_pdbx_struct_sheet_hbond.range_2_auth_seq_id     97 
# 
loop_
_struct_site.id 
_struct_site.pdbx_evidence_code 
_struct_site.pdbx_auth_asym_id 
_struct_site.pdbx_auth_comp_id 
_struct_site.pdbx_auth_seq_id 
_struct_site.pdbx_auth_ins_code 
_struct_site.pdbx_num_residues 
_struct_site.details 
CD  Unknown  ? ?  ?   ? 12 ?                                   
EF  Unknown  ? ?  ?   ? 12 ?                                   
AC1 Software A CA 110 ? 6  'BINDING SITE FOR RESIDUE CA A 110' 
AC2 Software A CA 111 ? 5  'BINDING SITE FOR RESIDUE CA A 111' 
# 
loop_
_struct_site_gen.id 
_struct_site_gen.site_id 
_struct_site_gen.pdbx_num_res 
_struct_site_gen.label_comp_id 
_struct_site_gen.label_asym_id 
_struct_site_gen.label_seq_id 
_struct_site_gen.pdbx_auth_ins_code 
_struct_site_gen.auth_comp_id 
_struct_site_gen.auth_asym_id 
_struct_site_gen.auth_seq_id 
_struct_site_gen.label_atom_id 
_struct_site_gen.label_alt_id 
_struct_site_gen.symmetry 
_struct_site_gen.details 
1  CD  12 ASP A 52  ? ASP A 51  . ? 1_555 ? 
2  CD  12 ALA A 53  ? ALA A 52  . ? 1_555 ? 
3  CD  12 ASP A 54  ? ASP A 53  . ? 1_555 ? 
4  CD  12 ALA A 55  ? ALA A 54  . ? 1_555 ? 
5  CD  12 SER A 56  ? SER A 55  . ? 1_555 ? 
6  CD  12 GLY A 57  ? GLY A 56  . ? 1_555 ? 
7  CD  12 PHE A 58  ? PHE A 57  . ? 1_555 ? 
8  CD  12 ILE A 59  ? ILE A 58  . ? 1_555 ? 
9  CD  12 GLU A 60  ? GLU A 59  . ? 1_555 ? 
10 CD  12 GLU A 61  ? GLU A 60  . ? 1_555 ? 
11 CD  12 GLU A 62  ? GLU A 61  . ? 1_555 ? 
12 CD  12 GLU A 63  ? GLU A 62  . ? 1_555 ? 
13 EF  12 ASP A 91  ? ASP A 90  . ? 1_555 ? 
14 EF  12 LYS A 92  ? LYS A 91  . ? 1_555 ? 
15 EF  12 ASP A 93  ? ASP A 92  . ? 1_555 ? 
16 EF  12 GLY A 94  ? GLY A 93  . ? 1_555 ? 
17 EF  12 ASP A 95  ? ASP A 94  . ? 1_555 ? 
18 EF  12 GLY A 96  ? GLY A 95  . ? 1_555 ? 
19 EF  12 LYS A 97  ? LYS A 96  . ? 1_555 ? 
20 EF  12 ILE A 98  ? ILE A 97  . ? 1_555 ? 
21 EF  12 GLY A 99  ? GLY A 98  . ? 1_555 ? 
22 EF  12 ILE A 100 ? ILE A 99  . ? 1_555 ? 
23 EF  12 ASP A 101 ? ASP A 100 . ? 1_555 ? 
24 EF  12 GLU A 102 ? GLU A 101 . ? 1_555 ? 
25 AC1 6  ASP A 52  ? ASP A 51  . ? 1_555 ? 
26 AC1 6  ASP A 54  ? ASP A 53  . ? 1_555 ? 
27 AC1 6  SER A 56  ? SER A 55  . ? 1_555 ? 
28 AC1 6  PHE A 58  ? PHE A 57  . ? 1_555 ? 
29 AC1 6  GLU A 60  ? GLU A 59  . ? 1_555 ? 
30 AC1 6  GLU A 63  ? GLU A 62  . ? 1_555 ? 
31 AC2 5  ASP A 91  ? ASP A 90  . ? 1_555 ? 
32 AC2 5  ASP A 93  ? ASP A 92  . ? 1_555 ? 
33 AC2 5  ASP A 95  ? ASP A 94  . ? 1_555 ? 
34 AC2 5  LYS A 97  ? LYS A 96  . ? 1_555 ? 
35 AC2 5  GLU A 102 ? GLU A 101 . ? 1_555 ? 
# 
_pdbx_entry_details.entry_id                   3PAT 
_pdbx_entry_details.compound_details           ? 
_pdbx_entry_details.source_details             ? 
_pdbx_entry_details.nonpolymer_details         ? 
_pdbx_entry_details.sequence_details           ? 
_pdbx_entry_details.has_ligand_of_interest     ? 
_pdbx_entry_details.has_protein_modification   Y 
# 
loop_
_pdbx_validate_close_contact.id 
_pdbx_validate_close_contact.PDB_model_num 
_pdbx_validate_close_contact.auth_atom_id_1 
_pdbx_validate_close_contact.auth_asym_id_1 
_pdbx_validate_close_contact.auth_comp_id_1 
_pdbx_validate_close_contact.auth_seq_id_1 
_pdbx_validate_close_contact.PDB_ins_code_1 
_pdbx_validate_close_contact.label_alt_id_1 
_pdbx_validate_close_contact.auth_atom_id_2 
_pdbx_validate_close_contact.auth_asym_id_2 
_pdbx_validate_close_contact.auth_comp_id_2 
_pdbx_validate_close_contact.auth_seq_id_2 
_pdbx_validate_close_contact.PDB_ins_code_2 
_pdbx_validate_close_contact.label_alt_id_2 
_pdbx_validate_close_contact.dist 
1  1 O  A ASN 25 ? ? N  A HIS 26 ? ? 0.33 
2  1 O  A ARG 75 ? ? N  A ASP 76 ? ? 0.47 
3  1 O  A MET 38 ? ? N  A SER 39 ? ? 0.76 
4  1 O  A LYS 7  ? ? CB A ALA 8  ? ? 0.95 
5  1 O  A LYS 7  ? ? CA A ALA 8  ? ? 1.14 
6  1 O  A LYS 7  ? ? N  A ALA 8  ? ? 1.23 
7  1 O  A ALA 71 ? ? N  A ALA 72 ? ? 1.29 
8  1 O  A ASP 53 ? ? N  A ALA 54 ? ? 1.36 
9  1 C  A LYS 7  ? ? CA A ALA 8  ? ? 1.52 
10 1 O  A ASP 90 ? ? N  A LYS 91 ? ? 1.55 
11 1 CA A LYS 7  ? ? N  A ALA 8  ? ? 1.55 
12 1 CB A LYS 7  ? ? N  A ALA 8  ? ? 1.70 
13 1 O  A THR 78 ? ? N  A ASP 79 ? ? 1.73 
14 1 O  A ASN 25 ? ? CA A HIS 26 ? ? 1.80 
# 
loop_
_pdbx_validate_rmsd_bond.id 
_pdbx_validate_rmsd_bond.PDB_model_num 
_pdbx_validate_rmsd_bond.auth_atom_id_1 
_pdbx_validate_rmsd_bond.auth_asym_id_1 
_pdbx_validate_rmsd_bond.auth_comp_id_1 
_pdbx_validate_rmsd_bond.auth_seq_id_1 
_pdbx_validate_rmsd_bond.PDB_ins_code_1 
_pdbx_validate_rmsd_bond.label_alt_id_1 
_pdbx_validate_rmsd_bond.auth_atom_id_2 
_pdbx_validate_rmsd_bond.auth_asym_id_2 
_pdbx_validate_rmsd_bond.auth_comp_id_2 
_pdbx_validate_rmsd_bond.auth_seq_id_2 
_pdbx_validate_rmsd_bond.PDB_ins_code_2 
_pdbx_validate_rmsd_bond.label_alt_id_2 
_pdbx_validate_rmsd_bond.bond_value 
_pdbx_validate_rmsd_bond.bond_target_value 
_pdbx_validate_rmsd_bond.bond_deviation 
_pdbx_validate_rmsd_bond.bond_standard_deviation 
_pdbx_validate_rmsd_bond.linker_flag 
1   1 C   A ACE 0   ? ? N   A ALA 1   ? ? 0.705 1.336 -0.631 0.023 Y 
2   1 N   A ALA 1   ? ? CA  A ALA 1   ? ? 1.182 1.459 -0.277 0.020 N 
3   1 CA  A ALA 1   ? ? CB  A ALA 1   ? ? 1.220 1.520 -0.300 0.021 N 
4   1 CB  A LYS 3   ? ? CG  A LYS 3   ? ? 0.779 1.521 -0.742 0.027 N 
5   1 CD  A LYS 3   ? ? CE  A LYS 3   ? ? 0.880 1.508 -0.628 0.025 N 
6   1 CE  A LYS 3   ? ? NZ  A LYS 3   ? ? 0.690 1.486 -0.796 0.025 N 
7   1 CG  A ASP 4   ? ? OD1 A ASP 4   ? ? 0.982 1.249 -0.267 0.023 N 
8   1 CG  A ASP 4   ? ? OD2 A ASP 4   ? ? 0.942 1.249 -0.307 0.023 N 
9   1 C   A LEU 5   ? ? O   A LEU 5   ? ? 1.008 1.229 -0.221 0.019 N 
10  1 C   A LEU 5   ? ? N   A LEU 6   ? ? 1.168 1.336 -0.168 0.023 Y 
11  1 CA  A LEU 6   ? ? CB  A LEU 6   ? ? 1.191 1.533 -0.342 0.023 N 
12  1 CG  A LEU 6   ? ? CD1 A LEU 6   ? ? 0.749 1.514 -0.765 0.037 N 
13  1 CG  A LEU 6   ? ? CD2 A LEU 6   ? ? 0.934 1.514 -0.580 0.037 N 
14  1 CA  A LEU 6   ? ? C   A LEU 6   ? ? 1.127 1.525 -0.398 0.026 N 
15  1 C   A LEU 6   ? ? O   A LEU 6   ? ? 0.820 1.229 -0.409 0.019 N 
16  1 N   A LYS 7   ? ? CA  A LYS 7   ? ? 1.116 1.459 -0.343 0.020 N 
17  1 CA  A LYS 7   ? ? CB  A LYS 7   ? ? 0.392 1.535 -1.143 0.022 N 
18  1 CB  A LYS 7   ? ? CG  A LYS 7   ? ? 0.679 1.521 -0.842 0.027 N 
19  1 CG  A LYS 7   ? ? CD  A LYS 7   ? ? 0.613 1.520 -0.907 0.034 N 
20  1 CD  A LYS 7   ? ? CE  A LYS 7   ? ? 0.404 1.508 -1.104 0.025 N 
21  1 CE  A LYS 7   ? ? NZ  A LYS 7   ? ? 0.672 1.486 -0.814 0.025 N 
22  1 CA  A LYS 7   ? ? C   A LYS 7   ? ? 1.325 1.525 -0.200 0.026 N 
23  1 C   A LYS 7   ? ? O   A LYS 7   ? ? 1.006 1.229 -0.223 0.019 N 
24  1 C   A LYS 7   ? ? N   A ALA 8   ? ? 0.528 1.336 -0.808 0.023 Y 
25  1 N   A ALA 8   ? ? CA  A ALA 8   ? ? 1.275 1.459 -0.184 0.020 N 
26  1 CA  A ALA 8   ? ? CB  A ALA 8   ? ? 1.366 1.520 -0.154 0.021 N 
27  1 CG  A ASP 10  ? ? OD1 A ASP 10  ? ? 1.064 1.249 -0.185 0.023 N 
28  1 CG  A ASP 10  ? ? OD2 A ASP 10  ? ? 1.029 1.249 -0.220 0.023 N 
29  1 CB  A LYS 12  ? ? CG  A LYS 12  ? ? 1.160 1.521 -0.361 0.027 N 
30  1 CG  A LYS 12  ? ? CD  A LYS 12  ? ? 1.092 1.520 -0.428 0.034 N 
31  1 CD  A LYS 12  ? ? CE  A LYS 12  ? ? 1.052 1.508 -0.456 0.025 N 
32  1 CE  A LYS 12  ? ? NZ  A LYS 12  ? ? 0.437 1.486 -1.049 0.025 N 
33  1 CB  A LYS 13  ? ? CG  A LYS 13  ? ? 1.274 1.521 -0.247 0.027 N 
34  1 CG  A LYS 13  ? ? CD  A LYS 13  ? ? 1.050 1.520 -0.470 0.034 N 
35  1 CD  A LYS 13  ? ? CE  A LYS 13  ? ? 1.121 1.508 -0.387 0.025 N 
36  1 CE  A LYS 13  ? ? NZ  A LYS 13  ? ? 0.708 1.486 -0.778 0.025 N 
37  1 CG  A LEU 15  ? ? CD1 A LEU 15  ? ? 0.751 1.514 -0.763 0.037 N 
38  1 CG  A LEU 15  ? ? CD2 A LEU 15  ? ? 0.813 1.514 -0.701 0.037 N 
39  1 CG  A ASP 16  ? ? OD1 A ASP 16  ? ? 1.025 1.249 -0.224 0.023 N 
40  1 CG  A ASP 16  ? ? OD2 A ASP 16  ? ? 1.066 1.249 -0.183 0.023 N 
41  1 CB  A LYS 19  ? ? CG  A LYS 19  ? ? 1.320 1.521 -0.201 0.027 N 
42  1 CG  A LYS 19  ? ? CD  A LYS 19  ? ? 1.047 1.520 -0.473 0.034 N 
43  1 CD  A LYS 19  ? ? CE  A LYS 19  ? ? 0.874 1.508 -0.634 0.025 N 
44  1 CE  A LYS 19  ? ? NZ  A LYS 19  ? ? 0.640 1.486 -0.846 0.025 N 
45  1 CG  A GLU 21  ? ? CD  A GLU 21  ? ? 0.674 1.515 -0.841 0.015 N 
46  1 CD  A GLU 21  ? ? OE1 A GLU 21  ? ? 0.890 1.252 -0.362 0.011 N 
47  1 CD  A GLU 21  ? ? OE2 A GLU 21  ? ? 0.789 1.252 -0.463 0.011 N 
48  1 CG  A PHE 24  ? ? CD2 A PHE 24  ? ? 1.188 1.383 -0.195 0.015 N 
49  1 CG  A PHE 24  ? ? CD1 A PHE 24  ? ? 1.139 1.383 -0.244 0.015 N 
50  1 CE1 A PHE 24  ? ? CZ  A PHE 24  ? ? 1.188 1.369 -0.181 0.019 N 
51  1 CZ  A PHE 24  ? ? CE2 A PHE 24  ? ? 1.140 1.369 -0.229 0.019 N 
52  1 CG  A ASN 25  ? ? OD1 A ASN 25  ? ? 0.682 1.235 -0.553 0.022 N 
53  1 CG  A ASN 25  ? ? ND2 A ASN 25  ? ? 0.635 1.324 -0.689 0.025 N 
54  1 C   A ASN 25  ? ? O   A ASN 25  ? ? 0.463 1.229 -0.766 0.019 N 
55  1 C   A ASN 25  ? ? N   A HIS 26  ? ? 0.766 1.336 -0.570 0.023 Y 
56  1 CD  A LYS 27  ? ? CE  A LYS 27  ? ? 0.724 1.508 -0.784 0.025 N 
57  1 CE  A LYS 27  ? ? NZ  A LYS 27  ? ? 0.821 1.486 -0.665 0.025 N 
58  1 CB  A LYS 28  ? ? CG  A LYS 28  ? ? 0.642 1.521 -0.879 0.027 N 
59  1 CG  A LYS 28  ? ? CD  A LYS 28  ? ? 1.037 1.520 -0.483 0.034 N 
60  1 CD  A LYS 28  ? ? CE  A LYS 28  ? ? 0.131 1.508 -1.377 0.025 N 
61  1 CE  A LYS 28  ? ? NZ  A LYS 28  ? ? 1.245 1.486 -0.241 0.025 N 
62  1 CG  A PHE 29  ? ? CD2 A PHE 29  ? ? 0.817 1.383 -0.566 0.015 N 
63  1 CG  A PHE 29  ? ? CD1 A PHE 29  ? ? 0.817 1.383 -0.566 0.015 N 
64  1 CE1 A PHE 29  ? ? CZ  A PHE 29  ? ? 0.817 1.369 -0.552 0.019 N 
65  1 CZ  A PHE 29  ? ? CE2 A PHE 29  ? ? 0.818 1.369 -0.551 0.019 N 
66  1 CG  A PHE 30  ? ? CD2 A PHE 30  ? ? 0.887 1.383 -0.496 0.015 N 
67  1 CG  A PHE 30  ? ? CD1 A PHE 30  ? ? 0.822 1.383 -0.561 0.015 N 
68  1 CE1 A PHE 30  ? ? CZ  A PHE 30  ? ? 0.886 1.369 -0.483 0.019 N 
69  1 CZ  A PHE 30  ? ? CE2 A PHE 30  ? ? 0.822 1.369 -0.547 0.019 N 
70  1 CG  A LEU 32  ? ? CD1 A LEU 32  ? ? 1.218 1.514 -0.296 0.037 N 
71  1 CG  A LEU 32  ? ? CD2 A LEU 32  ? ? 1.242 1.514 -0.272 0.037 N 
72  1 CB  A VAL 33  ? ? CG1 A VAL 33  ? ? 0.673 1.524 -0.851 0.021 N 
73  1 CB  A VAL 33  ? ? CG2 A VAL 33  ? ? 0.680 1.524 -0.844 0.021 N 
74  1 C   A GLY 34  ? ? O   A GLY 34  ? ? 1.110 1.232 -0.122 0.016 N 
75  1 CB  A LEU 35  ? ? CG  A LEU 35  ? ? 1.212 1.521 -0.309 0.029 N 
76  1 CG  A LEU 35  ? ? CD1 A LEU 35  ? ? 1.112 1.514 -0.402 0.037 N 
77  1 CG  A LEU 35  ? ? CD2 A LEU 35  ? ? 0.906 1.514 -0.608 0.037 N 
78  1 CB  A LYS 36  ? ? CG  A LYS 36  ? ? 1.072 1.521 -0.449 0.027 N 
79  1 CG  A LYS 36  ? ? CD  A LYS 36  ? ? 1.204 1.520 -0.316 0.034 N 
80  1 CD  A LYS 36  ? ? CE  A LYS 36  ? ? 1.177 1.508 -0.331 0.025 N 
81  1 CE  A LYS 36  ? ? NZ  A LYS 36  ? ? 1.184 1.486 -0.302 0.025 N 
82  1 CA  A ALA 37  ? ? CB  A ALA 37  ? ? 1.382 1.520 -0.138 0.021 N 
83  1 CB  A MET 38  ? ? CG  A MET 38  ? ? 1.189 1.509 -0.320 0.032 N 
84  1 CG  A MET 38  ? ? SD  A MET 38  ? ? 1.056 1.807 -0.751 0.026 N 
85  1 SD  A MET 38  ? ? CE  A MET 38  ? ? 1.150 1.774 -0.624 0.056 N 
86  1 C   A MET 38  ? ? O   A MET 38  ? ? 0.513 1.229 -0.716 0.019 N 
87  1 C   A MET 38  ? ? N   A SER 39  ? ? 0.875 1.336 -0.461 0.023 Y 
88  1 CB  A SER 39  ? ? OG  A SER 39  ? ? 1.300 1.418 -0.118 0.013 N 
89  1 CB  A ASN 41  ? ? CG  A ASN 41  ? ? 1.242 1.506 -0.264 0.023 N 
90  1 CG  A ASP 42  ? ? OD1 A ASP 42  ? ? 0.899 1.249 -0.350 0.023 N 
91  1 CG  A ASP 42  ? ? OD2 A ASP 42  ? ? 0.893 1.249 -0.356 0.023 N 
92  1 CB  A LYS 44  ? ? CG  A LYS 44  ? ? 0.759 1.521 -0.762 0.027 N 
93  1 CD  A LYS 44  ? ? CE  A LYS 44  ? ? 1.095 1.508 -0.413 0.025 N 
94  1 CE  A LYS 44  ? ? NZ  A LYS 44  ? ? 1.097 1.486 -0.389 0.025 N 
95  1 CG  A LYS 45  ? ? CD  A LYS 45  ? ? 0.831 1.520 -0.689 0.034 N 
96  1 CD  A LYS 45  ? ? CE  A LYS 45  ? ? 1.215 1.508 -0.293 0.025 N 
97  1 CE  A LYS 45  ? ? NZ  A LYS 45  ? ? 0.801 1.486 -0.685 0.025 N 
98  1 CG  A LYS 48  ? ? CD  A LYS 48  ? ? 0.940 1.520 -0.580 0.034 N 
99  1 CD  A LYS 48  ? ? CE  A LYS 48  ? ? 1.076 1.508 -0.432 0.025 N 
100 1 CE  A LYS 48  ? ? NZ  A LYS 48  ? ? 1.178 1.486 -0.308 0.025 N 
101 1 C   A ALA 52  ? ? O   A ALA 52  ? ? 0.994 1.229 -0.235 0.019 N 
102 1 CG  A ASP 53  ? ? OD1 A ASP 53  ? ? 1.042 1.249 -0.207 0.023 N 
103 1 CG  A ASP 53  ? ? OD2 A ASP 53  ? ? 1.036 1.249 -0.213 0.023 N 
104 1 C   A ASP 53  ? ? O   A ASP 53  ? ? 0.917 1.229 -0.312 0.019 N 
105 1 C   A ASP 53  ? ? N   A ALA 54  ? ? 0.901 1.336 -0.435 0.023 Y 
106 1 CB  A SER 55  ? ? OG  A SER 55  ? ? 0.952 1.418 -0.466 0.013 N 
107 1 CG  A GLU 59  ? ? CD  A GLU 59  ? ? 1.118 1.515 -0.397 0.015 N 
108 1 CD  A GLU 59  ? ? OE1 A GLU 59  ? ? 0.444 1.252 -0.808 0.011 N 
109 1 CD  A GLU 59  ? ? OE2 A GLU 59  ? ? 0.991 1.252 -0.261 0.011 N 
110 1 CB  A GLU 60  ? ? CG  A GLU 60  ? ? 1.367 1.517 -0.150 0.019 N 
111 1 CG  A GLU 60  ? ? CD  A GLU 60  ? ? 0.940 1.515 -0.575 0.015 N 
112 1 CD  A GLU 60  ? ? OE1 A GLU 60  ? ? 1.016 1.252 -0.236 0.011 N 
113 1 CD  A GLU 60  ? ? OE2 A GLU 60  ? ? 0.886 1.252 -0.366 0.011 N 
114 1 CB  A GLU 61  ? ? CG  A GLU 61  ? ? 0.654 1.517 -0.863 0.019 N 
115 1 CG  A GLU 61  ? ? CD  A GLU 61  ? ? 0.856 1.515 -0.659 0.015 N 
116 1 CD  A GLU 61  ? ? OE1 A GLU 61  ? ? 0.485 1.252 -0.767 0.011 N 
117 1 CD  A GLU 61  ? ? OE2 A GLU 61  ? ? 0.237 1.252 -1.015 0.011 N 
118 1 CB  A GLU 62  ? ? CG  A GLU 62  ? ? 1.400 1.517 -0.117 0.019 N 
119 1 CG  A GLU 62  ? ? CD  A GLU 62  ? ? 0.899 1.515 -0.616 0.015 N 
120 1 CD  A GLU 62  ? ? OE1 A GLU 62  ? ? 0.931 1.252 -0.321 0.011 N 
121 1 CD  A GLU 62  ? ? OE2 A GLU 62  ? ? 0.348 1.252 -0.904 0.011 N 
122 1 CG  A LYS 64  ? ? CD  A LYS 64  ? ? 1.162 1.520 -0.358 0.034 N 
123 1 CD  A LYS 64  ? ? CE  A LYS 64  ? ? 0.988 1.508 -0.520 0.025 N 
124 1 CE  A LYS 64  ? ? NZ  A LYS 64  ? ? 0.830 1.486 -0.656 0.025 N 
125 1 CG  A PHE 65  ? ? CD2 A PHE 65  ? ? 1.044 1.383 -0.339 0.015 N 
126 1 CG  A PHE 65  ? ? CD1 A PHE 65  ? ? 1.060 1.383 -0.323 0.015 N 
127 1 CE1 A PHE 65  ? ? CZ  A PHE 65  ? ? 1.043 1.369 -0.326 0.019 N 
128 1 CZ  A PHE 65  ? ? CE2 A PHE 65  ? ? 1.060 1.369 -0.309 0.019 N 
129 1 C   A VAL 66  ? ? O   A VAL 66  ? ? 1.100 1.229 -0.129 0.019 N 
130 1 CB  A LEU 67  ? ? CG  A LEU 67  ? ? 1.214 1.521 -0.307 0.029 N 
131 1 CG  A LEU 67  ? ? CD1 A LEU 67  ? ? 1.065 1.514 -0.449 0.037 N 
132 1 CG  A LEU 67  ? ? CD2 A LEU 67  ? ? 0.782 1.514 -0.732 0.037 N 
133 1 C   A LEU 67  ? ? O   A LEU 67  ? ? 1.097 1.229 -0.132 0.019 N 
134 1 CB  A LYS 68  ? ? CG  A LYS 68  ? ? 1.024 1.521 -0.497 0.027 N 
135 1 CG  A LYS 68  ? ? CD  A LYS 68  ? ? 0.859 1.520 -0.661 0.034 N 
136 1 CD  A LYS 68  ? ? CE  A LYS 68  ? ? 1.003 1.508 -0.505 0.025 N 
137 1 CE  A LYS 68  ? ? NZ  A LYS 68  ? ? 0.913 1.486 -0.573 0.025 N 
138 1 CB  A SER 69  ? ? OG  A SER 69  ? ? 1.318 1.418 -0.100 0.013 N 
139 1 CG  A PHE 70  ? ? CD2 A PHE 70  ? ? 0.953 1.383 -0.430 0.015 N 
140 1 CG  A PHE 70  ? ? CD1 A PHE 70  ? ? 0.953 1.383 -0.430 0.015 N 
141 1 CE1 A PHE 70  ? ? CZ  A PHE 70  ? ? 0.952 1.369 -0.417 0.019 N 
142 1 CZ  A PHE 70  ? ? CE2 A PHE 70  ? ? 0.952 1.369 -0.417 0.019 N 
143 1 C   A ALA 71  ? ? O   A ALA 71  ? ? 0.762 1.229 -0.467 0.019 N 
144 1 C   A ALA 71  ? ? N   A ALA 72  ? ? 0.982 1.336 -0.354 0.023 Y 
145 1 CA  A ASP 73  ? ? CB  A ASP 73  ? ? 1.371 1.535 -0.164 0.022 N 
146 1 CG  A ASP 73  ? ? OD1 A ASP 73  ? ? 0.712 1.249 -0.537 0.023 N 
147 1 CG  A ASP 73  ? ? OD2 A ASP 73  ? ? 0.809 1.249 -0.440 0.023 N 
148 1 CA  A ASP 73  ? ? C   A ASP 73  ? ? 1.316 1.525 -0.209 0.026 N 
149 1 C   A ASP 73  ? ? O   A ASP 73  ? ? 1.075 1.229 -0.154 0.019 N 
150 1 N   A GLY 74  ? ? CA  A GLY 74  ? ? 1.286 1.456 -0.170 0.015 N 
151 1 C   A GLY 74  ? ? N   A ARG 75  ? ? 1.184 1.336 -0.152 0.023 Y 
152 1 CB  A ARG 75  ? ? CG  A ARG 75  ? ? 1.341 1.521 -0.180 0.027 N 
153 1 CG  A ARG 75  ? ? CD  A ARG 75  ? ? 1.108 1.515 -0.407 0.025 N 
154 1 CD  A ARG 75  ? ? NE  A ARG 75  ? ? 0.982 1.460 -0.478 0.017 N 
155 1 NE  A ARG 75  ? ? CZ  A ARG 75  ? ? 0.968 1.326 -0.358 0.013 N 
156 1 CZ  A ARG 75  ? ? NH1 A ARG 75  ? ? 0.427 1.326 -0.899 0.013 N 
157 1 CZ  A ARG 75  ? ? NH2 A ARG 75  ? ? 0.733 1.326 -0.593 0.013 N 
158 1 C   A ARG 75  ? ? O   A ARG 75  ? ? 0.450 1.229 -0.779 0.019 N 
159 1 C   A ARG 75  ? ? N   A ASP 76  ? ? 0.792 1.336 -0.544 0.023 Y 
160 1 CB  A ASP 76  ? ? CG  A ASP 76  ? ? 1.204 1.513 -0.309 0.021 N 
161 1 CG  A ASP 76  ? ? OD1 A ASP 76  ? ? 0.666 1.249 -0.583 0.023 N 
162 1 CG  A ASP 76  ? ? OD2 A ASP 76  ? ? 0.819 1.249 -0.430 0.023 N 
163 1 CG  A LEU 77  ? ? CD1 A LEU 77  ? ? 0.727 1.514 -0.787 0.037 N 
164 1 CG  A LEU 77  ? ? CD2 A LEU 77  ? ? 0.904 1.514 -0.610 0.037 N 
165 1 CB  A THR 78  ? ? OG1 A THR 78  ? ? 0.952 1.428 -0.476 0.020 N 
166 1 CB  A THR 78  ? ? CG2 A THR 78  ? ? 1.064 1.519 -0.455 0.033 N 
167 1 C   A THR 78  ? ? O   A THR 78  ? ? 0.961 1.229 -0.268 0.019 N 
168 1 C   A THR 78  ? ? N   A ASP 79  ? ? 1.131 1.336 -0.205 0.023 Y 
169 1 CB  A ASP 79  ? ? CG  A ASP 79  ? ? 1.278 1.513 -0.235 0.021 N 
170 1 CG  A ASP 79  ? ? OD1 A ASP 79  ? ? 0.924 1.249 -0.325 0.023 N 
171 1 CG  A ASP 79  ? ? OD2 A ASP 79  ? ? 0.917 1.249 -0.332 0.023 N 
172 1 CB  A GLU 81  ? ? CG  A GLU 81  ? ? 1.361 1.517 -0.156 0.019 N 
173 1 CD  A GLU 81  ? ? OE1 A GLU 81  ? ? 0.899 1.252 -0.353 0.011 N 
174 1 CD  A GLU 81  ? ? OE2 A GLU 81  ? ? 0.909 1.252 -0.343 0.011 N 
175 1 CG  A LYS 83  ? ? CD  A LYS 83  ? ? 1.021 1.520 -0.499 0.034 N 
176 1 CD  A LYS 83  ? ? CE  A LYS 83  ? ? 1.080 1.508 -0.428 0.025 N 
177 1 CE  A LYS 83  ? ? NZ  A LYS 83  ? ? 0.570 1.486 -0.916 0.025 N 
178 1 CB  A LYS 87  ? ? CG  A LYS 87  ? ? 0.902 1.521 -0.619 0.027 N 
179 1 CG  A LYS 87  ? ? CD  A LYS 87  ? ? 1.059 1.520 -0.461 0.034 N 
180 1 CD  A LYS 87  ? ? CE  A LYS 87  ? ? 0.608 1.508 -0.900 0.025 N 
181 1 CE  A LYS 87  ? ? NZ  A LYS 87  ? ? 0.951 1.486 -0.535 0.025 N 
182 1 CG  A ASP 90  ? ? OD1 A ASP 90  ? ? 0.921 1.249 -0.328 0.023 N 
183 1 CG  A ASP 90  ? ? OD2 A ASP 90  ? ? 0.895 1.249 -0.354 0.023 N 
184 1 C   A ASP 90  ? ? O   A ASP 90  ? ? 0.890 1.229 -0.339 0.019 N 
185 1 C   A ASP 90  ? ? N   A LYS 91  ? ? 1.070 1.336 -0.266 0.023 Y 
186 1 CB  A LYS 91  ? ? CG  A LYS 91  ? ? 0.972 1.521 -0.549 0.027 N 
187 1 CG  A LYS 91  ? ? CD  A LYS 91  ? ? 1.229 1.520 -0.291 0.034 N 
188 1 CD  A LYS 91  ? ? CE  A LYS 91  ? ? 0.874 1.508 -0.634 0.025 N 
189 1 CE  A LYS 91  ? ? NZ  A LYS 91  ? ? 0.850 1.486 -0.636 0.025 N 
190 1 CG  A ASP 92  ? ? OD2 A ASP 92  ? ? 1.109 1.249 -0.140 0.023 N 
191 1 CB  A LYS 96  ? ? CG  A LYS 96  ? ? 0.974 1.521 -0.547 0.027 N 
192 1 CD  A LYS 96  ? ? CE  A LYS 96  ? ? 1.242 1.508 -0.266 0.025 N 
193 1 CE  A LYS 96  ? ? NZ  A LYS 96  ? ? 0.742 1.486 -0.744 0.025 N 
194 1 CG1 A ILE 97  ? ? CD1 A ILE 97  ? ? 0.604 1.500 -0.896 0.069 N 
195 1 CB  A ASP 100 ? ? CG  A ASP 100 ? ? 0.593 1.513 -0.920 0.021 N 
196 1 CG  A ASP 100 ? ? OD1 A ASP 100 ? ? 0.486 1.249 -0.763 0.023 N 
197 1 CG  A ASP 100 ? ? OD2 A ASP 100 ? ? 0.801 1.249 -0.448 0.023 N 
198 1 CG  A GLU 101 ? ? CD  A GLU 101 ? ? 1.094 1.515 -0.421 0.015 N 
199 1 CD  A GLU 101 ? ? OE1 A GLU 101 ? ? 0.688 1.252 -0.564 0.011 N 
200 1 CD  A GLU 101 ? ? OE2 A GLU 101 ? ? 0.803 1.252 -0.449 0.011 N 
201 1 CG  A PHE 102 ? ? CD2 A PHE 102 ? ? 1.188 1.383 -0.195 0.015 N 
202 1 CG  A PHE 102 ? ? CD1 A PHE 102 ? ? 1.169 1.383 -0.214 0.015 N 
203 1 CE1 A PHE 102 ? ? CZ  A PHE 102 ? ? 1.189 1.369 -0.180 0.019 N 
204 1 CZ  A PHE 102 ? ? CE2 A PHE 102 ? ? 1.169 1.369 -0.200 0.019 N 
205 1 CB  A GLU 103 ? ? CG  A GLU 103 ? ? 0.961 1.517 -0.556 0.019 N 
206 1 CG  A GLU 103 ? ? CD  A GLU 103 ? ? 1.116 1.515 -0.399 0.015 N 
207 1 CD  A GLU 103 ? ? OE1 A GLU 103 ? ? 0.434 1.252 -0.818 0.011 N 
208 1 CD  A GLU 103 ? ? OE2 A GLU 103 ? ? 0.468 1.252 -0.784 0.011 N 
209 1 CG  A LEU 105 ? ? CD1 A LEU 105 ? ? 0.986 1.514 -0.528 0.037 N 
210 1 CG  A LEU 105 ? ? CD2 A LEU 105 ? ? 0.619 1.514 -0.895 0.037 N 
211 1 CG  A HIS 107 ? ? CD2 A HIS 107 ? ? 1.245 1.353 -0.108 0.017 N 
212 1 CG  A HIS 107 ? ? ND1 A HIS 107 ? ? 1.246 1.369 -0.123 0.015 N 
213 1 CE1 A HIS 107 ? ? NE2 A HIS 107 ? ? 1.140 1.317 -0.177 0.011 N 
214 1 CB  A GLU 108 ? ? CG  A GLU 108 ? ? 0.971 1.517 -0.546 0.019 N 
215 1 CG  A GLU 108 ? ? CD  A GLU 108 ? ? 1.254 1.515 -0.261 0.015 N 
216 1 CD  A GLU 108 ? ? OE1 A GLU 108 ? ? 0.848 1.252 -0.404 0.011 N 
217 1 CD  A GLU 108 ? ? OE2 A GLU 108 ? ? 0.497 1.252 -0.755 0.011 N 
218 1 C   A GLU 108 ? ? O   A GLU 108 ? ? 1.065 1.229 -0.164 0.019 N 
219 1 C   A GLU 108 ? ? N   A ALA 109 ? ? 1.161 1.336 -0.175 0.023 Y 
220 1 CA  A ALA 109 ? ? CB  A ALA 109 ? ? 1.377 1.520 -0.143 0.021 N 
221 1 CA  A ALA 109 ? ? C   A ALA 109 ? ? 1.353 1.525 -0.172 0.026 N 
222 1 C   A ALA 109 ? ? O   A ALA 109 ? ? 0.556 1.229 -0.673 0.019 N 
223 1 C   A ALA 109 ? ? OXT A ALA 109 ? ? 0.462 1.229 -0.767 0.019 N 
# 
loop_
_pdbx_validate_rmsd_angle.id 
_pdbx_validate_rmsd_angle.PDB_model_num 
_pdbx_validate_rmsd_angle.auth_atom_id_1 
_pdbx_validate_rmsd_angle.auth_asym_id_1 
_pdbx_validate_rmsd_angle.auth_comp_id_1 
_pdbx_validate_rmsd_angle.auth_seq_id_1 
_pdbx_validate_rmsd_angle.PDB_ins_code_1 
_pdbx_validate_rmsd_angle.label_alt_id_1 
_pdbx_validate_rmsd_angle.auth_atom_id_2 
_pdbx_validate_rmsd_angle.auth_asym_id_2 
_pdbx_validate_rmsd_angle.auth_comp_id_2 
_pdbx_validate_rmsd_angle.auth_seq_id_2 
_pdbx_validate_rmsd_angle.PDB_ins_code_2 
_pdbx_validate_rmsd_angle.label_alt_id_2 
_pdbx_validate_rmsd_angle.auth_atom_id_3 
_pdbx_validate_rmsd_angle.auth_asym_id_3 
_pdbx_validate_rmsd_angle.auth_comp_id_3 
_pdbx_validate_rmsd_angle.auth_seq_id_3 
_pdbx_validate_rmsd_angle.PDB_ins_code_3 
_pdbx_validate_rmsd_angle.label_alt_id_3 
_pdbx_validate_rmsd_angle.angle_value 
_pdbx_validate_rmsd_angle.angle_target_value 
_pdbx_validate_rmsd_angle.angle_deviation 
_pdbx_validate_rmsd_angle.angle_standard_deviation 
_pdbx_validate_rmsd_angle.linker_flag 
1   1 O   A ACE 0   ? ? C   A ACE 0   ? ? N   A ALA 1   ? ? 106.03 122.70 -16.67  1.60 Y 
2   1 CA  A LYS 3   ? ? CB  A LYS 3   ? ? CG  A LYS 3   ? ? 141.52 113.40 28.12   2.20 N 
3   1 CB  A LYS 3   ? ? CG  A LYS 3   ? ? CD  A LYS 3   ? ? 140.02 111.60 28.42   2.60 N 
4   1 CG  A LYS 3   ? ? CD  A LYS 3   ? ? CE  A LYS 3   ? ? 130.68 111.90 18.78   3.00 N 
5   1 CD  A LYS 3   ? ? CE  A LYS 3   ? ? NZ  A LYS 3   ? ? 135.19 111.70 23.49   2.30 N 
6   1 CB  A ASP 4   ? ? CG  A ASP 4   ? ? OD1 A ASP 4   ? ? 125.21 118.30 6.91    0.90 N 
7   1 CB  A LEU 6   ? ? CA  A LEU 6   ? ? C   A LEU 6   ? ? 98.27  110.20 -11.93  1.90 N 
8   1 CA  A LEU 6   ? ? CB  A LEU 6   ? ? CG  A LEU 6   ? ? 138.42 115.30 23.12   2.30 N 
9   1 CD1 A LEU 6   ? ? CG  A LEU 6   ? ? CD2 A LEU 6   ? ? 71.41  110.50 -39.09  3.00 N 
10  1 CB  A LEU 6   ? ? CG  A LEU 6   ? ? CD1 A LEU 6   ? ? 129.94 111.00 18.94   1.70 N 
11  1 CB  A LEU 6   ? ? CG  A LEU 6   ? ? CD2 A LEU 6   ? ? 145.40 111.00 34.40   1.70 N 
12  1 CA  A LEU 6   ? ? C   A LEU 6   ? ? O   A LEU 6   ? ? 98.49  120.10 -21.61  2.10 N 
13  1 CA  A LEU 6   ? ? C   A LEU 6   ? ? N   A LYS 7   ? ? 132.00 117.20 14.80   2.20 Y 
14  1 N   A LYS 7   ? ? CA  A LYS 7   ? ? CB  A LYS 7   ? ? 83.07  110.60 -27.53  1.80 N 
15  1 CB  A LYS 7   ? ? CG  A LYS 7   ? ? CD  A LYS 7   ? ? 170.22 111.60 58.62   2.60 N 
16  1 CG  A LYS 7   ? ? CD  A LYS 7   ? ? CE  A LYS 7   ? ? 167.30 111.90 55.40   3.00 N 
17  1 CD  A LYS 7   ? ? CE  A LYS 7   ? ? NZ  A LYS 7   ? ? 152.24 111.70 40.54   2.30 N 
18  1 N   A LYS 7   ? ? CA  A LYS 7   ? ? C   A LYS 7   ? ? 159.77 111.00 48.77   2.70 N 
19  1 CA  A LYS 7   ? ? C   A LYS 7   ? ? O   A LYS 7   ? ? 152.76 120.10 32.66   2.10 N 
20  1 O   A LYS 7   ? ? C   A LYS 7   ? ? N   A ALA 8   ? ? 102.05 122.70 -20.65  1.60 Y 
21  1 CB  A ASP 10  ? ? CG  A ASP 10  ? ? OD1 A ASP 10  ? ? 123.88 118.30 5.58    0.90 N 
22  1 CB  A LYS 12  ? ? CG  A LYS 12  ? ? CD  A LYS 12  ? ? 140.27 111.60 28.67   2.60 N 
23  1 CG  A LYS 12  ? ? CD  A LYS 12  ? ? CE  A LYS 12  ? ? 138.84 111.90 26.94   3.00 N 
24  1 CD  A LYS 12  ? ? CE  A LYS 12  ? ? NZ  A LYS 12  ? ? 148.75 111.70 37.05   2.30 N 
25  1 CB  A LYS 13  ? ? CG  A LYS 13  ? ? CD  A LYS 13  ? ? 158.52 111.60 46.92   2.60 N 
26  1 CG  A LYS 13  ? ? CD  A LYS 13  ? ? CE  A LYS 13  ? ? 166.44 111.90 54.54   3.00 N 
27  1 CD  A LYS 13  ? ? CE  A LYS 13  ? ? NZ  A LYS 13  ? ? 150.98 111.70 39.28   2.30 N 
28  1 CD1 A LEU 15  ? ? CG  A LEU 15  ? ? CD2 A LEU 15  ? ? 79.22  110.50 -31.28  3.00 N 
29  1 CB  A LEU 15  ? ? CG  A LEU 15  ? ? CD1 A LEU 15  ? ? 130.01 111.00 19.01   1.70 N 
30  1 CB  A LEU 15  ? ? CG  A LEU 15  ? ? CD2 A LEU 15  ? ? 134.93 111.00 23.93   1.70 N 
31  1 CB  A ASP 16  ? ? CG  A ASP 16  ? ? OD2 A ASP 16  ? ? 124.67 118.30 6.37    0.90 N 
32  1 CB  A LYS 19  ? ? CG  A LYS 19  ? ? CD  A LYS 19  ? ? 135.65 111.60 24.05   2.60 N 
33  1 CG  A LYS 19  ? ? CD  A LYS 19  ? ? CE  A LYS 19  ? ? 148.18 111.90 36.28   3.00 N 
34  1 CD  A LYS 19  ? ? CE  A LYS 19  ? ? NZ  A LYS 19  ? ? 146.85 111.70 35.15   2.30 N 
35  1 OE1 A GLU 21  ? ? CD  A GLU 21  ? ? OE2 A GLU 21  ? ? 145.69 123.30 22.39   1.20 N 
36  1 CG  A GLU 21  ? ? CD  A GLU 21  ? ? OE2 A GLU 21  ? ? 96.27  118.30 -22.03  2.00 N 
37  1 CB  A PHE 24  ? ? CG  A PHE 24  ? ? CD2 A PHE 24  ? ? 128.12 120.80 7.32    0.70 N 
38  1 CD1 A PHE 24  ? ? CG  A PHE 24  ? ? CD2 A PHE 24  ? ? 107.21 118.30 -11.09  1.30 N 
39  1 CG  A PHE 24  ? ? CD2 A PHE 24  ? ? CE2 A PHE 24  ? ? 128.06 120.80 7.26    1.10 N 
40  1 CD1 A PHE 24  ? ? CE1 A PHE 24  ? ? CZ  A PHE 24  ? ? 128.03 120.10 7.93    1.20 N 
41  1 CE1 A PHE 24  ? ? CZ  A PHE 24  ? ? CE2 A PHE 24  ? ? 107.22 120.00 -12.78  1.80 N 
42  1 OD1 A ASN 25  ? ? CG  A ASN 25  ? ? ND2 A ASN 25  ? ? 60.29  121.90 -61.61  2.30 N 
43  1 CB  A ASN 25  ? ? CG  A ASN 25  ? ? OD1 A ASN 25  ? ? 152.41 121.60 30.81   2.00 N 
44  1 CB  A ASN 25  ? ? CG  A ASN 25  ? ? ND2 A ASN 25  ? ? 147.30 116.70 30.60   2.40 N 
45  1 CA  A ASN 25  ? ? C   A ASN 25  ? ? O   A ASN 25  ? ? 172.08 120.10 51.98   2.10 N 
46  1 CA  A ASN 25  ? ? C   A ASN 25  ? ? N   A HIS 26  ? ? 175.36 117.20 58.16   2.20 Y 
47  1 O   A ASN 25  ? ? C   A ASN 25  ? ? N   A HIS 26  ? ? 12.24  122.70 -110.46 1.60 Y 
48  1 C   A ASN 25  ? ? N   A HIS 26  ? ? CA  A HIS 26  ? ? 175.67 121.70 53.97   2.50 Y 
49  1 CG  A LYS 27  ? ? CD  A LYS 27  ? ? CE  A LYS 27  ? ? 143.26 111.90 31.36   3.00 N 
50  1 CD  A LYS 27  ? ? CE  A LYS 27  ? ? NZ  A LYS 27  ? ? 174.12 111.70 62.42   2.30 N 
51  1 CA  A LYS 28  ? ? CB  A LYS 28  ? ? CG  A LYS 28  ? ? 159.51 113.40 46.11   2.20 N 
52  1 CB  A LYS 28  ? ? CG  A LYS 28  ? ? CD  A LYS 28  ? ? 163.18 111.60 51.58   2.60 N 
53  1 CD  A LYS 28  ? ? CE  A LYS 28  ? ? NZ  A LYS 28  ? ? 151.09 111.70 39.39   2.30 N 
54  1 CB  A PHE 29  ? ? CG  A PHE 29  ? ? CD2 A PHE 29  ? ? 148.67 120.80 27.87   0.70 N 
55  1 CD1 A PHE 29  ? ? CG  A PHE 29  ? ? CD2 A PHE 29  ? ? 62.64  118.30 -55.66  1.30 N 
56  1 CB  A PHE 29  ? ? CG  A PHE 29  ? ? CD1 A PHE 29  ? ? 148.68 120.80 27.88   0.70 N 
57  1 CG  A PHE 29  ? ? CD1 A PHE 29  ? ? CE1 A PHE 29  ? ? 148.64 120.80 27.84   1.10 N 
58  1 CG  A PHE 29  ? ? CD2 A PHE 29  ? ? CE2 A PHE 29  ? ? 148.72 120.80 27.92   1.10 N 
59  1 CD1 A PHE 29  ? ? CE1 A PHE 29  ? ? CZ  A PHE 29  ? ? 148.71 120.10 28.61   1.20 N 
60  1 CE1 A PHE 29  ? ? CZ  A PHE 29  ? ? CE2 A PHE 29  ? ? 62.64  120.00 -57.36  1.80 N 
61  1 CZ  A PHE 29  ? ? CE2 A PHE 29  ? ? CD2 A PHE 29  ? ? 148.65 120.10 28.55   1.20 N 
62  1 CB  A PHE 30  ? ? CG  A PHE 30  ? ? CD2 A PHE 30  ? ? 146.52 120.80 25.72   0.70 N 
63  1 CD1 A PHE 30  ? ? CG  A PHE 30  ? ? CD2 A PHE 30  ? ? 70.56  118.30 -47.74  1.30 N 
64  1 CB  A PHE 30  ? ? CG  A PHE 30  ? ? CD1 A PHE 30  ? ? 142.92 120.80 22.12   0.70 N 
65  1 CG  A PHE 30  ? ? CD1 A PHE 30  ? ? CE1 A PHE 30  ? ? 143.22 120.80 22.42   1.10 N 
66  1 CG  A PHE 30  ? ? CD2 A PHE 30  ? ? CE2 A PHE 30  ? ? 146.19 120.80 25.39   1.10 N 
67  1 CD1 A PHE 30  ? ? CE1 A PHE 30  ? ? CZ  A PHE 30  ? ? 146.24 120.10 26.14   1.20 N 
68  1 CE1 A PHE 30  ? ? CZ  A PHE 30  ? ? CE2 A PHE 30  ? ? 70.53  120.00 -49.47  1.80 N 
69  1 CZ  A PHE 30  ? ? CE2 A PHE 30  ? ? CD2 A PHE 30  ? ? 143.25 120.10 23.15   1.20 N 
70  1 CG1 A VAL 33  ? ? CB  A VAL 33  ? ? CG2 A VAL 33  ? ? 56.93  110.90 -53.97  1.60 N 
71  1 CA  A VAL 33  ? ? CB  A VAL 33  ? ? CG1 A VAL 33  ? ? 146.61 110.90 35.71   1.50 N 
72  1 CA  A VAL 33  ? ? CB  A VAL 33  ? ? CG2 A VAL 33  ? ? 146.53 110.90 35.63   1.50 N 
73  1 CB  A LYS 36  ? ? CG  A LYS 36  ? ? CD  A LYS 36  ? ? 166.79 111.60 55.19   2.60 N 
74  1 CB  A MET 38  ? ? CG  A MET 38  ? ? SD  A MET 38  ? ? 172.83 112.40 60.43   3.00 N 
75  1 CG  A MET 38  ? ? SD  A MET 38  ? ? CE  A MET 38  ? ? 158.26 100.20 58.06   1.60 N 
76  1 CA  A MET 38  ? ? C   A MET 38  ? ? O   A MET 38  ? ? 142.87 120.10 22.77   2.10 N 
77  1 CA  A MET 38  ? ? C   A MET 38  ? ? N   A SER 39  ? ? 157.13 117.20 39.93   2.20 Y 
78  1 O   A MET 38  ? ? C   A MET 38  ? ? N   A SER 39  ? ? 60.00  122.70 -62.70  1.60 Y 
79  1 C   A MET 38  ? ? N   A SER 39  ? ? CA  A SER 39  ? ? 157.70 121.70 36.00   2.50 Y 
80  1 OD1 A ASP 42  ? ? CG  A ASP 42  ? ? OD2 A ASP 42  ? ? 101.07 123.30 -22.23  1.90 N 
81  1 CB  A ASP 42  ? ? CG  A ASP 42  ? ? OD1 A ASP 42  ? ? 129.62 118.30 11.32   0.90 N 
82  1 CB  A ASP 42  ? ? CG  A ASP 42  ? ? OD2 A ASP 42  ? ? 129.31 118.30 11.01   0.90 N 
83  1 CA  A LYS 44  ? ? CB  A LYS 44  ? ? CG  A LYS 44  ? ? 134.44 113.40 21.04   2.20 N 
84  1 CB  A LYS 44  ? ? CG  A LYS 44  ? ? CD  A LYS 44  ? ? 132.17 111.60 20.57   2.60 N 
85  1 CG  A LYS 44  ? ? CD  A LYS 44  ? ? CE  A LYS 44  ? ? 142.91 111.90 31.01   3.00 N 
86  1 CD  A LYS 44  ? ? CE  A LYS 44  ? ? NZ  A LYS 44  ? ? 135.09 111.70 23.39   2.30 N 
87  1 CB  A LYS 45  ? ? CG  A LYS 45  ? ? CD  A LYS 45  ? ? 151.63 111.60 40.03   2.60 N 
88  1 CG  A LYS 45  ? ? CD  A LYS 45  ? ? CE  A LYS 45  ? ? 141.40 111.90 29.50   3.00 N 
89  1 CD  A LYS 45  ? ? CE  A LYS 45  ? ? NZ  A LYS 45  ? ? 130.65 111.70 18.95   2.30 N 
90  1 CB  A LYS 48  ? ? CG  A LYS 48  ? ? CD  A LYS 48  ? ? 132.06 111.60 20.46   2.60 N 
91  1 CG  A LYS 48  ? ? CD  A LYS 48  ? ? CE  A LYS 48  ? ? 150.94 111.90 39.04   3.00 N 
92  1 CA  A ASP 53  ? ? C   A ASP 53  ? ? O   A ASP 53  ? ? 135.57 120.10 15.47   2.10 N 
93  1 O   A ASP 53  ? ? C   A ASP 53  ? ? N   A ALA 54  ? ? 96.48  122.70 -26.22  1.60 Y 
94  1 CG  A GLU 59  ? ? CD  A GLU 59  ? ? OE1 A GLU 59  ? ? 83.57  118.30 -34.73  2.00 N 
95  1 CG  A GLU 59  ? ? CD  A GLU 59  ? ? OE2 A GLU 59  ? ? 153.59 118.30 35.29   2.00 N 
96  1 OE1 A GLU 60  ? ? CD  A GLU 60  ? ? OE2 A GLU 60  ? ? 137.35 123.30 14.05   1.20 N 
97  1 CG  A GLU 60  ? ? CD  A GLU 60  ? ? OE2 A GLU 60  ? ? 101.34 118.30 -16.96  2.00 N 
98  1 CA  A GLU 61  ? ? CB  A GLU 61  ? ? CG  A GLU 61  ? ? 142.78 113.40 29.38   2.20 N 
99  1 CB  A GLU 61  ? ? CG  A GLU 61  ? ? CD  A GLU 61  ? ? 173.96 114.20 59.76   2.70 N 
100 1 OE1 A GLU 61  ? ? CD  A GLU 61  ? ? OE2 A GLU 61  ? ? 58.91  123.30 -64.39  1.20 N 
101 1 CG  A GLU 61  ? ? CD  A GLU 61  ? ? OE1 A GLU 61  ? ? 161.52 118.30 43.22   2.00 N 
102 1 CG  A GLU 61  ? ? CD  A GLU 61  ? ? OE2 A GLU 61  ? ? 139.57 118.30 21.27   2.00 N 
103 1 CB  A GLU 62  ? ? CG  A GLU 62  ? ? CD  A GLU 62  ? ? 164.19 114.20 49.99   2.70 N 
104 1 OE1 A GLU 62  ? ? CD  A GLU 62  ? ? OE2 A GLU 62  ? ? 145.76 123.30 22.46   1.20 N 
105 1 CG  A GLU 62  ? ? CD  A GLU 62  ? ? OE1 A GLU 62  ? ? 163.16 118.30 44.86   2.00 N 
106 1 CG  A GLU 62  ? ? CD  A GLU 62  ? ? OE2 A GLU 62  ? ? 51.08  118.30 -67.22  2.00 N 
107 1 CB  A LYS 64  ? ? CG  A LYS 64  ? ? CD  A LYS 64  ? ? 132.32 111.60 20.72   2.60 N 
108 1 CG  A LYS 64  ? ? CD  A LYS 64  ? ? CE  A LYS 64  ? ? 149.68 111.90 37.78   3.00 N 
109 1 CD  A LYS 64  ? ? CE  A LYS 64  ? ? NZ  A LYS 64  ? ? 128.53 111.70 16.83   2.30 N 
110 1 CB  A PHE 65  ? ? CG  A PHE 65  ? ? CD2 A PHE 65  ? ? 129.90 120.80 9.10    0.70 N 
111 1 CD1 A PHE 65  ? ? CG  A PHE 65  ? ? CD2 A PHE 65  ? ? 99.21  118.30 -19.09  1.30 N 
112 1 CB  A PHE 65  ? ? CG  A PHE 65  ? ? CD1 A PHE 65  ? ? 130.89 120.80 10.09   0.70 N 
113 1 CG  A PHE 65  ? ? CD1 A PHE 65  ? ? CE1 A PHE 65  ? ? 130.86 120.80 10.06   1.10 N 
114 1 CG  A PHE 65  ? ? CD2 A PHE 65  ? ? CE2 A PHE 65  ? ? 129.92 120.80 9.12    1.10 N 
115 1 CD1 A PHE 65  ? ? CE1 A PHE 65  ? ? CZ  A PHE 65  ? ? 129.90 120.10 9.80    1.20 N 
116 1 CE1 A PHE 65  ? ? CZ  A PHE 65  ? ? CE2 A PHE 65  ? ? 99.21  120.00 -20.79  1.80 N 
117 1 CZ  A PHE 65  ? ? CE2 A PHE 65  ? ? CD2 A PHE 65  ? ? 130.90 120.10 10.80   1.20 N 
118 1 CD1 A LEU 67  ? ? CG  A LEU 67  ? ? CD2 A LEU 67  ? ? 68.76  110.50 -41.74  3.00 N 
119 1 CB  A LEU 67  ? ? CG  A LEU 67  ? ? CD1 A LEU 67  ? ? 143.51 111.00 32.51   1.70 N 
120 1 CB  A LEU 67  ? ? CG  A LEU 67  ? ? CD2 A LEU 67  ? ? 133.88 111.00 22.88   1.70 N 
121 1 CB  A LYS 68  ? ? CG  A LYS 68  ? ? CD  A LYS 68  ? ? 142.98 111.60 31.38   2.60 N 
122 1 CG  A LYS 68  ? ? CD  A LYS 68  ? ? CE  A LYS 68  ? ? 64.84  111.90 -47.06  3.00 N 
123 1 CD  A LYS 68  ? ? CE  A LYS 68  ? ? NZ  A LYS 68  ? ? 72.23  111.70 -39.47  2.30 N 
124 1 CB  A PHE 70  ? ? CG  A PHE 70  ? ? CD2 A PHE 70  ? ? 135.51 120.80 14.71   0.70 N 
125 1 CD1 A PHE 70  ? ? CG  A PHE 70  ? ? CD2 A PHE 70  ? ? 88.39  118.30 -29.91  1.30 N 
126 1 CB  A PHE 70  ? ? CG  A PHE 70  ? ? CD1 A PHE 70  ? ? 136.10 120.80 15.30   0.70 N 
127 1 CG  A PHE 70  ? ? CD1 A PHE 70  ? ? CE1 A PHE 70  ? ? 135.81 120.80 15.01   1.10 N 
128 1 CG  A PHE 70  ? ? CD2 A PHE 70  ? ? CE2 A PHE 70  ? ? 135.79 120.80 14.99   1.10 N 
129 1 CD1 A PHE 70  ? ? CE1 A PHE 70  ? ? CZ  A PHE 70  ? ? 135.81 120.10 15.71   1.20 N 
130 1 CE1 A PHE 70  ? ? CZ  A PHE 70  ? ? CE2 A PHE 70  ? ? 88.45  120.00 -31.55  1.80 N 
131 1 CZ  A PHE 70  ? ? CE2 A PHE 70  ? ? CD2 A PHE 70  ? ? 135.75 120.10 15.65   1.20 N 
132 1 CA  A ALA 71  ? ? C   A ALA 71  ? ? N   A ALA 72  ? ? 137.43 117.20 20.23   2.20 Y 
133 1 O   A ALA 71  ? ? C   A ALA 71  ? ? N   A ALA 72  ? ? 94.91  122.70 -27.79  1.60 Y 
134 1 C   A ALA 71  ? ? N   A ALA 72  ? ? CA  A ALA 72  ? ? 138.58 121.70 16.88   2.50 Y 
135 1 OD1 A ASP 73  ? ? CG  A ASP 73  ? ? OD2 A ASP 73  ? ? 91.81  123.30 -31.49  1.90 N 
136 1 CB  A ASP 73  ? ? CG  A ASP 73  ? ? OD1 A ASP 73  ? ? 130.40 118.30 12.10   0.90 N 
137 1 CB  A ASP 73  ? ? CG  A ASP 73  ? ? OD2 A ASP 73  ? ? 137.79 118.30 19.49   0.90 N 
138 1 CB  A ARG 75  ? ? CG  A ARG 75  ? ? CD  A ARG 75  ? ? 146.65 111.60 35.05   2.60 N 
139 1 CG  A ARG 75  ? ? CD  A ARG 75  ? ? NE  A ARG 75  ? ? 151.91 111.80 40.11   2.10 N 
140 1 CD  A ARG 75  ? ? NE  A ARG 75  ? ? CZ  A ARG 75  ? ? 162.55 123.60 38.95   1.40 N 
141 1 NH1 A ARG 75  ? ? CZ  A ARG 75  ? ? NH2 A ARG 75  ? ? 70.03  119.40 -49.37  1.10 N 
142 1 NE  A ARG 75  ? ? CZ  A ARG 75  ? ? NH1 A ARG 75  ? ? 134.46 120.30 14.16   0.50 N 
143 1 NE  A ARG 75  ? ? CZ  A ARG 75  ? ? NH2 A ARG 75  ? ? 155.51 120.30 35.21   0.50 N 
144 1 CA  A ARG 75  ? ? C   A ARG 75  ? ? O   A ARG 75  ? ? 159.97 120.10 39.87   2.10 N 
145 1 CA  A ARG 75  ? ? C   A ARG 75  ? ? N   A ASP 76  ? ? 168.71 117.20 51.51   2.20 Y 
146 1 O   A ARG 75  ? ? C   A ARG 75  ? ? N   A ASP 76  ? ? 31.28  122.70 -91.42  1.60 Y 
147 1 C   A ARG 75  ? ? N   A ASP 76  ? ? CA  A ASP 76  ? ? 168.28 121.70 46.58   2.50 Y 
148 1 OD1 A ASP 76  ? ? CG  A ASP 76  ? ? OD2 A ASP 76  ? ? 106.05 123.30 -17.25  1.90 N 
149 1 CB  A ASP 76  ? ? CG  A ASP 76  ? ? OD2 A ASP 76  ? ? 134.88 118.30 16.58   0.90 N 
150 1 CD1 A LEU 77  ? ? CG  A LEU 77  ? ? CD2 A LEU 77  ? ? 73.21  110.50 -37.29  3.00 N 
151 1 CB  A LEU 77  ? ? CG  A LEU 77  ? ? CD1 A LEU 77  ? ? 131.05 111.00 20.05   1.70 N 
152 1 CB  A LEU 77  ? ? CG  A LEU 77  ? ? CD2 A LEU 77  ? ? 141.24 111.00 30.24   1.70 N 
153 1 OG1 A THR 78  ? ? CB  A THR 78  ? ? CG2 A THR 78  ? ? 90.67  110.00 -19.33  2.30 N 
154 1 CA  A THR 78  ? ? CB  A THR 78  ? ? OG1 A THR 78  ? ? 123.12 109.00 14.12   2.10 N 
155 1 CA  A THR 78  ? ? CB  A THR 78  ? ? CG2 A THR 78  ? ? 125.92 112.40 13.52   1.40 N 
156 1 O   A THR 78  ? ? C   A THR 78  ? ? N   A ASP 79  ? ? 110.99 122.70 -11.71  1.60 Y 
157 1 OE1 A GLU 81  ? ? CD  A GLU 81  ? ? OE2 A GLU 81  ? ? 103.46 123.30 -19.84  1.20 N 
158 1 CB  A LYS 83  ? ? CG  A LYS 83  ? ? CD  A LYS 83  ? ? 149.66 111.60 38.06   2.60 N 
159 1 CG  A LYS 83  ? ? CD  A LYS 83  ? ? CE  A LYS 83  ? ? 155.64 111.90 43.74   3.00 N 
160 1 CD  A LYS 83  ? ? CE  A LYS 83  ? ? NZ  A LYS 83  ? ? 150.93 111.70 39.23   2.30 N 
161 1 CA  A LYS 87  ? ? CB  A LYS 87  ? ? CG  A LYS 87  ? ? 127.75 113.40 14.35   2.20 N 
162 1 CB  A LYS 87  ? ? CG  A LYS 87  ? ? CD  A LYS 87  ? ? 161.06 111.60 49.46   2.60 N 
163 1 CG  A LYS 87  ? ? CD  A LYS 87  ? ? CE  A LYS 87  ? ? 85.70  111.90 -26.20  3.00 N 
164 1 CD  A LYS 87  ? ? CE  A LYS 87  ? ? NZ  A LYS 87  ? ? 88.19  111.70 -23.51  2.30 N 
165 1 OD1 A ASP 90  ? ? CG  A ASP 90  ? ? OD2 A ASP 90  ? ? 102.78 123.30 -20.52  1.90 N 
166 1 CB  A ASP 90  ? ? CG  A ASP 90  ? ? OD1 A ASP 90  ? ? 129.67 118.30 11.37   0.90 N 
167 1 CB  A ASP 90  ? ? CG  A ASP 90  ? ? OD2 A ASP 90  ? ? 127.55 118.30 9.25    0.90 N 
168 1 CA  A ASP 90  ? ? C   A ASP 90  ? ? N   A LYS 91  ? ? 130.94 117.20 13.74   2.20 Y 
169 1 O   A ASP 90  ? ? C   A ASP 90  ? ? N   A LYS 91  ? ? 103.70 122.70 -19.00  1.60 Y 
170 1 CA  A LYS 91  ? ? CB  A LYS 91  ? ? CG  A LYS 91  ? ? 130.21 113.40 16.81   2.20 N 
171 1 CB  A LYS 91  ? ? CG  A LYS 91  ? ? CD  A LYS 91  ? ? 129.45 111.60 17.85   2.60 N 
172 1 CG  A LYS 91  ? ? CD  A LYS 91  ? ? CE  A LYS 91  ? ? 151.46 111.90 39.56   3.00 N 
173 1 CD  A LYS 91  ? ? CE  A LYS 91  ? ? NZ  A LYS 91  ? ? 149.37 111.70 37.67   2.30 N 
174 1 CB  A LYS 96  ? ? CG  A LYS 96  ? ? CD  A LYS 96  ? ? 128.62 111.60 17.02   2.60 N 
175 1 CD  A LYS 96  ? ? CE  A LYS 96  ? ? NZ  A LYS 96  ? ? 147.84 111.70 36.14   2.30 N 
176 1 CB  A ILE 97  ? ? CG1 A ILE 97  ? ? CD1 A ILE 97  ? ? 161.26 113.90 47.36   2.80 N 
177 1 CA  A ASP 100 ? ? CB  A ASP 100 ? ? CG  A ASP 100 ? ? 148.30 113.40 34.90   2.20 N 
178 1 OD1 A ASP 100 ? ? CG  A ASP 100 ? ? OD2 A ASP 100 ? ? 151.19 123.30 27.89   1.90 N 
179 1 CB  A ASP 100 ? ? CG  A ASP 100 ? ? OD1 A ASP 100 ? ? 60.77  118.30 -57.53  0.90 N 
180 1 CB  A ASP 100 ? ? CG  A ASP 100 ? ? OD2 A ASP 100 ? ? 148.03 118.30 29.73   0.90 N 
181 1 OE1 A GLU 101 ? ? CD  A GLU 101 ? ? OE2 A GLU 101 ? ? 114.10 123.30 -9.20   1.20 N 
182 1 CB  A PHE 102 ? ? CG  A PHE 102 ? ? CD2 A PHE 102 ? ? 126.75 120.80 5.95    0.70 N 
183 1 CD1 A PHE 102 ? ? CG  A PHE 102 ? ? CD2 A PHE 102 ? ? 107.36 118.30 -10.94  1.30 N 
184 1 CB  A PHE 102 ? ? CG  A PHE 102 ? ? CD1 A PHE 102 ? ? 125.87 120.80 5.07    0.70 N 
185 1 CE1 A PHE 102 ? ? CZ  A PHE 102 ? ? CE2 A PHE 102 ? ? 107.34 120.00 -12.66  1.80 N 
186 1 OE1 A GLU 103 ? ? CD  A GLU 103 ? ? OE2 A GLU 103 ? ? 43.70  123.30 -79.60  1.20 N 
187 1 CG  A GLU 103 ? ? CD  A GLU 103 ? ? OE1 A GLU 103 ? ? 157.36 118.30 39.06   2.00 N 
188 1 CG  A GLU 103 ? ? CD  A GLU 103 ? ? OE2 A GLU 103 ? ? 158.94 118.30 40.64   2.00 N 
189 1 CB  A LEU 105 ? ? CG  A LEU 105 ? ? CD1 A LEU 105 ? ? 145.30 111.00 34.30   1.70 N 
190 1 OE1 A GLU 108 ? ? CD  A GLU 108 ? ? OE2 A GLU 108 ? ? 95.92  123.30 -27.38  1.20 N 
191 1 CG  A GLU 108 ? ? CD  A GLU 108 ? ? OE1 A GLU 108 ? ? 148.19 118.30 29.89   2.00 N 
192 1 CA  A ALA 109 ? ? C   A ALA 109 ? ? O   A ALA 109 ? ? 175.26 120.10 55.16   2.10 N 
# 
loop_
_pdbx_validate_torsion.id 
_pdbx_validate_torsion.PDB_model_num 
_pdbx_validate_torsion.auth_comp_id 
_pdbx_validate_torsion.auth_asym_id 
_pdbx_validate_torsion.auth_seq_id 
_pdbx_validate_torsion.PDB_ins_code 
_pdbx_validate_torsion.label_alt_id 
_pdbx_validate_torsion.phi 
_pdbx_validate_torsion.psi 
1  1 ALA A 8   ? ? 119.53  -79.75  
2  1 ALA A 20  ? ? -55.22  175.35  
3  1 ASN A 25  ? ? -130.83 -97.38  
4  1 HIS A 26  ? ? -165.93 -32.75  
5  1 MET A 38  ? ? -79.38  -100.10 
6  1 ALA A 40  ? ? -35.52  -32.40  
7  1 ALA A 54  ? ? 76.83   48.90   
8  1 ALA A 72  ? ? -33.91  -38.43  
9  1 ASP A 76  ? ? -44.61  101.68  
10 1 ASP A 79  ? ? 113.79  -60.06  
11 1 ILE A 99  ? ? -71.26  -72.97  
12 1 ASP A 100 ? ? -38.47  -37.22  
# 
_pdbx_validate_chiral.id              1 
_pdbx_validate_chiral.PDB_model_num   1 
_pdbx_validate_chiral.auth_atom_id    CA 
_pdbx_validate_chiral.label_alt_id    ? 
_pdbx_validate_chiral.auth_asym_id    A 
_pdbx_validate_chiral.auth_comp_id    LYS 
_pdbx_validate_chiral.auth_seq_id     7 
_pdbx_validate_chiral.PDB_ins_code    ? 
_pdbx_validate_chiral.details         PLANAR 
_pdbx_validate_chiral.omega           . 
# 
_pdbx_validate_main_chain_plane.id                       1 
_pdbx_validate_main_chain_plane.PDB_model_num            1 
_pdbx_validate_main_chain_plane.auth_comp_id             ASN 
_pdbx_validate_main_chain_plane.auth_asym_id             A 
_pdbx_validate_main_chain_plane.auth_seq_id              25 
_pdbx_validate_main_chain_plane.PDB_ins_code             ? 
_pdbx_validate_main_chain_plane.label_alt_id             ? 
_pdbx_validate_main_chain_plane.improper_torsion_angle   -14.58 
# 
loop_
_pdbx_validate_polymer_linkage.id 
_pdbx_validate_polymer_linkage.PDB_model_num 
_pdbx_validate_polymer_linkage.auth_atom_id_1 
_pdbx_validate_polymer_linkage.auth_asym_id_1 
_pdbx_validate_polymer_linkage.auth_comp_id_1 
_pdbx_validate_polymer_linkage.auth_seq_id_1 
_pdbx_validate_polymer_linkage.PDB_ins_code_1 
_pdbx_validate_polymer_linkage.label_alt_id_1 
_pdbx_validate_polymer_linkage.auth_atom_id_2 
_pdbx_validate_polymer_linkage.auth_asym_id_2 
_pdbx_validate_polymer_linkage.auth_comp_id_2 
_pdbx_validate_polymer_linkage.auth_seq_id_2 
_pdbx_validate_polymer_linkage.PDB_ins_code_2 
_pdbx_validate_polymer_linkage.label_alt_id_2 
_pdbx_validate_polymer_linkage.dist 
1  1 C A ACE 0   ? ? N A ALA 1   ? ? 0.70 
2  1 C A LEU 5   ? ? N A LEU 6   ? ? 1.17 
3  1 C A LYS 7   ? ? N A ALA 8   ? ? 0.53 
4  1 C A ASN 25  ? ? N A HIS 26  ? ? 0.77 
5  1 C A MET 38  ? ? N A SER 39  ? ? 0.87 
6  1 C A ASP 53  ? ? N A ALA 54  ? ? 0.90 
7  1 C A ALA 71  ? ? N A ALA 72  ? ? 0.98 
8  1 C A GLY 74  ? ? N A ARG 75  ? ? 1.18 
9  1 C A ARG 75  ? ? N A ASP 76  ? ? 0.79 
10 1 C A THR 78  ? ? N A ASP 79  ? ? 1.13 
11 1 C A ASP 90  ? ? N A LYS 91  ? ? 1.07 
12 1 C A GLU 108 ? ? N A ALA 109 ? ? 1.16 
# 
_pdbx_nmr_ensemble.entry_id                             3PAT 
_pdbx_nmr_ensemble.conformers_calculated_total_number   ? 
_pdbx_nmr_ensemble.conformers_submitted_total_number    1 
_pdbx_nmr_ensemble.conformer_selection_criteria         ? 
# 
_pdbx_nmr_software.classification   refinement 
_pdbx_nmr_software.name             X-PLOR 
_pdbx_nmr_software.version          3.2 
_pdbx_nmr_software.authors          BRUNGER 
_pdbx_nmr_software.ordinal          1 
# 
loop_
_chem_comp_atom.comp_id 
_chem_comp_atom.atom_id 
_chem_comp_atom.type_symbol 
_chem_comp_atom.pdbx_aromatic_flag 
_chem_comp_atom.pdbx_stereo_config 
_chem_comp_atom.pdbx_ordinal 
ACE C    C  N N 1   
ACE O    O  N N 2   
ACE CH3  C  N N 3   
ACE H    H  N N 4   
ACE H1   H  N N 5   
ACE H2   H  N N 6   
ACE H3   H  N N 7   
ALA N    N  N N 8   
ALA CA   C  N S 9   
ALA C    C  N N 10  
ALA O    O  N N 11  
ALA CB   C  N N 12  
ALA OXT  O  N N 13  
ALA H    H  N N 14  
ALA H2   H  N N 15  
ALA HA   H  N N 16  
ALA HB1  H  N N 17  
ALA HB2  H  N N 18  
ALA HB3  H  N N 19  
ALA HXT  H  N N 20  
ARG N    N  N N 21  
ARG CA   C  N S 22  
ARG C    C  N N 23  
ARG O    O  N N 24  
ARG CB   C  N N 25  
ARG CG   C  N N 26  
ARG CD   C  N N 27  
ARG NE   N  N N 28  
ARG CZ   C  N N 29  
ARG NH1  N  N N 30  
ARG NH2  N  N N 31  
ARG OXT  O  N N 32  
ARG H    H  N N 33  
ARG H2   H  N N 34  
ARG HA   H  N N 35  
ARG HB2  H  N N 36  
ARG HB3  H  N N 37  
ARG HG2  H  N N 38  
ARG HG3  H  N N 39  
ARG HD2  H  N N 40  
ARG HD3  H  N N 41  
ARG HE   H  N N 42  
ARG HH11 H  N N 43  
ARG HH12 H  N N 44  
ARG HH21 H  N N 45  
ARG HH22 H  N N 46  
ARG HXT  H  N N 47  
ASN N    N  N N 48  
ASN CA   C  N S 49  
ASN C    C  N N 50  
ASN O    O  N N 51  
ASN CB   C  N N 52  
ASN CG   C  N N 53  
ASN OD1  O  N N 54  
ASN ND2  N  N N 55  
ASN OXT  O  N N 56  
ASN H    H  N N 57  
ASN H2   H  N N 58  
ASN HA   H  N N 59  
ASN HB2  H  N N 60  
ASN HB3  H  N N 61  
ASN HD21 H  N N 62  
ASN HD22 H  N N 63  
ASN HXT  H  N N 64  
ASP N    N  N N 65  
ASP CA   C  N S 66  
ASP C    C  N N 67  
ASP O    O  N N 68  
ASP CB   C  N N 69  
ASP CG   C  N N 70  
ASP OD1  O  N N 71  
ASP OD2  O  N N 72  
ASP OXT  O  N N 73  
ASP H    H  N N 74  
ASP H2   H  N N 75  
ASP HA   H  N N 76  
ASP HB2  H  N N 77  
ASP HB3  H  N N 78  
ASP HD2  H  N N 79  
ASP HXT  H  N N 80  
CA  CA   CA N N 81  
GLU N    N  N N 82  
GLU CA   C  N S 83  
GLU C    C  N N 84  
GLU O    O  N N 85  
GLU CB   C  N N 86  
GLU CG   C  N N 87  
GLU CD   C  N N 88  
GLU OE1  O  N N 89  
GLU OE2  O  N N 90  
GLU OXT  O  N N 91  
GLU H    H  N N 92  
GLU H2   H  N N 93  
GLU HA   H  N N 94  
GLU HB2  H  N N 95  
GLU HB3  H  N N 96  
GLU HG2  H  N N 97  
GLU HG3  H  N N 98  
GLU HE2  H  N N 99  
GLU HXT  H  N N 100 
GLY N    N  N N 101 
GLY CA   C  N N 102 
GLY C    C  N N 103 
GLY O    O  N N 104 
GLY OXT  O  N N 105 
GLY H    H  N N 106 
GLY H2   H  N N 107 
GLY HA2  H  N N 108 
GLY HA3  H  N N 109 
GLY HXT  H  N N 110 
HIS N    N  N N 111 
HIS CA   C  N S 112 
HIS C    C  N N 113 
HIS O    O  N N 114 
HIS CB   C  N N 115 
HIS CG   C  Y N 116 
HIS ND1  N  Y N 117 
HIS CD2  C  Y N 118 
HIS CE1  C  Y N 119 
HIS NE2  N  Y N 120 
HIS OXT  O  N N 121 
HIS H    H  N N 122 
HIS H2   H  N N 123 
HIS HA   H  N N 124 
HIS HB2  H  N N 125 
HIS HB3  H  N N 126 
HIS HD1  H  N N 127 
HIS HD2  H  N N 128 
HIS HE1  H  N N 129 
HIS HE2  H  N N 130 
HIS HXT  H  N N 131 
ILE N    N  N N 132 
ILE CA   C  N S 133 
ILE C    C  N N 134 
ILE O    O  N N 135 
ILE CB   C  N S 136 
ILE CG1  C  N N 137 
ILE CG2  C  N N 138 
ILE CD1  C  N N 139 
ILE OXT  O  N N 140 
ILE H    H  N N 141 
ILE H2   H  N N 142 
ILE HA   H  N N 143 
ILE HB   H  N N 144 
ILE HG12 H  N N 145 
ILE HG13 H  N N 146 
ILE HG21 H  N N 147 
ILE HG22 H  N N 148 
ILE HG23 H  N N 149 
ILE HD11 H  N N 150 
ILE HD12 H  N N 151 
ILE HD13 H  N N 152 
ILE HXT  H  N N 153 
LEU N    N  N N 154 
LEU CA   C  N S 155 
LEU C    C  N N 156 
LEU O    O  N N 157 
LEU CB   C  N N 158 
LEU CG   C  N N 159 
LEU CD1  C  N N 160 
LEU CD2  C  N N 161 
LEU OXT  O  N N 162 
LEU H    H  N N 163 
LEU H2   H  N N 164 
LEU HA   H  N N 165 
LEU HB2  H  N N 166 
LEU HB3  H  N N 167 
LEU HG   H  N N 168 
LEU HD11 H  N N 169 
LEU HD12 H  N N 170 
LEU HD13 H  N N 171 
LEU HD21 H  N N 172 
LEU HD22 H  N N 173 
LEU HD23 H  N N 174 
LEU HXT  H  N N 175 
LYS N    N  N N 176 
LYS CA   C  N S 177 
LYS C    C  N N 178 
LYS O    O  N N 179 
LYS CB   C  N N 180 
LYS CG   C  N N 181 
LYS CD   C  N N 182 
LYS CE   C  N N 183 
LYS NZ   N  N N 184 
LYS OXT  O  N N 185 
LYS H    H  N N 186 
LYS H2   H  N N 187 
LYS HA   H  N N 188 
LYS HB2  H  N N 189 
LYS HB3  H  N N 190 
LYS HG2  H  N N 191 
LYS HG3  H  N N 192 
LYS HD2  H  N N 193 
LYS HD3  H  N N 194 
LYS HE2  H  N N 195 
LYS HE3  H  N N 196 
LYS HZ1  H  N N 197 
LYS HZ2  H  N N 198 
LYS HZ3  H  N N 199 
LYS HXT  H  N N 200 
MET N    N  N N 201 
MET CA   C  N S 202 
MET C    C  N N 203 
MET O    O  N N 204 
MET CB   C  N N 205 
MET CG   C  N N 206 
MET SD   S  N N 207 
MET CE   C  N N 208 
MET OXT  O  N N 209 
MET H    H  N N 210 
MET H2   H  N N 211 
MET HA   H  N N 212 
MET HB2  H  N N 213 
MET HB3  H  N N 214 
MET HG2  H  N N 215 
MET HG3  H  N N 216 
MET HE1  H  N N 217 
MET HE2  H  N N 218 
MET HE3  H  N N 219 
MET HXT  H  N N 220 
PHE N    N  N N 221 
PHE CA   C  N S 222 
PHE C    C  N N 223 
PHE O    O  N N 224 
PHE CB   C  N N 225 
PHE CG   C  Y N 226 
PHE CD1  C  Y N 227 
PHE CD2  C  Y N 228 
PHE CE1  C  Y N 229 
PHE CE2  C  Y N 230 
PHE CZ   C  Y N 231 
PHE OXT  O  N N 232 
PHE H    H  N N 233 
PHE H2   H  N N 234 
PHE HA   H  N N 235 
PHE HB2  H  N N 236 
PHE HB3  H  N N 237 
PHE HD1  H  N N 238 
PHE HD2  H  N N 239 
PHE HE1  H  N N 240 
PHE HE2  H  N N 241 
PHE HZ   H  N N 242 
PHE HXT  H  N N 243 
SER N    N  N N 244 
SER CA   C  N S 245 
SER C    C  N N 246 
SER O    O  N N 247 
SER CB   C  N N 248 
SER OG   O  N N 249 
SER OXT  O  N N 250 
SER H    H  N N 251 
SER H2   H  N N 252 
SER HA   H  N N 253 
SER HB2  H  N N 254 
SER HB3  H  N N 255 
SER HG   H  N N 256 
SER HXT  H  N N 257 
THR N    N  N N 258 
THR CA   C  N S 259 
THR C    C  N N 260 
THR O    O  N N 261 
THR CB   C  N R 262 
THR OG1  O  N N 263 
THR CG2  C  N N 264 
THR OXT  O  N N 265 
THR H    H  N N 266 
THR H2   H  N N 267 
THR HA   H  N N 268 
THR HB   H  N N 269 
THR HG1  H  N N 270 
THR HG21 H  N N 271 
THR HG22 H  N N 272 
THR HG23 H  N N 273 
THR HXT  H  N N 274 
VAL N    N  N N 275 
VAL CA   C  N S 276 
VAL C    C  N N 277 
VAL O    O  N N 278 
VAL CB   C  N N 279 
VAL CG1  C  N N 280 
VAL CG2  C  N N 281 
VAL OXT  O  N N 282 
VAL H    H  N N 283 
VAL H2   H  N N 284 
VAL HA   H  N N 285 
VAL HB   H  N N 286 
VAL HG11 H  N N 287 
VAL HG12 H  N N 288 
VAL HG13 H  N N 289 
VAL HG21 H  N N 290 
VAL HG22 H  N N 291 
VAL HG23 H  N N 292 
VAL HXT  H  N N 293 
# 
loop_
_chem_comp_bond.comp_id 
_chem_comp_bond.atom_id_1 
_chem_comp_bond.atom_id_2 
_chem_comp_bond.value_order 
_chem_comp_bond.pdbx_aromatic_flag 
_chem_comp_bond.pdbx_stereo_config 
_chem_comp_bond.pdbx_ordinal 
ACE C   O    doub N N 1   
ACE C   CH3  sing N N 2   
ACE C   H    sing N N 3   
ACE CH3 H1   sing N N 4   
ACE CH3 H2   sing N N 5   
ACE CH3 H3   sing N N 6   
ALA N   CA   sing N N 7   
ALA N   H    sing N N 8   
ALA N   H2   sing N N 9   
ALA CA  C    sing N N 10  
ALA CA  CB   sing N N 11  
ALA CA  HA   sing N N 12  
ALA C   O    doub N N 13  
ALA C   OXT  sing N N 14  
ALA CB  HB1  sing N N 15  
ALA CB  HB2  sing N N 16  
ALA CB  HB3  sing N N 17  
ALA OXT HXT  sing N N 18  
ARG N   CA   sing N N 19  
ARG N   H    sing N N 20  
ARG N   H2   sing N N 21  
ARG CA  C    sing N N 22  
ARG CA  CB   sing N N 23  
ARG CA  HA   sing N N 24  
ARG C   O    doub N N 25  
ARG C   OXT  sing N N 26  
ARG CB  CG   sing N N 27  
ARG CB  HB2  sing N N 28  
ARG CB  HB3  sing N N 29  
ARG CG  CD   sing N N 30  
ARG CG  HG2  sing N N 31  
ARG CG  HG3  sing N N 32  
ARG CD  NE   sing N N 33  
ARG CD  HD2  sing N N 34  
ARG CD  HD3  sing N N 35  
ARG NE  CZ   sing N N 36  
ARG NE  HE   sing N N 37  
ARG CZ  NH1  sing N N 38  
ARG CZ  NH2  doub N N 39  
ARG NH1 HH11 sing N N 40  
ARG NH1 HH12 sing N N 41  
ARG NH2 HH21 sing N N 42  
ARG NH2 HH22 sing N N 43  
ARG OXT HXT  sing N N 44  
ASN N   CA   sing N N 45  
ASN N   H    sing N N 46  
ASN N   H2   sing N N 47  
ASN CA  C    sing N N 48  
ASN CA  CB   sing N N 49  
ASN CA  HA   sing N N 50  
ASN C   O    doub N N 51  
ASN C   OXT  sing N N 52  
ASN CB  CG   sing N N 53  
ASN CB  HB2  sing N N 54  
ASN CB  HB3  sing N N 55  
ASN CG  OD1  doub N N 56  
ASN CG  ND2  sing N N 57  
ASN ND2 HD21 sing N N 58  
ASN ND2 HD22 sing N N 59  
ASN OXT HXT  sing N N 60  
ASP N   CA   sing N N 61  
ASP N   H    sing N N 62  
ASP N   H2   sing N N 63  
ASP CA  C    sing N N 64  
ASP CA  CB   sing N N 65  
ASP CA  HA   sing N N 66  
ASP C   O    doub N N 67  
ASP C   OXT  sing N N 68  
ASP CB  CG   sing N N 69  
ASP CB  HB2  sing N N 70  
ASP CB  HB3  sing N N 71  
ASP CG  OD1  doub N N 72  
ASP CG  OD2  sing N N 73  
ASP OD2 HD2  sing N N 74  
ASP OXT HXT  sing N N 75  
GLU N   CA   sing N N 76  
GLU N   H    sing N N 77  
GLU N   H2   sing N N 78  
GLU CA  C    sing N N 79  
GLU CA  CB   sing N N 80  
GLU CA  HA   sing N N 81  
GLU C   O    doub N N 82  
GLU C   OXT  sing N N 83  
GLU CB  CG   sing N N 84  
GLU CB  HB2  sing N N 85  
GLU CB  HB3  sing N N 86  
GLU CG  CD   sing N N 87  
GLU CG  HG2  sing N N 88  
GLU CG  HG3  sing N N 89  
GLU CD  OE1  doub N N 90  
GLU CD  OE2  sing N N 91  
GLU OE2 HE2  sing N N 92  
GLU OXT HXT  sing N N 93  
GLY N   CA   sing N N 94  
GLY N   H    sing N N 95  
GLY N   H2   sing N N 96  
GLY CA  C    sing N N 97  
GLY CA  HA2  sing N N 98  
GLY CA  HA3  sing N N 99  
GLY C   O    doub N N 100 
GLY C   OXT  sing N N 101 
GLY OXT HXT  sing N N 102 
HIS N   CA   sing N N 103 
HIS N   H    sing N N 104 
HIS N   H2   sing N N 105 
HIS CA  C    sing N N 106 
HIS CA  CB   sing N N 107 
HIS CA  HA   sing N N 108 
HIS C   O    doub N N 109 
HIS C   OXT  sing N N 110 
HIS CB  CG   sing N N 111 
HIS CB  HB2  sing N N 112 
HIS CB  HB3  sing N N 113 
HIS CG  ND1  sing Y N 114 
HIS CG  CD2  doub Y N 115 
HIS ND1 CE1  doub Y N 116 
HIS ND1 HD1  sing N N 117 
HIS CD2 NE2  sing Y N 118 
HIS CD2 HD2  sing N N 119 
HIS CE1 NE2  sing Y N 120 
HIS CE1 HE1  sing N N 121 
HIS NE2 HE2  sing N N 122 
HIS OXT HXT  sing N N 123 
ILE N   CA   sing N N 124 
ILE N   H    sing N N 125 
ILE N   H2   sing N N 126 
ILE CA  C    sing N N 127 
ILE CA  CB   sing N N 128 
ILE CA  HA   sing N N 129 
ILE C   O    doub N N 130 
ILE C   OXT  sing N N 131 
ILE CB  CG1  sing N N 132 
ILE CB  CG2  sing N N 133 
ILE CB  HB   sing N N 134 
ILE CG1 CD1  sing N N 135 
ILE CG1 HG12 sing N N 136 
ILE CG1 HG13 sing N N 137 
ILE CG2 HG21 sing N N 138 
ILE CG2 HG22 sing N N 139 
ILE CG2 HG23 sing N N 140 
ILE CD1 HD11 sing N N 141 
ILE CD1 HD12 sing N N 142 
ILE CD1 HD13 sing N N 143 
ILE OXT HXT  sing N N 144 
LEU N   CA   sing N N 145 
LEU N   H    sing N N 146 
LEU N   H2   sing N N 147 
LEU CA  C    sing N N 148 
LEU CA  CB   sing N N 149 
LEU CA  HA   sing N N 150 
LEU C   O    doub N N 151 
LEU C   OXT  sing N N 152 
LEU CB  CG   sing N N 153 
LEU CB  HB2  sing N N 154 
LEU CB  HB3  sing N N 155 
LEU CG  CD1  sing N N 156 
LEU CG  CD2  sing N N 157 
LEU CG  HG   sing N N 158 
LEU CD1 HD11 sing N N 159 
LEU CD1 HD12 sing N N 160 
LEU CD1 HD13 sing N N 161 
LEU CD2 HD21 sing N N 162 
LEU CD2 HD22 sing N N 163 
LEU CD2 HD23 sing N N 164 
LEU OXT HXT  sing N N 165 
LYS N   CA   sing N N 166 
LYS N   H    sing N N 167 
LYS N   H2   sing N N 168 
LYS CA  C    sing N N 169 
LYS CA  CB   sing N N 170 
LYS CA  HA   sing N N 171 
LYS C   O    doub N N 172 
LYS C   OXT  sing N N 173 
LYS CB  CG   sing N N 174 
LYS CB  HB2  sing N N 175 
LYS CB  HB3  sing N N 176 
LYS CG  CD   sing N N 177 
LYS CG  HG2  sing N N 178 
LYS CG  HG3  sing N N 179 
LYS CD  CE   sing N N 180 
LYS CD  HD2  sing N N 181 
LYS CD  HD3  sing N N 182 
LYS CE  NZ   sing N N 183 
LYS CE  HE2  sing N N 184 
LYS CE  HE3  sing N N 185 
LYS NZ  HZ1  sing N N 186 
LYS NZ  HZ2  sing N N 187 
LYS NZ  HZ3  sing N N 188 
LYS OXT HXT  sing N N 189 
MET N   CA   sing N N 190 
MET N   H    sing N N 191 
MET N   H2   sing N N 192 
MET CA  C    sing N N 193 
MET CA  CB   sing N N 194 
MET CA  HA   sing N N 195 
MET C   O    doub N N 196 
MET C   OXT  sing N N 197 
MET CB  CG   sing N N 198 
MET CB  HB2  sing N N 199 
MET CB  HB3  sing N N 200 
MET CG  SD   sing N N 201 
MET CG  HG2  sing N N 202 
MET CG  HG3  sing N N 203 
MET SD  CE   sing N N 204 
MET CE  HE1  sing N N 205 
MET CE  HE2  sing N N 206 
MET CE  HE3  sing N N 207 
MET OXT HXT  sing N N 208 
PHE N   CA   sing N N 209 
PHE N   H    sing N N 210 
PHE N   H2   sing N N 211 
PHE CA  C    sing N N 212 
PHE CA  CB   sing N N 213 
PHE CA  HA   sing N N 214 
PHE C   O    doub N N 215 
PHE C   OXT  sing N N 216 
PHE CB  CG   sing N N 217 
PHE CB  HB2  sing N N 218 
PHE CB  HB3  sing N N 219 
PHE CG  CD1  doub Y N 220 
PHE CG  CD2  sing Y N 221 
PHE CD1 CE1  sing Y N 222 
PHE CD1 HD1  sing N N 223 
PHE CD2 CE2  doub Y N 224 
PHE CD2 HD2  sing N N 225 
PHE CE1 CZ   doub Y N 226 
PHE CE1 HE1  sing N N 227 
PHE CE2 CZ   sing Y N 228 
PHE CE2 HE2  sing N N 229 
PHE CZ  HZ   sing N N 230 
PHE OXT HXT  sing N N 231 
SER N   CA   sing N N 232 
SER N   H    sing N N 233 
SER N   H2   sing N N 234 
SER CA  C    sing N N 235 
SER CA  CB   sing N N 236 
SER CA  HA   sing N N 237 
SER C   O    doub N N 238 
SER C   OXT  sing N N 239 
SER CB  OG   sing N N 240 
SER CB  HB2  sing N N 241 
SER CB  HB3  sing N N 242 
SER OG  HG   sing N N 243 
SER OXT HXT  sing N N 244 
THR N   CA   sing N N 245 
THR N   H    sing N N 246 
THR N   H2   sing N N 247 
THR CA  C    sing N N 248 
THR CA  CB   sing N N 249 
THR CA  HA   sing N N 250 
THR C   O    doub N N 251 
THR C   OXT  sing N N 252 
THR CB  OG1  sing N N 253 
THR CB  CG2  sing N N 254 
THR CB  HB   sing N N 255 
THR OG1 HG1  sing N N 256 
THR CG2 HG21 sing N N 257 
THR CG2 HG22 sing N N 258 
THR CG2 HG23 sing N N 259 
THR OXT HXT  sing N N 260 
VAL N   CA   sing N N 261 
VAL N   H    sing N N 262 
VAL N   H2   sing N N 263 
VAL CA  C    sing N N 264 
VAL CA  CB   sing N N 265 
VAL CA  HA   sing N N 266 
VAL C   O    doub N N 267 
VAL C   OXT  sing N N 268 
VAL CB  CG1  sing N N 269 
VAL CB  CG2  sing N N 270 
VAL CB  HB   sing N N 271 
VAL CG1 HG11 sing N N 272 
VAL CG1 HG12 sing N N 273 
VAL CG1 HG13 sing N N 274 
VAL CG2 HG21 sing N N 275 
VAL CG2 HG22 sing N N 276 
VAL CG2 HG23 sing N N 277 
VAL OXT HXT  sing N N 278 
# 
_atom_sites.entry_id                    3PAT 
_atom_sites.fract_transf_matrix[1][1]   1.000000 
_atom_sites.fract_transf_matrix[1][2]   0.000000 
_atom_sites.fract_transf_matrix[1][3]   0.000000 
_atom_sites.fract_transf_matrix[2][1]   0.000000 
_atom_sites.fract_transf_matrix[2][2]   1.000000 
_atom_sites.fract_transf_matrix[2][3]   0.000000 
_atom_sites.fract_transf_matrix[3][1]   0.000000 
_atom_sites.fract_transf_matrix[3][2]   0.000000 
_atom_sites.fract_transf_matrix[3][3]   1.000000 
_atom_sites.fract_transf_vector[1]      0.00000 
_atom_sites.fract_transf_vector[2]      0.00000 
_atom_sites.fract_transf_vector[3]      0.00000 
# 
loop_
_atom_type.symbol 
C  
CA 
N  
O  
S  
# 
loop_
_atom_site.group_PDB 
_atom_site.id 
_atom_site.type_symbol 
_atom_site.label_atom_id 
_atom_site.label_alt_id 
_atom_site.label_comp_id 
_atom_site.label_asym_id 
_atom_site.label_entity_id 
_atom_site.label_seq_id 
_atom_site.pdbx_PDB_ins_code 
_atom_site.Cartn_x 
_atom_site.Cartn_y 
_atom_site.Cartn_z 
_atom_site.occupancy 
_atom_site.B_iso_or_equiv 
_atom_site.pdbx_formal_charge 
_atom_site.auth_seq_id 
_atom_site.auth_comp_id 
_atom_site.auth_asym_id 
_atom_site.auth_atom_id 
_atom_site.pdbx_PDB_model_num 
HETATM 1   C  C   . ACE A 1 1   ? -10.050 6.526   -4.803  1.00 2.34 ? 0   ACE A C   1 
HETATM 2   O  O   . ACE A 1 1   ? -10.579 7.225   -4.969  1.00 2.74 ? 0   ACE A O   1 
HETATM 3   C  CH3 . ACE A 1 1   ? -10.123 5.308   -4.674  1.00 3.05 ? 0   ACE A CH3 1 
ATOM   4   N  N   . ALA A 1 2   ? -9.400  6.788   -4.730  1.00 1.62 ? 1   ALA A N   1 
ATOM   5   C  CA  . ALA A 1 2   ? -9.297  7.960   -4.849  1.00 1.25 ? 1   ALA A CA  1 
ATOM   6   C  C   . ALA A 1 2   ? -7.893  8.474   -4.787  1.00 1.10 ? 1   ALA A C   1 
ATOM   7   O  O   . ALA A 1 2   ? -7.665  9.620   -4.597  1.00 1.24 ? 1   ALA A O   1 
ATOM   8   C  CB  . ALA A 1 2   ? -10.046 8.404   -3.995  1.00 1.43 ? 1   ALA A CB  1 
ATOM   9   N  N   . ALA A 1 3   ? -6.946  7.639   -4.953  1.00 0.90 ? 2   ALA A N   1 
ATOM   10  C  CA  . ALA A 1 3   ? -5.560  8.089   -4.911  1.00 0.84 ? 2   ALA A CA  1 
ATOM   11  C  C   . ALA A 1 3   ? -5.006  8.099   -6.283  1.00 0.84 ? 2   ALA A C   1 
ATOM   12  O  O   . ALA A 1 3   ? -3.846  8.174   -6.490  1.00 0.89 ? 2   ALA A O   1 
ATOM   13  C  CB  . ALA A 1 3   ? -4.768  7.161   -4.073  1.00 0.84 ? 2   ALA A CB  1 
ATOM   14  N  N   . LYS A 1 4   ? -5.828  8.022   -7.226  1.00 0.98 ? 3   LYS A N   1 
ATOM   15  C  CA  . LYS A 1 4   ? -5.352  8.027   -8.584  1.00 1.20 ? 3   LYS A CA  1 
ATOM   16  C  C   . LYS A 1 4   ? -5.071  9.435   -9.019  1.00 1.32 ? 3   LYS A C   1 
ATOM   17  O  O   . LYS A 1 4   ? -4.260  9.693   -9.823  1.00 1.47 ? 3   LYS A O   1 
ATOM   18  C  CB  . LYS A 1 4   ? -6.392  7.419   -9.457  1.00 1.45 ? 3   LYS A CB  1 
ATOM   19  C  CG  . LYS A 1 4   ? -6.757  7.527   -10.137 1.00 1.73 ? 3   LYS A CG  1 
ATOM   20  C  CD  . LYS A 1 4   ? -7.706  6.925   -10.932 1.00 1.93 ? 3   LYS A CD  1 
ATOM   21  C  CE  . LYS A 1 4   ? -8.369  7.272   -11.395 1.00 2.61 ? 3   LYS A CE  1 
ATOM   22  N  NZ  . LYS A 1 4   ? -8.811  7.035   -11.870 1.00 3.14 ? 3   LYS A NZ  1 
ATOM   23  N  N   . ASP A 1 5   ? -5.736  10.350  -8.495  1.00 1.38 ? 4   ASP A N   1 
ATOM   24  C  CA  . ASP A 1 5   ? -5.508  11.742  -8.881  1.00 1.56 ? 4   ASP A CA  1 
ATOM   25  C  C   . ASP A 1 5   ? -4.368  12.331  -8.185  1.00 1.26 ? 4   ASP A C   1 
ATOM   26  O  O   . ASP A 1 5   ? -3.877  13.366  -8.540  1.00 1.29 ? 4   ASP A O   1 
ATOM   27  C  CB  . ASP A 1 5   ? -6.682  12.492  -8.563  1.00 1.97 ? 4   ASP A CB  1 
ATOM   28  C  CG  . ASP A 1 5   ? -7.718  12.161  -9.467  1.00 2.34 ? 4   ASP A CG  1 
ATOM   29  O  OD1 . ASP A 1 5   ? -7.750  11.350  -10.019 1.00 2.41 ? 4   ASP A OD1 1 
ATOM   30  O  OD2 . ASP A 1 5   ? -8.462  12.725  -9.594  1.00 2.77 ? 4   ASP A OD2 1 
ATOM   31  N  N   . LEU A 1 6   ? -3.947  11.683  -7.196  1.00 1.04 ? 5   LEU A N   1 
ATOM   32  C  CA  . LEU A 1 6   ? -2.844  12.211  -6.481  1.00 0.95 ? 5   LEU A CA  1 
ATOM   33  C  C   . LEU A 1 6   ? -1.632  11.650  -7.005  1.00 0.82 ? 5   LEU A C   1 
ATOM   34  O  O   . LEU A 1 6   ? -0.737  12.030  -6.741  1.00 1.22 ? 5   LEU A O   1 
ATOM   35  C  CB  . LEU A 1 6   ? -3.001  11.831  -5.075  1.00 1.13 ? 5   LEU A CB  1 
ATOM   36  C  CG  . LEU A 1 6   ? -2.026  12.586  -4.279  1.00 1.28 ? 5   LEU A CG  1 
ATOM   37  C  CD1 . LEU A 1 6   ? -2.671  13.507  -3.446  1.00 1.55 ? 5   LEU A CD1 1 
ATOM   38  C  CD2 . LEU A 1 6   ? -1.220  11.746  -3.410  1.00 1.23 ? 5   LEU A CD2 1 
ATOM   39  N  N   . LEU A 1 7   ? -1.596  10.746  -7.744  1.00 0.79 ? 6   LEU A N   1 
ATOM   40  C  CA  . LEU A 1 7   ? -0.445  10.160  -8.276  1.00 0.96 ? 6   LEU A CA  1 
ATOM   41  C  C   . LEU A 1 7   ? -0.431  9.954   -9.384  1.00 1.64 ? 6   LEU A C   1 
ATOM   42  O  O   . LEU A 1 7   ? -1.178  10.237  -9.569  1.00 2.35 ? 6   LEU A O   1 
ATOM   43  C  CB  . LEU A 1 7   ? -0.133  9.076   -7.896  1.00 1.23 ? 6   LEU A CB  1 
ATOM   44  C  CG  . LEU A 1 7   ? -0.210  8.330   -6.746  1.00 1.22 ? 6   LEU A CG  1 
ATOM   45  C  CD1 . LEU A 1 7   ? -0.043  7.609   -6.628  1.00 1.67 ? 6   LEU A CD1 1 
ATOM   46  C  CD2 . LEU A 1 7   ? 0.097   8.235   -5.869  1.00 1.88 ? 6   LEU A CD2 1 
ATOM   47  N  N   . LYS A 1 8   ? 0.418   9.463   -10.114 1.00 1.74 ? 7   LYS A N   1 
ATOM   48  C  CA  . LYS A 1 8   ? 0.490   9.236   -11.204 1.00 2.59 ? 7   LYS A CA  1 
ATOM   49  C  C   . LYS A 1 8   ? 0.275   8.636   -12.366 1.00 1.98 ? 7   LYS A C   1 
ATOM   50  O  O   . LYS A 1 8   ? 0.126   8.641   -13.360 1.00 2.55 ? 7   LYS A O   1 
ATOM   51  C  CB  . LYS A 1 8   ? 0.875   9.234   -11.129 1.00 3.78 ? 7   LYS A CB  1 
ATOM   52  C  CG  . LYS A 1 8   ? 1.187   9.830   -11.043 1.00 4.66 ? 7   LYS A CG  1 
ATOM   53  C  CD  . LYS A 1 8   ? 1.540   10.313  -10.910 1.00 4.97 ? 7   LYS A CD  1 
ATOM   54  C  CE  . LYS A 1 8   ? 1.830   10.570  -10.795 1.00 6.01 ? 7   LYS A CE  1 
ATOM   55  N  NZ  . LYS A 1 8   ? 2.040   11.155  -10.541 1.00 6.37 ? 7   LYS A NZ  1 
ATOM   56  N  N   . ALA A 1 9   ? 0.260   8.120   -12.254 1.00 1.04 ? 8   ALA A N   1 
ATOM   57  C  CA  . ALA A 1 9   ? 0.046   7.508   -13.352 1.00 0.95 ? 8   ALA A CA  1 
ATOM   58  C  C   . ALA A 1 9   ? 1.141   6.567   -13.706 1.00 0.75 ? 8   ALA A C   1 
ATOM   59  O  O   . ALA A 1 9   ? 1.030   5.397   -13.506 1.00 0.67 ? 8   ALA A O   1 
ATOM   60  C  CB  . ALA A 1 9   ? -0.207  8.514   -14.242 1.00 1.16 ? 8   ALA A CB  1 
ATOM   61  N  N   . ASP A 1 10  ? 2.198   7.063   -14.235 1.00 0.78 ? 9   ASP A N   1 
ATOM   62  C  CA  . ASP A 1 10  ? 3.301   6.194   -14.608 1.00 0.76 ? 9   ASP A CA  1 
ATOM   63  C  C   . ASP A 1 10  ? 3.890   5.554   -13.390 1.00 0.55 ? 9   ASP A C   1 
ATOM   64  O  O   . ASP A 1 10  ? 4.467   4.512   -13.436 1.00 0.66 ? 9   ASP A O   1 
ATOM   65  C  CB  . ASP A 1 10  ? 4.349   7.019   -15.312 1.00 0.96 ? 9   ASP A CB  1 
ATOM   66  C  CG  . ASP A 1 10  ? 3.864   7.460   -16.575 1.00 1.33 ? 9   ASP A CG  1 
ATOM   67  O  OD1 . ASP A 1 10  ? 3.073   6.814   -17.107 1.00 1.57 ? 9   ASP A OD1 1 
ATOM   68  O  OD2 . ASP A 1 10  ? 4.291   8.439   -16.988 1.00 1.52 ? 9   ASP A OD2 1 
ATOM   69  N  N   . ASP A 1 11  ? 3.746   6.156   -12.298 1.00 0.44 ? 10  ASP A N   1 
ATOM   70  C  CA  . ASP A 1 11  ? 4.293   5.564   -11.090 1.00 0.52 ? 10  ASP A CA  1 
ATOM   71  C  C   . ASP A 1 11  ? 3.497   4.321   -10.728 1.00 0.47 ? 10  ASP A C   1 
ATOM   72  O  O   . ASP A 1 11  ? 3.986   3.382   -10.182 1.00 0.60 ? 10  ASP A O   1 
ATOM   73  C  CB  . ASP A 1 11  ? 4.219   6.568   -9.987  1.00 0.72 ? 10  ASP A CB  1 
ATOM   74  C  CG  . ASP A 1 11  ? 5.085   7.744   -10.333 1.00 0.90 ? 10  ASP A CG  1 
ATOM   75  O  OD1 . ASP A 1 11  ? 5.336   8.023   -11.329 1.00 1.03 ? 10  ASP A OD1 1 
ATOM   76  O  OD2 . ASP A 1 11  ? 5.481   8.345   -9.598  1.00 1.26 ? 10  ASP A OD2 1 
ATOM   77  N  N   . ILE A 1 12  ? 2.269   4.309   -11.036 1.00 0.46 ? 11  ILE A N   1 
ATOM   78  C  CA  . ILE A 1 12  ? 1.435   3.124   -10.717 1.00 0.50 ? 11  ILE A CA  1 
ATOM   79  C  C   . ILE A 1 12  ? 1.657   2.056   -11.775 1.00 0.46 ? 11  ILE A C   1 
ATOM   80  O  O   . ILE A 1 12  ? 1.495   0.889   -11.542 1.00 0.54 ? 11  ILE A O   1 
ATOM   81  C  CB  . ILE A 1 12  ? -0.036  3.528   -10.703 1.00 0.60 ? 11  ILE A CB  1 
ATOM   82  C  CG1 . ILE A 1 12  ? -0.272  4.518   -9.610  1.00 0.75 ? 11  ILE A CG1 1 
ATOM   83  C  CG2 . ILE A 1 12  ? -0.895  2.324   -10.466 1.00 0.71 ? 11  ILE A CG2 1 
ATOM   84  C  CD1 . ILE A 1 12  ? -0.532  5.759   -10.052 1.00 0.88 ? 11  ILE A CD1 1 
ATOM   85  N  N   . LYS A 1 13  ? 2.024   2.451   -12.938 1.00 0.46 ? 12  LYS A N   1 
ATOM   86  C  CA  . LYS A 1 13  ? 2.254   1.463   -14.016 1.00 0.52 ? 12  LYS A CA  1 
ATOM   87  C  C   . LYS A 1 13  ? 3.609   0.791   -13.831 1.00 0.45 ? 12  LYS A C   1 
ATOM   88  O  O   . LYS A 1 13  ? 3.856   -0.265  -14.361 1.00 0.47 ? 12  LYS A O   1 
ATOM   89  C  CB  . LYS A 1 13  ? 2.220   2.172   -15.358 1.00 0.64 ? 12  LYS A CB  1 
ATOM   90  C  CG  . LYS A 1 13  ? 1.268   2.104   -16.016 1.00 0.88 ? 12  LYS A CG  1 
ATOM   91  C  CD  . LYS A 1 13  ? 0.965   2.164   -17.063 1.00 1.24 ? 12  LYS A CD  1 
ATOM   92  C  CE  . LYS A 1 13  ? 0.126   1.943   -17.659 1.00 1.52 ? 12  LYS A CE  1 
ATOM   93  N  NZ  . LYS A 1 13  ? -0.039  1.854   -18.054 1.00 2.51 ? 12  LYS A NZ  1 
ATOM   94  N  N   . LYS A 1 14  ? 4.486   1.388   -13.081 1.00 0.42 ? 13  LYS A N   1 
ATOM   95  C  CA  . LYS A 1 14  ? 5.814   0.777   -12.865 1.00 0.41 ? 13  LYS A CA  1 
ATOM   96  C  C   . LYS A 1 14  ? 5.735   -0.153  -11.666 1.00 0.38 ? 13  LYS A C   1 
ATOM   97  O  O   . LYS A 1 14  ? 6.260   -1.239  -11.681 1.00 0.40 ? 13  LYS A O   1 
ATOM   98  C  CB  . LYS A 1 14  ? 6.842   1.872   -12.597 1.00 0.46 ? 13  LYS A CB  1 
ATOM   99  C  CG  . LYS A 1 14  ? 7.564   2.165   -13.605 1.00 1.02 ? 13  LYS A CG  1 
ATOM   100 C  CD  . LYS A 1 14  ? 8.426   2.243   -14.201 1.00 1.25 ? 13  LYS A CD  1 
ATOM   101 C  CE  . LYS A 1 14  ? 9.201   2.505   -14.967 1.00 1.22 ? 13  LYS A CE  1 
ATOM   102 N  NZ  . LYS A 1 14  ? 9.434   2.510   -15.635 1.00 2.03 ? 13  LYS A NZ  1 
ATOM   103 N  N   . ALA A 1 15  ? 5.089   0.266   -10.618 1.00 0.40 ? 14  ALA A N   1 
ATOM   104 C  CA  . ALA A 1 15  ? 4.994   -0.594  -9.430  1.00 0.42 ? 14  ALA A CA  1 
ATOM   105 C  C   . ALA A 1 15  ? 4.154   -1.829  -9.737  1.00 0.35 ? 14  ALA A C   1 
ATOM   106 O  O   . ALA A 1 15  ? 4.508   -2.929  -9.405  1.00 0.44 ? 14  ALA A O   1 
ATOM   107 C  CB  . ALA A 1 15  ? 4.360   0.181   -8.289  1.00 0.49 ? 14  ALA A CB  1 
ATOM   108 N  N   . LEU A 1 16  ? 3.045   -1.652  -10.370 1.00 0.31 ? 15  LEU A N   1 
ATOM   109 C  CA  . LEU A 1 16  ? 2.172   -2.802  -10.704 1.00 0.34 ? 15  LEU A CA  1 
ATOM   110 C  C   . LEU A 1 16  ? 2.873   -3.682  -11.725 1.00 0.40 ? 15  LEU A C   1 
ATOM   111 O  O   . LEU A 1 16  ? 2.788   -4.870  -11.667 1.00 0.54 ? 15  LEU A O   1 
ATOM   112 C  CB  . LEU A 1 16  ? 0.865   -2.291  -11.282 1.00 0.42 ? 15  LEU A CB  1 
ATOM   113 C  CG  . LEU A 1 16  ? -0.131  -2.044  -10.160 1.00 0.45 ? 15  LEU A CG  1 
ATOM   114 C  CD1 . LEU A 1 16  ? -0.523  -1.427  -9.990  1.00 1.45 ? 15  LEU A CD1 1 
ATOM   115 C  CD2 . LEU A 1 16  ? -0.842  -2.371  -9.942  1.00 1.35 ? 15  LEU A CD2 1 
ATOM   116 N  N   . ASP A 1 17  ? 3.567   -3.108  -12.659 1.00 0.37 ? 16  ASP A N   1 
ATOM   117 C  CA  . ASP A 1 17  ? 4.282   -3.919  -13.674 1.00 0.45 ? 16  ASP A CA  1 
ATOM   118 C  C   . ASP A 1 17  ? 5.424   -4.669  -13.009 1.00 0.51 ? 16  ASP A C   1 
ATOM   119 O  O   . ASP A 1 17  ? 5.915   -5.643  -13.519 1.00 0.63 ? 16  ASP A O   1 
ATOM   120 C  CB  . ASP A 1 17  ? 4.842   -2.999  -14.750 1.00 0.46 ? 16  ASP A CB  1 
ATOM   121 C  CG  . ASP A 1 17  ? 3.838   -2.859  -15.880 1.00 0.54 ? 16  ASP A CG  1 
ATOM   122 O  OD1 . ASP A 1 17  ? 2.920   -3.312  -15.832 1.00 1.00 ? 16  ASP A OD1 1 
ATOM   123 O  OD2 . ASP A 1 17  ? 4.005   -2.301  -16.773 1.00 0.68 ? 16  ASP A OD2 1 
ATOM   124 N  N   . ALA A 1 18  ? 5.844   -4.219  -11.872 1.00 0.48 ? 17  ALA A N   1 
ATOM   125 C  CA  . ALA A 1 18  ? 6.942   -4.889  -11.161 1.00 0.62 ? 17  ALA A CA  1 
ATOM   126 C  C   . ALA A 1 18  ? 6.374   -5.980  -10.261 1.00 0.59 ? 17  ALA A C   1 
ATOM   127 O  O   . ALA A 1 18  ? 7.063   -6.897  -9.874  1.00 0.68 ? 17  ALA A O   1 
ATOM   128 C  CB  . ALA A 1 18  ? 7.672   -3.873  -10.312 1.00 0.69 ? 17  ALA A CB  1 
ATOM   129 N  N   . VAL A 1 19  ? 5.124   -5.889  -9.902  1.00 0.47 ? 18  VAL A N   1 
ATOM   130 C  CA  . VAL A 1 19  ? 4.555   -6.928  -9.009  1.00 0.47 ? 18  VAL A CA  1 
ATOM   131 C  C   . VAL A 1 19  ? 3.353   -7.633  -9.634  1.00 0.57 ? 18  VAL A C   1 
ATOM   132 O  O   . VAL A 1 19  ? 2.751   -8.368  -9.034  1.00 0.91 ? 18  VAL A O   1 
ATOM   133 C  CB  . VAL A 1 19  ? 4.091   -6.301  -7.722  1.00 0.54 ? 18  VAL A CB  1 
ATOM   134 C  CG1 . VAL A 1 19  ? 5.269   -5.687  -7.006  1.00 0.61 ? 18  VAL A CG1 1 
ATOM   135 C  CG2 . VAL A 1 19  ? 3.076   -5.231  -8.027  1.00 0.71 ? 18  VAL A CG2 1 
ATOM   136 N  N   . LYS A 1 20  ? 2.978   -7.392  -10.809 1.00 0.49 ? 19  LYS A N   1 
ATOM   137 C  CA  . LYS A 1 20  ? 1.790   -8.013  -11.454 1.00 0.54 ? 19  LYS A CA  1 
ATOM   138 C  C   . LYS A 1 20  ? 1.819   -9.529  -11.339 1.00 0.52 ? 19  LYS A C   1 
ATOM   139 O  O   . LYS A 1 20  ? 0.806   -10.166 -11.387 1.00 0.61 ? 19  LYS A O   1 
ATOM   140 C  CB  . LYS A 1 20  ? 1.756   -7.627  -12.925 1.00 0.56 ? 19  LYS A CB  1 
ATOM   141 C  CG  . LYS A 1 20  ? 0.525   -7.537  -13.394 1.00 0.87 ? 19  LYS A CG  1 
ATOM   142 C  CD  . LYS A 1 20  ? 0.065   -7.684  -14.323 1.00 1.27 ? 19  LYS A CD  1 
ATOM   143 C  CE  . LYS A 1 20  ? -0.593  -7.492  -14.864 1.00 1.88 ? 19  LYS A CE  1 
ATOM   144 N  NZ  . LYS A 1 20  ? -0.776  -7.383  -15.468 1.00 2.59 ? 19  LYS A NZ  1 
ATOM   145 N  N   . ALA A 1 21  ? 2.958   -10.113 -11.197 1.00 0.51 ? 20  ALA A N   1 
ATOM   146 C  CA  . ALA A 1 21  ? 3.029   -11.583 -11.089 1.00 0.58 ? 20  ALA A CA  1 
ATOM   147 C  C   . ALA A 1 21  ? 2.146   -12.061 -9.963  1.00 0.62 ? 20  ALA A C   1 
ATOM   148 O  O   . ALA A 1 21  ? 1.573   -11.287 -9.242  1.00 0.58 ? 20  ALA A O   1 
ATOM   149 C  CB  . ALA A 1 21  ? 4.452   -12.013 -10.805 1.00 0.59 ? 20  ALA A CB  1 
ATOM   150 N  N   . GLU A 1 22  ? 2.030   -13.335 -9.802  1.00 0.75 ? 21  GLU A N   1 
ATOM   151 C  CA  . GLU A 1 22  ? 1.182   -13.854 -8.717  1.00 0.82 ? 21  GLU A CA  1 
ATOM   152 C  C   . GLU A 1 22  ? 2.038   -14.226 -7.526  1.00 0.77 ? 21  GLU A C   1 
ATOM   153 O  O   . GLU A 1 22  ? 2.214   -15.372 -7.185  1.00 0.86 ? 21  GLU A O   1 
ATOM   154 C  CB  . GLU A 1 22  ? 0.409   -15.065 -9.196  1.00 1.00 ? 21  GLU A CB  1 
ATOM   155 C  CG  . GLU A 1 22  ? -0.519  -14.663 -10.298 1.00 1.18 ? 21  GLU A CG  1 
ATOM   156 C  CD  . GLU A 1 22  ? -0.743  -15.029 -10.818 1.00 2.09 ? 21  GLU A CD  1 
ATOM   157 O  OE1 . GLU A 1 22  ? -0.957  -15.879 -10.670 1.00 2.54 ? 21  GLU A OE1 1 
ATOM   158 O  OE2 . GLU A 1 22  ? -0.696  -14.452 -11.354 1.00 2.73 ? 21  GLU A OE2 1 
ATOM   159 N  N   . GLY A 1 23  ? 2.568   -13.245 -6.895  1.00 0.65 ? 22  GLY A N   1 
ATOM   160 C  CA  . GLY A 1 23  ? 3.426   -13.492 -5.709  1.00 0.63 ? 22  GLY A CA  1 
ATOM   161 C  C   . GLY A 1 23  ? 4.705   -12.677 -5.841  1.00 0.58 ? 22  GLY A C   1 
ATOM   162 O  O   . GLY A 1 23  ? 5.662   -12.887 -5.129  1.00 0.61 ? 22  GLY A O   1 
ATOM   163 N  N   . SER A 1 24  ? 4.731   -11.757 -6.758  1.00 0.52 ? 23  SER A N   1 
ATOM   164 C  CA  . SER A 1 24  ? 5.954   -10.933 -6.951  1.00 0.48 ? 23  SER A CA  1 
ATOM   165 C  C   . SER A 1 24  ? 5.811   -9.588  -6.251  1.00 0.45 ? 23  SER A C   1 
ATOM   166 O  O   . SER A 1 24  ? 6.573   -8.692  -6.494  1.00 0.53 ? 23  SER A O   1 
ATOM   167 C  CB  . SER A 1 24  ? 6.178   -10.699 -8.437  1.00 0.51 ? 23  SER A CB  1 
ATOM   168 O  OG  . SER A 1 24  ? 5.110   -9.996  -8.972  1.00 0.55 ? 23  SER A OG  1 
ATOM   169 N  N   . PHE A 1 25  ? 4.851   -9.421  -5.392  1.00 0.41 ? 24  PHE A N   1 
ATOM   170 C  CA  . PHE A 1 25  ? 4.693   -8.135  -4.714  1.00 0.42 ? 24  PHE A CA  1 
ATOM   171 C  C   . PHE A 1 25  ? 5.534   -8.091  -3.472  1.00 0.59 ? 24  PHE A C   1 
ATOM   172 O  O   . PHE A 1 25  ? 5.648   -9.041  -2.778  1.00 0.78 ? 24  PHE A O   1 
ATOM   173 C  CB  . PHE A 1 25  ? 3.252   -7.942  -4.332  1.00 0.47 ? 24  PHE A CB  1 
ATOM   174 C  CG  . PHE A 1 25  ? 3.094   -6.573  -3.772  1.00 0.41 ? 24  PHE A CG  1 
ATOM   175 C  CD1 . PHE A 1 25  ? 3.353   -6.278  -2.703  1.00 0.83 ? 24  PHE A CD1 1 
ATOM   176 C  CD2 . PHE A 1 25  ? 2.722   -5.592  -4.328  1.00 0.89 ? 24  PHE A CD2 1 
ATOM   177 C  CE1 . PHE A 1 25  ? 3.239   -4.996  -2.188  1.00 0.89 ? 24  PHE A CE1 1 
ATOM   178 C  CE2 . PHE A 1 25  ? 2.606   -4.310  -3.813  1.00 0.82 ? 24  PHE A CE2 1 
ATOM   179 C  CZ  . PHE A 1 25  ? 2.867   -4.014  -2.743  1.00 0.39 ? 24  PHE A CZ  1 
ATOM   180 N  N   . ASN A 1 26  ? 6.103   -6.978  -3.181  1.00 0.64 ? 25  ASN A N   1 
ATOM   181 C  CA  . ASN A 1 26  ? 6.919   -6.831  -1.979  1.00 0.86 ? 25  ASN A CA  1 
ATOM   182 C  C   . ASN A 1 26  ? 6.457   -5.583  -1.270  1.00 1.04 ? 25  ASN A C   1 
ATOM   183 O  O   . ASN A 1 26  ? 6.257   -5.226  -1.052  1.00 2.10 ? 25  ASN A O   1 
ATOM   184 C  CB  . ASN A 1 26  ? 8.377   -6.703  -2.351  1.00 0.92 ? 25  ASN A CB  1 
ATOM   185 C  CG  . ASN A 1 26  ? 9.116   -7.836  -2.032  1.00 1.15 ? 25  ASN A CG  1 
ATOM   186 O  OD1 . ASN A 1 26  ? 9.183   -8.454  -1.753  1.00 1.47 ? 25  ASN A OD1 1 
ATOM   187 N  ND2 . ASN A 1 26  ? 9.674   -8.136  -2.065  1.00 1.88 ? 25  ASN A ND2 1 
ATOM   188 N  N   . HIS A 1 27  ? 6.269   -4.919  -0.937  1.00 0.47 ? 26  HIS A N   1 
ATOM   189 C  CA  . HIS A 1 27  ? 5.798   -3.666  -0.289  1.00 0.45 ? 26  HIS A CA  1 
ATOM   190 C  C   . HIS A 1 27  ? 6.894   -2.597  -0.386  1.00 0.44 ? 26  HIS A C   1 
ATOM   191 O  O   . HIS A 1 27  ? 6.617   -1.420  -0.498  1.00 0.45 ? 26  HIS A O   1 
ATOM   192 C  CB  . HIS A 1 27  ? 5.420   -3.919  1.177   1.00 0.52 ? 26  HIS A CB  1 
ATOM   193 C  CG  . HIS A 1 27  ? 6.626   -3.846  2.072   1.00 0.54 ? 26  HIS A CG  1 
ATOM   194 N  ND1 . HIS A 1 27  ? 7.427   -4.931  2.334   1.00 0.52 ? 26  HIS A ND1 1 
ATOM   195 C  CD2 . HIS A 1 27  ? 7.161   -2.824  2.794   1.00 0.62 ? 26  HIS A CD2 1 
ATOM   196 C  CE1 . HIS A 1 27  ? 8.391   -4.538  3.180   1.00 0.55 ? 26  HIS A CE1 1 
ATOM   197 N  NE2 . HIS A 1 27  ? 8.275   -3.262  3.492   1.00 0.61 ? 26  HIS A NE2 1 
ATOM   198 N  N   . LYS A 1 28  ? 8.136   -3.000  -0.350  1.00 0.45 ? 27  LYS A N   1 
ATOM   199 C  CA  . LYS A 1 28  ? 9.252   -2.012  -0.440  1.00 0.47 ? 27  LYS A CA  1 
ATOM   200 C  C   . LYS A 1 28  ? 9.524   -1.650  -1.899  1.00 0.49 ? 27  LYS A C   1 
ATOM   201 O  O   . LYS A 1 28  ? 9.619   -0.498  -2.248  1.00 0.56 ? 27  LYS A O   1 
ATOM   202 C  CB  . LYS A 1 28  ? 10.518  -2.615  0.166   1.00 0.46 ? 27  LYS A CB  1 
ATOM   203 C  CG  . LYS A 1 28  ? 10.560  -2.329  1.661   1.00 0.49 ? 27  LYS A CG  1 
ATOM   204 C  CD  . LYS A 1 28  ? 11.667  -2.889  2.277   1.00 0.68 ? 27  LYS A CD  1 
ATOM   205 C  CE  . LYS A 1 28  ? 12.388  -2.941  2.239   1.00 1.53 ? 27  LYS A CE  1 
ATOM   206 N  NZ  . LYS A 1 28  ? 13.206  -2.918  2.174   1.00 1.95 ? 27  LYS A NZ  1 
ATOM   207 N  N   . LYS A 1 29  ? 9.668   -2.620  -2.751  1.00 0.46 ? 28  LYS A N   1 
ATOM   208 C  CA  . LYS A 1 29  ? 9.949   -2.318  -4.182  1.00 0.50 ? 28  LYS A CA  1 
ATOM   209 C  C   . LYS A 1 29  ? 8.718   -1.694  -4.834  1.00 0.48 ? 28  LYS A C   1 
ATOM   210 O  O   . LYS A 1 29  ? 8.815   -0.811  -5.639  1.00 0.60 ? 28  LYS A O   1 
ATOM   211 C  CB  . LYS A 1 29  ? 10.311  -3.608  -4.910  1.00 0.52 ? 28  LYS A CB  1 
ATOM   212 C  CG  . LYS A 1 29  ? 10.656  -4.033  -5.246  1.00 1.40 ? 28  LYS A CG  1 
ATOM   213 C  CD  . LYS A 1 29  ? 11.343  -4.761  -5.518  1.00 1.92 ? 28  LYS A CD  1 
ATOM   214 C  CE  . LYS A 1 29  ? 11.425  -4.698  -5.598  1.00 2.74 ? 28  LYS A CE  1 
ATOM   215 N  NZ  . LYS A 1 29  ? 12.496  -4.633  -6.228  1.00 3.20 ? 28  LYS A NZ  1 
ATOM   216 N  N   . PHE A 1 30  ? 7.561   -2.148  -4.497  1.00 0.40 ? 29  PHE A N   1 
ATOM   217 C  CA  . PHE A 1 30  ? 6.322   -1.588  -5.100  1.00 0.38 ? 29  PHE A CA  1 
ATOM   218 C  C   . PHE A 1 30  ? 6.185   -0.112  -4.732  1.00 0.40 ? 29  PHE A C   1 
ATOM   219 O  O   . PHE A 1 30  ? 6.220   0.755   -5.578  1.00 0.41 ? 29  PHE A O   1 
ATOM   220 C  CB  . PHE A 1 30  ? 5.113   -2.349  -4.563  1.00 0.36 ? 29  PHE A CB  1 
ATOM   221 C  CG  . PHE A 1 30  ? 3.854   -1.758  -5.144  1.00 0.35 ? 29  PHE A CG  1 
ATOM   222 C  CD1 . PHE A 1 30  ? 3.386   -1.619  -5.799  1.00 1.10 ? 29  PHE A CD1 1 
ATOM   223 C  CD2 . PHE A 1 30  ? 3.158   -1.346  -5.028  1.00 1.27 ? 29  PHE A CD2 1 
ATOM   224 C  CE1 . PHE A 1 30  ? 2.218   -1.069  -6.338  1.00 1.10 ? 29  PHE A CE1 1 
ATOM   225 C  CE2 . PHE A 1 30  ? 1.991   -0.796  -5.566  1.00 1.28 ? 29  PHE A CE2 1 
ATOM   226 C  CZ  . PHE A 1 30  ? 1.522   -0.659  -6.221  1.00 0.38 ? 29  PHE A CZ  1 
ATOM   227 N  N   . PHE A 1 31  ? 6.014   0.174   -3.476  1.00 0.44 ? 30  PHE A N   1 
ATOM   228 C  CA  . PHE A 1 31  ? 5.855   1.588   -3.043  1.00 0.49 ? 30  PHE A CA  1 
ATOM   229 C  C   . PHE A 1 31  ? 7.097   2.396   -3.409  1.00 0.54 ? 30  PHE A C   1 
ATOM   230 O  O   . PHE A 1 31  ? 7.017   3.562   -3.726  1.00 0.59 ? 30  PHE A O   1 
ATOM   231 C  CB  . PHE A 1 31  ? 5.642   1.625   -1.532  1.00 0.50 ? 30  PHE A CB  1 
ATOM   232 C  CG  . PHE A 1 31  ? 4.222   1.231   -1.235  1.00 0.48 ? 30  PHE A CG  1 
ATOM   233 C  CD1 . PHE A 1 31  ? 3.682   0.616   -1.312  1.00 1.20 ? 30  PHE A CD1 1 
ATOM   234 C  CD2 . PHE A 1 31  ? 3.441   1.479   -0.894  1.00 1.22 ? 30  PHE A CD2 1 
ATOM   235 C  CE1 . PHE A 1 31  ? 2.362   0.247   -1.047  1.00 1.25 ? 30  PHE A CE1 1 
ATOM   236 C  CE2 . PHE A 1 31  ? 2.122   1.110   -0.630  1.00 1.18 ? 30  PHE A CE2 1 
ATOM   237 C  CZ  . PHE A 1 31  ? 1.582   0.494   -0.707  1.00 0.53 ? 30  PHE A CZ  1 
ATOM   238 N  N   . ALA A 1 32  ? 8.244   1.790   -3.369  1.00 0.55 ? 31  ALA A N   1 
ATOM   239 C  CA  . ALA A 1 32  ? 9.485   2.531   -3.716  1.00 0.62 ? 31  ALA A CA  1 
ATOM   240 C  C   . ALA A 1 32  ? 9.382   3.071   -5.139  1.00 0.55 ? 31  ALA A C   1 
ATOM   241 O  O   . ALA A 1 32  ? 9.791   4.165   -5.426  1.00 0.56 ? 31  ALA A O   1 
ATOM   242 C  CB  . ALA A 1 32  ? 10.679  1.594   -3.619  1.00 0.69 ? 31  ALA A CB  1 
ATOM   243 N  N   . LEU A 1 33  ? 8.844   2.309   -6.036  1.00 0.54 ? 32  LEU A N   1 
ATOM   244 C  CA  . LEU A 1 33  ? 8.719   2.773   -7.443  1.00 0.49 ? 32  LEU A CA  1 
ATOM   245 C  C   . LEU A 1 33  ? 7.577   3.777   -7.563  1.00 0.50 ? 32  LEU A C   1 
ATOM   246 O  O   . LEU A 1 33  ? 7.714   4.788   -8.136  1.00 0.69 ? 32  LEU A O   1 
ATOM   247 C  CB  . LEU A 1 33  ? 8.438   1.581   -8.348  1.00 0.48 ? 32  LEU A CB  1 
ATOM   248 C  CG  . LEU A 1 33  ? 9.641   0.905   -8.711  1.00 0.70 ? 32  LEU A CG  1 
ATOM   249 C  CD1 . LEU A 1 33  ? 9.679   -0.300  -8.544  1.00 1.13 ? 32  LEU A CD1 1 
ATOM   250 C  CD2 . LEU A 1 33  ? 10.031  0.903   -9.890  1.00 1.03 ? 32  LEU A CD2 1 
ATOM   251 N  N   . VAL A 1 34  ? 6.449   3.504   -7.037  1.00 0.49 ? 33  VAL A N   1 
ATOM   252 C  CA  . VAL A 1 34  ? 5.300   4.440   -7.134  1.00 0.50 ? 33  VAL A CA  1 
ATOM   253 C  C   . VAL A 1 34  ? 5.737   5.850   -6.756  1.00 0.52 ? 33  VAL A C   1 
ATOM   254 O  O   . VAL A 1 34  ? 5.525   6.780   -7.478  1.00 0.58 ? 33  VAL A O   1 
ATOM   255 C  CB  . VAL A 1 34  ? 4.186   3.981   -6.202  1.00 0.61 ? 33  VAL A CB  1 
ATOM   256 C  CG1 . VAL A 1 34  ? 3.725   4.161   -5.746  1.00 1.45 ? 33  VAL A CG1 1 
ATOM   257 C  CG2 . VAL A 1 34  ? 3.579   3.680   -6.150  1.00 1.35 ? 33  VAL A CG2 1 
ATOM   258 N  N   . GLY A 1 35  ? 6.349   6.020   -5.633  1.00 0.56 ? 34  GLY A N   1 
ATOM   259 C  CA  . GLY A 1 35  ? 6.794   7.371   -5.222  1.00 0.63 ? 34  GLY A CA  1 
ATOM   260 C  C   . GLY A 1 35  ? 6.293   7.702   -3.848  1.00 0.53 ? 34  GLY A C   1 
ATOM   261 O  O   . GLY A 1 35  ? 6.645   8.623   -3.337  1.00 0.67 ? 34  GLY A O   1 
ATOM   262 N  N   . LEU A 1 36  ? 5.470   6.969   -3.247  1.00 0.69 ? 35  LEU A N   1 
ATOM   263 C  CA  . LEU A 1 36  ? 4.944   7.252   -1.916  1.00 0.66 ? 35  LEU A CA  1 
ATOM   264 C  C   . LEU A 1 36  ? 6.049   7.289   -0.911  1.00 0.57 ? 35  LEU A C   1 
ATOM   265 O  O   . LEU A 1 36  ? 5.893   7.753   0.130   1.00 0.81 ? 35  LEU A O   1 
ATOM   266 C  CB  . LEU A 1 36  ? 3.956   6.192   -1.527  1.00 0.78 ? 35  LEU A CB  1 
ATOM   267 C  CG  . LEU A 1 36  ? 3.098   6.346   -0.685  1.00 0.84 ? 35  LEU A CG  1 
ATOM   268 C  CD1 . LEU A 1 36  ? 2.861   7.425   -0.555  1.00 1.63 ? 35  LEU A CD1 1 
ATOM   269 C  CD2 . LEU A 1 36  ? 2.311   5.977   -0.942  1.00 1.47 ? 35  LEU A CD2 1 
ATOM   270 N  N   . LYS A 1 37  ? 7.160   6.798   -1.208  1.00 0.53 ? 36  LYS A N   1 
ATOM   271 C  CA  . LYS A 1 37  ? 8.268   6.800   -0.264  1.00 0.66 ? 36  LYS A CA  1 
ATOM   272 C  C   . LYS A 1 37  ? 8.669   8.198   0.084   1.00 0.72 ? 36  LYS A C   1 
ATOM   273 O  O   . LYS A 1 37  ? 9.122   8.469   1.077   1.00 1.06 ? 36  LYS A O   1 
ATOM   274 C  CB  . LYS A 1 37  ? 9.442   6.097   -0.859  1.00 0.79 ? 36  LYS A CB  1 
ATOM   275 C  CG  . LYS A 1 37  ? 10.464  6.197   -0.551  1.00 1.24 ? 36  LYS A CG  1 
ATOM   276 C  CD  . LYS A 1 37  ? 11.630  6.473   -0.428  1.00 1.11 ? 36  LYS A CD  1 
ATOM   277 C  CE  . LYS A 1 37  ? 12.138  7.370   0.138   1.00 1.02 ? 36  LYS A CE  1 
ATOM   278 N  NZ  . LYS A 1 37  ? 13.319  7.297   0.186   1.00 1.49 ? 36  LYS A NZ  1 
ATOM   279 N  N   . ALA A 1 38  ? 8.514   9.086   -0.719  1.00 0.70 ? 37  ALA A N   1 
ATOM   280 C  CA  . ALA A 1 38  ? 8.900   10.454  -0.421  1.00 0.95 ? 37  ALA A CA  1 
ATOM   281 C  C   . ALA A 1 38  ? 7.903   11.456  -0.773  1.00 0.71 ? 37  ALA A C   1 
ATOM   282 O  O   . ALA A 1 38  ? 8.249   12.473  -1.180  1.00 0.84 ? 37  ALA A O   1 
ATOM   283 C  CB  . ALA A 1 38  ? 10.060  10.734  -1.118  1.00 1.47 ? 37  ALA A CB  1 
ATOM   284 N  N   . MET A 1 39  ? 6.669   11.183  -0.617  1.00 0.62 ? 38  MET A N   1 
ATOM   285 C  CA  . MET A 1 39  ? 5.663   12.134  -0.940  1.00 0.69 ? 38  MET A CA  1 
ATOM   286 C  C   . MET A 1 39  ? 5.548   13.122  0.155   1.00 0.80 ? 38  MET A C   1 
ATOM   287 O  O   . MET A 1 39  ? 5.765   13.544  0.349   1.00 1.77 ? 38  MET A O   1 
ATOM   288 C  CB  . MET A 1 39  ? 4.379   11.403  -1.152  1.00 0.84 ? 38  MET A CB  1 
ATOM   289 C  CG  . MET A 1 39  ? 3.749   11.594  -2.143  1.00 1.24 ? 38  MET A CG  1 
ATOM   290 S  SD  . MET A 1 39  ? 3.255   11.660  -3.073  1.00 1.58 ? 38  MET A SD  1 
ATOM   291 C  CE  . MET A 1 39  ? 2.826   11.313  -4.082  1.00 1.58 ? 38  MET A CE  1 
ATOM   292 N  N   . SER A 1 40  ? 5.213   13.497  0.871   1.00 0.62 ? 39  SER A N   1 
ATOM   293 C  CA  . SER A 1 40  ? 5.091   14.459  1.954   1.00 0.56 ? 39  SER A CA  1 
ATOM   294 C  C   . SER A 1 40  ? 4.262   13.868  3.088   1.00 0.52 ? 39  SER A C   1 
ATOM   295 O  O   . SER A 1 40  ? 3.107   13.542  2.919   1.00 0.50 ? 39  SER A O   1 
ATOM   296 C  CB  . SER A 1 40  ? 4.438   15.695  1.431   1.00 0.72 ? 39  SER A CB  1 
ATOM   297 O  OG  . SER A 1 40  ? 3.353   15.413  0.771   1.00 0.83 ? 39  SER A OG  1 
ATOM   298 N  N   . ALA A 1 41  ? 4.854   13.721  4.236   1.00 0.53 ? 40  ALA A N   1 
ATOM   299 C  CA  . ALA A 1 41  ? 4.122   13.142  5.399   1.00 0.56 ? 40  ALA A CA  1 
ATOM   300 C  C   . ALA A 1 41  ? 2.651   13.570  5.404   1.00 0.52 ? 40  ALA A C   1 
ATOM   301 O  O   . ALA A 1 41  ? 1.788   12.845  5.838   1.00 0.54 ? 40  ALA A O   1 
ATOM   302 C  CB  . ALA A 1 41  ? 4.785   13.614  6.683   1.00 0.65 ? 40  ALA A CB  1 
ATOM   303 N  N   . ASN A 1 42  ? 2.352   14.736  4.937   1.00 0.53 ? 41  ASN A N   1 
ATOM   304 C  CA  . ASN A 1 42  ? 0.935   15.190  4.932   1.00 0.56 ? 41  ASN A CA  1 
ATOM   305 C  C   . ASN A 1 42  ? 0.164   14.429  3.865   1.00 0.51 ? 41  ASN A C   1 
ATOM   306 O  O   . ASN A 1 42  ? -0.836  13.798  4.137   1.00 0.49 ? 41  ASN A O   1 
ATOM   307 C  CB  . ASN A 1 42  ? 0.884   16.681  4.628   1.00 0.65 ? 41  ASN A CB  1 
ATOM   308 C  CG  . ASN A 1 42  ? -0.234  17.131  4.327   1.00 1.16 ? 41  ASN A CG  1 
ATOM   309 O  OD1 . ASN A 1 42  ? -0.891  17.507  5.195   1.00 1.46 ? 41  ASN A OD1 1 
ATOM   310 N  ND2 . ASN A 1 42  ? -0.477  17.109  3.123   1.00 1.52 ? 41  ASN A ND2 1 
ATOM   311 N  N   . ASP A 1 43  ? 0.623   14.475  2.651   1.00 0.53 ? 42  ASP A N   1 
ATOM   312 C  CA  . ASP A 1 43  ? -0.081  13.747  1.569   1.00 0.54 ? 42  ASP A CA  1 
ATOM   313 C  C   . ASP A 1 43  ? 0.116   12.248  1.754   1.00 0.50 ? 42  ASP A C   1 
ATOM   314 O  O   . ASP A 1 43  ? -0.436  11.446  1.037   1.00 0.54 ? 42  ASP A O   1 
ATOM   315 C  CB  . ASP A 1 43  ? 0.480   14.178  0.217   1.00 0.60 ? 42  ASP A CB  1 
ATOM   316 C  CG  . ASP A 1 43  ? -0.269  15.407  -0.277  1.00 0.67 ? 42  ASP A CG  1 
ATOM   317 O  OD1 . ASP A 1 43  ? -1.036  15.770  0.021   1.00 1.19 ? 42  ASP A OD1 1 
ATOM   318 O  OD2 . ASP A 1 43  ? -0.064  15.964  -0.944  1.00 0.96 ? 42  ASP A OD2 1 
ATOM   319 N  N   . VAL A 1 44  ? 0.877   11.862  2.732   1.00 0.46 ? 43  VAL A N   1 
ATOM   320 C  CA  . VAL A 1 44  ? 1.083   10.428  2.986   1.00 0.47 ? 43  VAL A CA  1 
ATOM   321 C  C   . VAL A 1 44  ? 0.009   9.991   3.960   1.00 0.45 ? 43  VAL A C   1 
ATOM   322 O  O   . VAL A 1 44  ? -0.622  8.976   3.787   1.00 0.45 ? 43  VAL A O   1 
ATOM   323 C  CB  . VAL A 1 44  ? 2.442   10.215  3.609   1.00 0.51 ? 43  VAL A CB  1 
ATOM   324 C  CG1 . VAL A 1 44  ? 2.692   8.726   3.803   1.00 0.58 ? 43  VAL A CG1 1 
ATOM   325 C  CG2 . VAL A 1 44  ? 3.520   10.801  2.706   1.00 0.55 ? 43  VAL A CG2 1 
ATOM   326 N  N   . LYS A 1 45  ? -0.228  10.774  4.981   1.00 0.45 ? 44  LYS A N   1 
ATOM   327 C  CA  . LYS A 1 45  ? -1.283  10.417  5.930   1.00 0.46 ? 44  LYS A CA  1 
ATOM   328 C  C   . LYS A 1 45  ? -2.588  10.433  5.153   1.00 0.44 ? 44  LYS A C   1 
ATOM   329 O  O   . LYS A 1 45  ? -3.548  9.782   5.504   1.00 0.44 ? 44  LYS A O   1 
ATOM   330 C  CB  . LYS A 1 45  ? -1.325  11.432  7.076   1.00 0.52 ? 44  LYS A CB  1 
ATOM   331 C  CG  . LYS A 1 45  ? -1.143  11.409  7.812   1.00 1.48 ? 44  LYS A CG  1 
ATOM   332 C  CD  . LYS A 1 45  ? -1.156  12.386  8.811   1.00 1.70 ? 44  LYS A CD  1 
ATOM   333 C  CE  . LYS A 1 45  ? -1.365  12.545  9.874   1.00 1.64 ? 44  LYS A CE  1 
ATOM   334 N  NZ  . LYS A 1 45  ? -1.049  13.278  10.627  1.00 1.99 ? 44  LYS A NZ  1 
ATOM   335 N  N   . LYS A 1 46  ? -2.609  11.166  4.073   1.00 0.45 ? 45  LYS A N   1 
ATOM   336 C  CA  . LYS A 1 46  ? -3.823  11.215  3.233   1.00 0.45 ? 45  LYS A CA  1 
ATOM   337 C  C   . LYS A 1 46  ? -3.853  9.950   2.383   1.00 0.42 ? 45  LYS A C   1 
ATOM   338 O  O   . LYS A 1 46  ? -4.902  9.425   2.067   1.00 0.43 ? 45  LYS A O   1 
ATOM   339 C  CB  . LYS A 1 46  ? -3.770  12.446  2.326   1.00 0.48 ? 45  LYS A CB  1 
ATOM   340 C  CG  . LYS A 1 46  ? -4.891  13.244  2.460   1.00 0.69 ? 45  LYS A CG  1 
ATOM   341 C  CD  . LYS A 1 46  ? -5.430  13.803  2.165   1.00 1.42 ? 45  LYS A CD  1 
ATOM   342 C  CE  . LYS A 1 46  ? -6.331  14.535  2.525   1.00 1.74 ? 45  LYS A CE  1 
ATOM   343 N  NZ  . LYS A 1 46  ? -6.968  14.813  2.126   1.00 2.38 ? 45  LYS A NZ  1 
ATOM   344 N  N   . VAL A 1 47  ? -2.703  9.434   2.027   1.00 0.41 ? 46  VAL A N   1 
ATOM   345 C  CA  . VAL A 1 47  ? -2.694  8.183   1.216   1.00 0.39 ? 46  VAL A CA  1 
ATOM   346 C  C   . VAL A 1 47  ? -3.226  7.057   2.086   1.00 0.37 ? 46  VAL A C   1 
ATOM   347 O  O   . VAL A 1 47  ? -4.034  6.254   1.671   1.00 0.37 ? 46  VAL A O   1 
ATOM   348 C  CB  . VAL A 1 47  ? -1.267  7.853   0.772   1.00 0.40 ? 46  VAL A CB  1 
ATOM   349 C  CG1 . VAL A 1 47  ? -1.213  6.424   0.235   1.00 0.41 ? 46  VAL A CG1 1 
ATOM   350 C  CG2 . VAL A 1 47  ? -0.839  8.822   -0.326  1.00 0.44 ? 46  VAL A CG2 1 
ATOM   351 N  N   . PHE A 1 48  ? -2.782  7.020   3.302   1.00 0.35 ? 47  PHE A N   1 
ATOM   352 C  CA  . PHE A 1 48  ? -3.238  5.990   4.258   1.00 0.33 ? 47  PHE A CA  1 
ATOM   353 C  C   . PHE A 1 48  ? -4.724  6.157   4.476   1.00 0.34 ? 47  PHE A C   1 
ATOM   354 O  O   . PHE A 1 48  ? -5.480  5.225   4.364   1.00 0.33 ? 47  PHE A O   1 
ATOM   355 C  CB  . PHE A 1 48  ? -2.498  6.229   5.550   1.00 0.33 ? 47  PHE A CB  1 
ATOM   356 C  CG  . PHE A 1 48  ? -3.064  5.410   6.674   1.00 0.34 ? 47  PHE A CG  1 
ATOM   357 C  CD1 . PHE A 1 48  ? -4.335  5.675   7.194   1.00 0.37 ? 47  PHE A CD1 1 
ATOM   358 C  CD2 . PHE A 1 48  ? -2.280  4.415   7.233   1.00 0.35 ? 47  PHE A CD2 1 
ATOM   359 C  CE1 . PHE A 1 48  ? -4.810  4.930   8.277   1.00 0.40 ? 47  PHE A CE1 1 
ATOM   360 C  CE2 . PHE A 1 48  ? -2.748  3.675   8.312   1.00 0.38 ? 47  PHE A CE2 1 
ATOM   361 C  CZ  . PHE A 1 48  ? -4.012  3.931   8.836   1.00 0.41 ? 47  PHE A CZ  1 
ATOM   362 N  N   . LYS A 1 49  ? -5.146  7.346   4.788   1.00 0.36 ? 48  LYS A N   1 
ATOM   363 C  CA  . LYS A 1 49  ? -6.603  7.572   4.999   1.00 0.38 ? 48  LYS A CA  1 
ATOM   364 C  C   . LYS A 1 49  ? -7.356  6.858   3.880   1.00 0.38 ? 48  LYS A C   1 
ATOM   365 O  O   . LYS A 1 49  ? -8.464  6.397   4.054   1.00 0.39 ? 48  LYS A O   1 
ATOM   366 C  CB  . LYS A 1 49  ? -6.909  9.068   4.960   1.00 0.44 ? 48  LYS A CB  1 
ATOM   367 C  CG  . LYS A 1 49  ? -8.067  9.369   5.769   1.00 0.75 ? 48  LYS A CG  1 
ATOM   368 C  CD  . LYS A 1 49  ? -8.376  9.014   6.582   1.00 1.12 ? 48  LYS A CD  1 
ATOM   369 C  CE  . LYS A 1 49  ? -8.844  8.227   7.147   1.00 1.32 ? 48  LYS A CE  1 
ATOM   370 N  NZ  . LYS A 1 49  ? -9.914  8.573   7.498   1.00 1.91 ? 48  LYS A NZ  1 
ATOM   371 N  N   . ALA A 1 50  ? -6.740  6.742   2.736   1.00 0.39 ? 49  ALA A N   1 
ATOM   372 C  CA  . ALA A 1 50  ? -7.394  6.032   1.606   1.00 0.40 ? 49  ALA A CA  1 
ATOM   373 C  C   . ALA A 1 50  ? -7.195  4.529   1.788   1.00 0.38 ? 49  ALA A C   1 
ATOM   374 O  O   . ALA A 1 50  ? -8.098  3.748   1.582   1.00 0.40 ? 49  ALA A O   1 
ATOM   375 C  CB  . ALA A 1 50  ? -6.770  6.480   0.285   1.00 0.44 ? 49  ALA A CB  1 
ATOM   376 N  N   . ILE A 1 51  ? -6.026  4.115   2.200   1.00 0.36 ? 50  ILE A N   1 
ATOM   377 C  CA  . ILE A 1 51  ? -5.786  2.670   2.420   1.00 0.35 ? 50  ILE A CA  1 
ATOM   378 C  C   . ILE A 1 51  ? -6.851  2.152   3.367   1.00 0.36 ? 50  ILE A C   1 
ATOM   379 O  O   . ILE A 1 51  ? -7.252  1.018   3.304   1.00 0.44 ? 50  ILE A O   1 
ATOM   380 C  CB  . ILE A 1 51  ? -4.451  2.501   3.107   1.00 0.32 ? 50  ILE A CB  1 
ATOM   381 C  CG1 . ILE A 1 51  ? -3.357  3.239   2.336   1.00 0.35 ? 50  ILE A CG1 1 
ATOM   382 C  CG2 . ILE A 1 51  ? -4.097  1.031   3.194   1.00 0.31 ? 50  ILE A CG2 1 
ATOM   383 C  CD1 . ILE A 1 51  ? -3.262  2.672   0.927   1.00 0.42 ? 50  ILE A CD1 1 
ATOM   384 N  N   . ASP A 1 52  ? -7.284  2.997   4.255   1.00 0.33 ? 51  ASP A N   1 
ATOM   385 C  CA  . ASP A 1 52  ? -8.310  2.618   5.245   1.00 0.37 ? 51  ASP A CA  1 
ATOM   386 C  C   . ASP A 1 52  ? -9.634  2.505   4.562   1.00 0.43 ? 51  ASP A C   1 
ATOM   387 O  O   . ASP A 1 52  ? -10.480 3.299   4.677   1.00 0.59 ? 51  ASP A O   1 
ATOM   388 C  CB  . ASP A 1 52  ? -8.386  3.668   6.314   1.00 0.52 ? 51  ASP A CB  1 
ATOM   389 C  CG  . ASP A 1 52  ? -9.429  3.371   7.303   1.00 0.59 ? 51  ASP A CG  1 
ATOM   390 O  OD1 . ASP A 1 52  ? -9.600  2.282   7.622   1.00 0.80 ? 51  ASP A OD1 1 
ATOM   391 O  OD2 . ASP A 1 52  ? -10.038 4.236   7.723   1.00 0.76 ? 51  ASP A OD2 1 
ATOM   392 N  N   . ALA A 1 53  ? -9.787  1.531   3.827   1.00 0.66 ? 52  ALA A N   1 
ATOM   393 C  CA  . ALA A 1 53  ? -11.034 1.334   3.083   1.00 0.90 ? 52  ALA A CA  1 
ATOM   394 C  C   . ALA A 1 53  ? -12.268 1.285   3.915   1.00 0.80 ? 52  ALA A C   1 
ATOM   395 O  O   . ALA A 1 53  ? -13.144 1.443   3.471   1.00 1.01 ? 52  ALA A O   1 
ATOM   396 C  CB  . ALA A 1 53  ? -10.930 0.119   2.373   1.00 1.40 ? 52  ALA A CB  1 
ATOM   397 N  N   . ASP A 1 54  ? -12.365 1.060   5.099   1.00 0.99 ? 53  ASP A N   1 
ATOM   398 C  CA  . ASP A 1 54  ? -13.564 1.006   5.927   1.00 0.90 ? 53  ASP A CA  1 
ATOM   399 C  C   . ASP A 1 54  ? -13.632 2.213   6.824   1.00 0.89 ? 53  ASP A C   1 
ATOM   400 O  O   . ASP A 1 54  ? -14.242 2.554   7.417   1.00 1.54 ? 53  ASP A O   1 
ATOM   401 C  CB  . ASP A 1 54  ? -13.541 -0.226  6.786   1.00 0.96 ? 53  ASP A CB  1 
ATOM   402 C  CG  . ASP A 1 54  ? -12.203 -0.356  7.442   1.00 1.11 ? 53  ASP A CG  1 
ATOM   403 O  OD1 . ASP A 1 54  ? -11.459 0.369   7.356   1.00 1.34 ? 53  ASP A OD1 1 
ATOM   404 O  OD2 . ASP A 1 54  ? -11.946 -1.179  8.018   1.00 1.33 ? 53  ASP A OD2 1 
ATOM   405 N  N   . ALA A 1 55  ? -13.023 2.870   6.916   1.00 0.82 ? 54  ALA A N   1 
ATOM   406 C  CA  . ALA A 1 55  ? -13.058 4.077   7.750   1.00 1.02 ? 54  ALA A CA  1 
ATOM   407 C  C   . ALA A 1 55  ? -12.774 3.800   9.214   1.00 0.87 ? 54  ALA A C   1 
ATOM   408 O  O   . ALA A 1 55  ? -13.439 4.220   10.075  1.00 1.09 ? 54  ALA A O   1 
ATOM   409 C  CB  . ALA A 1 55  ? -14.394 4.683   7.626   1.00 1.36 ? 54  ALA A CB  1 
ATOM   410 N  N   . SER A 1 56  ? -11.791 3.114   9.513   1.00 0.63 ? 55  SER A N   1 
ATOM   411 C  CA  . SER A 1 56  ? -11.477 2.841   10.925  1.00 0.56 ? 55  SER A CA  1 
ATOM   412 C  C   . SER A 1 56  ? -10.095 3.382   11.235  1.00 0.48 ? 55  SER A C   1 
ATOM   413 O  O   . SER A 1 56  ? -9.397  2.846   12.047  1.00 0.44 ? 55  SER A O   1 
ATOM   414 C  CB  . SER A 1 56  ? -11.509 1.341   11.167  1.00 0.55 ? 55  SER A CB  1 
ATOM   415 O  OG  . SER A 1 56  ? -10.996 0.760   10.614  1.00 1.21 ? 55  SER A OG  1 
ATOM   416 N  N   . GLY A 1 57  ? -9.699  4.440   10.592  1.00 0.54 ? 56  GLY A N   1 
ATOM   417 C  CA  . GLY A 1 57  ? -8.360  5.024   10.835  1.00 0.54 ? 56  GLY A CA  1 
ATOM   418 C  C   . GLY A 1 57  ? -7.328  3.911   10.964  1.00 0.46 ? 56  GLY A C   1 
ATOM   419 O  O   . GLY A 1 57  ? -6.355  4.043   11.666  1.00 0.50 ? 56  GLY A O   1 
ATOM   420 N  N   . PHE A 1 58  ? -7.539  2.806   10.305  1.00 0.39 ? 57  PHE A N   1 
ATOM   421 C  CA  . PHE A 1 58  ? -6.573  1.684   10.414  1.00 0.34 ? 57  PHE A CA  1 
ATOM   422 C  C   . PHE A 1 58  ? -6.533  0.872   9.119   1.00 0.31 ? 57  PHE A C   1 
ATOM   423 O  O   . PHE A 1 58  ? -7.522  0.712   8.445   1.00 0.35 ? 57  PHE A O   1 
ATOM   424 C  CB  . PHE A 1 58  ? -7.005  0.769   11.552  1.00 0.37 ? 57  PHE A CB  1 
ATOM   425 C  CG  . PHE A 1 58  ? -6.878  1.494   12.860  1.00 0.40 ? 57  PHE A CG  1 
ATOM   426 C  CD1 . PHE A 1 58  ? -5.675  2.097   13.199  1.00 0.49 ? 57  PHE A CD1 1 
ATOM   427 C  CD2 . PHE A 1 58  ? -7.956  1.560   13.737  1.00 0.42 ? 57  PHE A CD2 1 
ATOM   428 C  CE1 . PHE A 1 58  ? -5.550  2.769   14.414  1.00 0.57 ? 57  PHE A CE1 1 
ATOM   429 C  CE2 . PHE A 1 58  ? -7.831  2.232   14.953  1.00 0.48 ? 57  PHE A CE2 1 
ATOM   430 C  CZ  . PHE A 1 58  ? -6.628  2.836   15.291  1.00 0.55 ? 57  PHE A CZ  1 
ATOM   431 N  N   . ILE A 1 59  ? -5.399  0.326   8.793   1.00 0.31 ? 58  ILE A N   1 
ATOM   432 C  CA  . ILE A 1 59  ? -5.289  -0.518  7.573   1.00 0.31 ? 58  ILE A CA  1 
ATOM   433 C  C   . ILE A 1 59  ? -5.448  -1.967  8.015   1.00 0.35 ? 58  ILE A C   1 
ATOM   434 O  O   . ILE A 1 59  ? -4.572  -2.528  8.628   1.00 0.40 ? 58  ILE A O   1 
ATOM   435 C  CB  . ILE A 1 59  ? -3.924  -0.338  6.929   1.00 0.34 ? 58  ILE A CB  1 
ATOM   436 C  CG1 . ILE A 1 59  ? -3.545  1.118   6.942   1.00 0.55 ? 58  ILE A CG1 1 
ATOM   437 C  CG2 . ILE A 1 59  ? -3.979  -0.824  5.501   1.00 0.30 ? 58  ILE A CG2 1 
ATOM   438 C  CD1 . ILE A 1 59  ? -4.357  2.006   6.314   1.00 0.40 ? 58  ILE A CD1 1 
ATOM   439 N  N   . GLU A 1 60  ? -6.562  -2.572  7.745   1.00 0.39 ? 59  GLU A N   1 
ATOM   440 C  CA  . GLU A 1 60  ? -6.762  -3.973  8.195   1.00 0.46 ? 59  GLU A CA  1 
ATOM   441 C  C   . GLU A 1 60  ? -6.254  -4.952  7.142   1.00 0.42 ? 59  GLU A C   1 
ATOM   442 O  O   . GLU A 1 60  ? -6.041  -4.603  6.003   1.00 0.40 ? 59  GLU A O   1 
ATOM   443 C  CB  . GLU A 1 60  ? -8.245  -4.221  8.432   1.00 0.57 ? 59  GLU A CB  1 
ATOM   444 C  CG  . GLU A 1 60  ? -8.734  -3.344  9.530   1.00 0.74 ? 59  GLU A CG  1 
ATOM   445 C  CD  . GLU A 1 60  ? -9.604  -3.510  10.213  1.00 0.84 ? 59  GLU A CD  1 
ATOM   446 O  OE1 . GLU A 1 60  ? -9.720  -3.813  9.910   1.00 1.79 ? 59  GLU A OE1 1 
ATOM   447 O  OE2 . GLU A 1 60  ? -10.139 -3.332  11.027  1.00 0.98 ? 59  GLU A OE2 1 
ATOM   448 N  N   . GLU A 1 61  ? -6.053  -6.180  7.524   1.00 0.42 ? 60  GLU A N   1 
ATOM   449 C  CA  . GLU A 1 61  ? -5.557  -7.198  6.557   1.00 0.39 ? 60  GLU A CA  1 
ATOM   450 C  C   . GLU A 1 61  ? -6.421  -7.179  5.295   1.00 0.37 ? 60  GLU A C   1 
ATOM   451 O  O   . GLU A 1 61  ? -5.932  -7.296  4.193   1.00 0.35 ? 60  GLU A O   1 
ATOM   452 C  CB  . GLU A 1 61  ? -5.633  -8.580  7.198   1.00 0.46 ? 60  GLU A CB  1 
ATOM   453 C  CG  . GLU A 1 61  ? -4.725  -8.732  8.208   1.00 0.82 ? 60  GLU A CG  1 
ATOM   454 C  CD  . GLU A 1 61  ? -5.027  -9.438  8.750   1.00 1.61 ? 60  GLU A CD  1 
ATOM   455 O  OE1 . GLU A 1 61  ? -5.690  -10.125 8.401   1.00 1.97 ? 60  GLU A OE1 1 
ATOM   456 O  OE2 . GLU A 1 61  ? -4.589  -9.279  9.504   1.00 2.24 ? 60  GLU A OE2 1 
ATOM   457 N  N   . GLU A 1 62  ? -7.704  -7.044  5.448   1.00 0.42 ? 61  GLU A N   1 
ATOM   458 C  CA  . GLU A 1 62  ? -8.600  -7.029  4.259   1.00 0.46 ? 61  GLU A CA  1 
ATOM   459 C  C   . GLU A 1 62  ? -8.261  -5.844  3.362   1.00 0.45 ? 61  GLU A C   1 
ATOM   460 O  O   . GLU A 1 62  ? -8.352  -5.925  2.156   1.00 0.45 ? 61  GLU A O   1 
ATOM   461 C  CB  . GLU A 1 62  ? -10.049 -6.921  4.720   1.00 0.57 ? 61  GLU A CB  1 
ATOM   462 C  CG  . GLU A 1 62  ? -10.643 -7.182  4.638   1.00 1.47 ? 61  GLU A CG  1 
ATOM   463 C  CD  . GLU A 1 62  ? -11.443 -7.482  4.606   1.00 1.87 ? 61  GLU A CD  1 
ATOM   464 O  OE1 . GLU A 1 62  ? -11.856 -7.706  4.728   1.00 2.65 ? 61  GLU A OE1 1 
ATOM   465 O  OE2 . GLU A 1 62  ? -11.631 -7.481  4.460   1.00 2.20 ? 61  GLU A OE2 1 
ATOM   466 N  N   . GLU A 1 63  ? -7.861  -4.746  3.936   1.00 0.48 ? 62  GLU A N   1 
ATOM   467 C  CA  . GLU A 1 63  ? -7.508  -3.566  3.109   1.00 0.52 ? 62  GLU A CA  1 
ATOM   468 C  C   . GLU A 1 63  ? -6.212  -3.870  2.383   1.00 0.45 ? 62  GLU A C   1 
ATOM   469 O  O   . GLU A 1 63  ? -6.009  -3.500  1.256   1.00 0.50 ? 62  GLU A O   1 
ATOM   470 C  CB  . GLU A 1 63  ? -7.319  -2.352  4.012   1.00 0.61 ? 62  GLU A CB  1 
ATOM   471 C  CG  . GLU A 1 63  ? -8.543  -1.807  4.419   1.00 0.92 ? 62  GLU A CG  1 
ATOM   472 C  CD  . GLU A 1 63  ? -9.378  -1.693  4.732   1.00 1.31 ? 62  GLU A CD  1 
ATOM   473 O  OE1 . GLU A 1 63  ? -10.169 -1.784  5.216   1.00 1.70 ? 62  GLU A OE1 1 
ATOM   474 O  OE2 . GLU A 1 63  ? -9.214  -1.518  4.480   1.00 2.09 ? 62  GLU A OE2 1 
ATOM   475 N  N   . LEU A 1 64  ? -5.341  -4.562  3.035   1.00 0.41 ? 63  LEU A N   1 
ATOM   476 C  CA  . LEU A 1 64  ? -4.052  -4.932  2.421   1.00 0.40 ? 63  LEU A CA  1 
ATOM   477 C  C   . LEU A 1 64  ? -4.317  -5.718  1.139   1.00 0.37 ? 63  LEU A C   1 
ATOM   478 O  O   . LEU A 1 64  ? -3.627  -5.584  0.169   1.00 0.44 ? 63  LEU A O   1 
ATOM   479 C  CB  . LEU A 1 64  ? -3.283  -5.798  3.407   1.00 0.40 ? 63  LEU A CB  1 
ATOM   480 C  CG  . LEU A 1 64  ? -2.685  -4.923  4.502   1.00 0.45 ? 63  LEU A CG  1 
ATOM   481 C  CD1 . LEU A 1 64  ? -2.072  -5.801  5.578   1.00 0.49 ? 63  LEU A CD1 1 
ATOM   482 C  CD2 . LEU A 1 64  ? -1.613  -4.030  3.906   1.00 0.58 ? 63  LEU A CD2 1 
ATOM   483 N  N   . LYS A 1 65  ? -5.318  -6.535  1.130   1.00 0.37 ? 64  LYS A N   1 
ATOM   484 C  CA  . LYS A 1 65  ? -5.639  -7.329  -0.085  1.00 0.36 ? 64  LYS A CA  1 
ATOM   485 C  C   . LYS A 1 65  ? -6.077  -6.401  -1.197  1.00 0.40 ? 64  LYS A C   1 
ATOM   486 O  O   . LYS A 1 65  ? -5.675  -6.528  -2.319  1.00 0.46 ? 64  LYS A O   1 
ATOM   487 C  CB  . LYS A 1 65  ? -6.757  -8.295  0.225   1.00 0.45 ? 64  LYS A CB  1 
ATOM   488 C  CG  . LYS A 1 65  ? -6.825  -9.343  -0.695  1.00 0.75 ? 64  LYS A CG  1 
ATOM   489 C  CD  . LYS A 1 65  ? -7.576  -10.220 -0.827  1.00 0.97 ? 64  LYS A CD  1 
ATOM   490 C  CE  . LYS A 1 65  ? -8.078  -10.831 -1.420  1.00 1.27 ? 64  LYS A CE  1 
ATOM   491 N  NZ  . LYS A 1 65  ? -8.132  -11.658 -1.383  1.00 1.87 ? 64  LYS A NZ  1 
ATOM   492 N  N   . PHE A 1 66  ? -6.899  -5.468  -0.892  1.00 0.53 ? 65  PHE A N   1 
ATOM   493 C  CA  . PHE A 1 66  ? -7.360  -4.533  -1.930  1.00 0.70 ? 65  PHE A CA  1 
ATOM   494 C  C   . PHE A 1 66  ? -6.561  -3.250  -1.849  1.00 0.73 ? 65  PHE A C   1 
ATOM   495 O  O   . PHE A 1 66  ? -6.953  -2.260  -2.339  1.00 0.92 ? 65  PHE A O   1 
ATOM   496 C  CB  . PHE A 1 66  ? -8.816  -4.220  -1.720  1.00 0.85 ? 65  PHE A CB  1 
ATOM   497 C  CG  . PHE A 1 66  ? -9.623  -5.439  -1.876  1.00 0.90 ? 65  PHE A CG  1 
ATOM   498 C  CD1 . PHE A 1 66  ? -9.596  -6.199  -2.615  1.00 1.12 ? 65  PHE A CD1 1 
ATOM   499 C  CD2 . PHE A 1 66  ? -10.397 -5.810  -1.283  1.00 1.52 ? 65  PHE A CD2 1 
ATOM   500 C  CE1 . PHE A 1 66  ? -10.344 -7.330  -2.758  1.00 1.27 ? 65  PHE A CE1 1 
ATOM   501 C  CE2 . PHE A 1 66  ? -11.144 -6.940  -1.427  1.00 1.66 ? 65  PHE A CE2 1 
ATOM   502 C  CZ  . PHE A 1 66  ? -11.117 -7.700  -2.165  1.00 1.28 ? 65  PHE A CZ  1 
ATOM   503 N  N   . VAL A 1 67  ? -5.450  -3.261  -1.223  1.00 0.67 ? 66  VAL A N   1 
ATOM   504 C  CA  . VAL A 1 67  ? -4.626  -2.040  -1.096  1.00 0.77 ? 66  VAL A CA  1 
ATOM   505 C  C   . VAL A 1 67  ? -4.399  -1.384  -2.421  1.00 0.76 ? 66  VAL A C   1 
ATOM   506 O  O   . VAL A 1 67  ? -4.079  -0.333  -2.461  1.00 0.95 ? 66  VAL A O   1 
ATOM   507 C  CB  . VAL A 1 67  ? -3.294  -2.371  -0.499  1.00 0.87 ? 66  VAL A CB  1 
ATOM   508 C  CG1 . VAL A 1 67  ? -2.546  -3.221  -1.402  1.00 0.84 ? 66  VAL A CG1 1 
ATOM   509 C  CG2 . VAL A 1 67  ? -2.513  -1.137  -0.267  1.00 1.12 ? 66  VAL A CG2 1 
ATOM   510 N  N   . LEU A 1 68  ? -4.553  -1.982  -3.505  1.00 0.89 ? 67  LEU A N   1 
ATOM   511 C  CA  . LEU A 1 68  ? -4.339  -1.366  -4.802  1.00 0.98 ? 67  LEU A CA  1 
ATOM   512 C  C   . LEU A 1 68  ? -5.640  -1.034  -5.473  1.00 0.92 ? 67  LEU A C   1 
ATOM   513 O  O   . LEU A 1 68  ? -5.690  -0.812  -6.547  1.00 0.98 ? 67  LEU A O   1 
ATOM   514 C  CB  . LEU A 1 68  ? -3.605  -2.280  -5.670  1.00 1.22 ? 67  LEU A CB  1 
ATOM   515 C  CG  . LEU A 1 68  ? -2.400  -2.322  -5.531  1.00 1.44 ? 67  LEU A CG  1 
ATOM   516 C  CD1 . LEU A 1 68  ? -1.497  -2.652  -5.988  1.00 1.53 ? 67  LEU A CD1 1 
ATOM   517 C  CD2 . LEU A 1 68  ? -1.841  -1.778  -5.479  1.00 2.04 ? 67  LEU A CD2 1 
ATOM   518 N  N   . LYS A 1 69  ? -6.689  -0.996  -4.854  1.00 1.09 ? 68  LYS A N   1 
ATOM   519 C  CA  . LYS A 1 69  ? -7.987  -0.674  -5.459  1.00 1.07 ? 68  LYS A CA  1 
ATOM   520 C  C   . LYS A 1 69  ? -8.098  0.826   -5.637  1.00 1.00 ? 68  LYS A C   1 
ATOM   521 O  O   . LYS A 1 69  ? -8.702  1.299   -6.559  1.00 0.99 ? 68  LYS A O   1 
ATOM   522 C  CB  . LYS A 1 69  ? -9.106  -1.154  -4.558  1.00 1.24 ? 68  LYS A CB  1 
ATOM   523 C  CG  . LYS A 1 69  ? -10.092 -1.086  -4.826  1.00 1.62 ? 68  LYS A CG  1 
ATOM   524 C  CD  . LYS A 1 69  ? -10.891 -1.106  -4.512  1.00 2.12 ? 68  LYS A CD  1 
ATOM   525 C  CE  . LYS A 1 69  ? -10.732 -0.422  -5.229  1.00 2.80 ? 68  LYS A CE  1 
ATOM   526 N  NZ  . LYS A 1 69  ? -11.486 -0.179  -4.774  1.00 3.73 ? 68  LYS A NZ  1 
ATOM   527 N  N   . SER A 1 70  ? -7.507  1.580   -4.766  1.00 1.01 ? 69  SER A N   1 
ATOM   528 C  CA  . SER A 1 70  ? -7.566  3.049   -4.892  1.00 0.99 ? 69  SER A CA  1 
ATOM   529 C  C   . SER A 1 70  ? -6.751  3.472   -6.081  1.00 0.80 ? 69  SER A C   1 
ATOM   530 O  O   . SER A 1 70  ? -7.016  4.471   -6.690  1.00 0.77 ? 69  SER A O   1 
ATOM   531 C  CB  . SER A 1 70  ? -7.010  3.690   -3.659  1.00 1.17 ? 69  SER A CB  1 
ATOM   532 O  OG  . SER A 1 70  ? -7.698  3.277   -2.614  1.00 1.56 ? 69  SER A OG  1 
ATOM   533 N  N   . PHE A 1 71  ? -5.765  2.708   -6.416  1.00 0.75 ? 70  PHE A N   1 
ATOM   534 C  CA  . PHE A 1 71  ? -4.931  3.045   -7.569  1.00 0.67 ? 70  PHE A CA  1 
ATOM   535 C  C   . PHE A 1 71  ? -5.501  2.371   -8.795  1.00 0.64 ? 70  PHE A C   1 
ATOM   536 O  O   . PHE A 1 71  ? -5.223  2.742   -9.878  1.00 0.71 ? 70  PHE A O   1 
ATOM   537 C  CB  . PHE A 1 71  ? -3.527  2.541   -7.333  1.00 0.74 ? 70  PHE A CB  1 
ATOM   538 C  CG  . PHE A 1 71  ? -2.931  3.127   -6.121  1.00 0.71 ? 70  PHE A CG  1 
ATOM   539 C  CD1 . PHE A 1 71  ? -3.114  3.873   -5.558  1.00 1.25 ? 70  PHE A CD1 1 
ATOM   540 C  CD2 . PHE A 1 71  ? -2.188  2.921   -5.560  1.00 1.27 ? 70  PHE A CD2 1 
ATOM   541 C  CE1 . PHE A 1 71  ? -2.556  4.412   -4.435  1.00 1.34 ? 70  PHE A CE1 1 
ATOM   542 C  CE2 . PHE A 1 71  ? -1.630  3.460   -4.437  1.00 1.37 ? 70  PHE A CE2 1 
ATOM   543 C  CZ  . PHE A 1 71  ? -1.814  4.206   -3.875  1.00 1.00 ? 70  PHE A CZ  1 
ATOM   544 N  N   . ALA A 1 72  ? -6.299  1.382   -8.631  1.00 0.71 ? 71  ALA A N   1 
ATOM   545 C  CA  . ALA A 1 72  ? -6.889  0.683   -9.782  1.00 0.78 ? 71  ALA A CA  1 
ATOM   546 C  C   . ALA A 1 72  ? -8.089  -0.043  -9.372  1.00 0.87 ? 71  ALA A C   1 
ATOM   547 O  O   . ALA A 1 72  ? -8.127  -0.701  -8.991  1.00 1.48 ? 71  ALA A O   1 
ATOM   548 C  CB  . ALA A 1 72  ? -5.942  -0.299  -10.368 1.00 0.77 ? 71  ALA A CB  1 
ATOM   549 N  N   . ALA A 1 73  ? -9.062  0.068   -9.448  1.00 1.10 ? 72  ALA A N   1 
ATOM   550 C  CA  . ALA A 1 73  ? -10.258 -0.623  -9.053  1.00 1.25 ? 72  ALA A CA  1 
ATOM   551 C  C   . ALA A 1 73  ? -10.010 -2.092  -9.096  1.00 1.20 ? 72  ALA A C   1 
ATOM   552 O  O   . ALA A 1 73  ? -10.446 -2.787  -8.296  1.00 1.43 ? 72  ALA A O   1 
ATOM   553 C  CB  . ALA A 1 73  ? -11.340 -0.306  -9.988  1.00 1.55 ? 72  ALA A CB  1 
ATOM   554 N  N   . ASP A 1 74  ? -9.303  -2.565  -10.027 1.00 1.02 ? 73  ASP A N   1 
ATOM   555 C  CA  . ASP A 1 74  ? -9.007  -3.981  -10.140 1.00 1.04 ? 73  ASP A CA  1 
ATOM   556 C  C   . ASP A 1 74  ? -7.749  -4.116  -10.503 1.00 0.91 ? 73  ASP A C   1 
ATOM   557 O  O   . ASP A 1 74  ? -7.607  -4.802  -11.318 1.00 1.25 ? 73  ASP A O   1 
ATOM   558 C  CB  . ASP A 1 74  ? -9.755  -4.656  -11.068 1.00 1.31 ? 73  ASP A CB  1 
ATOM   559 C  CG  . ASP A 1 74  ? -9.990  -6.039  -10.870 1.00 1.43 ? 73  ASP A CG  1 
ATOM   560 O  OD1 . ASP A 1 74  ? -9.789  -6.469  -10.340 1.00 1.65 ? 73  ASP A OD1 1 
ATOM   561 O  OD2 . ASP A 1 74  ? -10.367 -6.643  -11.253 1.00 1.93 ? 73  ASP A OD2 1 
ATOM   562 N  N   . GLY A 1 75  ? -6.838  -3.446  -9.913  1.00 0.85 ? 74  GLY A N   1 
ATOM   563 C  CA  . GLY A 1 75  ? -5.594  -3.509  -10.232 1.00 1.32 ? 74  GLY A CA  1 
ATOM   564 C  C   . GLY A 1 75  ? -4.823  -4.727  -9.802  1.00 1.25 ? 74  GLY A C   1 
ATOM   565 O  O   . GLY A 1 75  ? -4.754  -5.698  -10.396 1.00 1.58 ? 74  GLY A O   1 
ATOM   566 N  N   . ARG A 1 76  ? -4.225  -4.675  -8.781  1.00 0.98 ? 75  ARG A N   1 
ATOM   567 C  CA  . ARG A 1 76  ? -3.435  -5.822  -8.322  1.00 1.04 ? 75  ARG A CA  1 
ATOM   568 C  C   . ARG A 1 76  ? -4.219  -6.790  -7.554  1.00 0.89 ? 75  ARG A C   1 
ATOM   569 O  O   . ARG A 1 76  ? -4.348  -7.055  -7.214  1.00 1.72 ? 75  ARG A O   1 
ATOM   570 C  CB  . ARG A 1 76  ? -2.355  -5.346  -7.499  1.00 1.19 ? 75  ARG A CB  1 
ATOM   571 C  CG  . ARG A 1 76  ? -1.191  -5.959  -7.762  1.00 1.56 ? 75  ARG A CG  1 
ATOM   572 C  CD  . ARG A 1 76  ? -0.649  -6.922  -7.839  1.00 1.32 ? 75  ARG A CD  1 
ATOM   573 N  NE  . ARG A 1 76  ? -0.376  -7.794  -7.478  1.00 1.16 ? 75  ARG A NE  1 
ATOM   574 C  CZ  . ARG A 1 76  ? -0.338  -8.741  -7.282  1.00 0.90 ? 75  ARG A CZ  1 
ATOM   575 N  NH1 . ARG A 1 76  ? -0.562  -9.004  -7.031  1.00 1.33 ? 75  ARG A NH1 1 
ATOM   576 N  NH2 . ARG A 1 76  ? -0.075  -9.423  -7.336  1.00 1.67 ? 75  ARG A NH2 1 
ATOM   577 N  N   . ASP A 1 77  ? -4.725  -7.330  -7.270  1.00 0.87 ? 76  ASP A N   1 
ATOM   578 C  CA  . ASP A 1 77  ? -5.476  -8.292  -6.515  1.00 0.70 ? 76  ASP A CA  1 
ATOM   579 C  C   . ASP A 1 77  ? -4.507  -9.220  -5.822  1.00 0.58 ? 76  ASP A C   1 
ATOM   580 O  O   . ASP A 1 77  ? -3.964  -10.086 -6.412  1.00 0.65 ? 76  ASP A O   1 
ATOM   581 C  CB  . ASP A 1 77  ? -6.350  -9.064  -7.430  1.00 0.90 ? 76  ASP A CB  1 
ATOM   582 C  CG  . ASP A 1 77  ? -7.529  -9.161  -7.202  1.00 1.05 ? 76  ASP A CG  1 
ATOM   583 O  OD1 . ASP A 1 77  ? -7.831  -8.684  -6.850  1.00 1.58 ? 76  ASP A OD1 1 
ATOM   584 O  OD2 . ASP A 1 77  ? -8.109  -9.711  -7.383  1.00 1.58 ? 76  ASP A OD2 1 
ATOM   585 N  N   . LEU A 1 78  ? -4.274  -9.035  -4.577  1.00 0.57 ? 77  LEU A N   1 
ATOM   586 C  CA  . LEU A 1 78  ? -3.323  -9.890  -3.847  1.00 0.56 ? 77  LEU A CA  1 
ATOM   587 C  C   . LEU A 1 78  ? -3.642  -11.343 -4.049  1.00 0.63 ? 77  LEU A C   1 
ATOM   588 O  O   . LEU A 1 78  ? -4.744  -11.693 -4.331  1.00 0.81 ? 77  LEU A O   1 
ATOM   589 C  CB  . LEU A 1 78  ? -3.377  -9.564  -2.390  1.00 0.73 ? 77  LEU A CB  1 
ATOM   590 C  CG  . LEU A 1 78  ? -2.500  -8.419  -2.070  1.00 0.82 ? 77  LEU A CG  1 
ATOM   591 C  CD1 . LEU A 1 78  ? -1.815  -8.396  -1.828  1.00 1.41 ? 77  LEU A CD1 1 
ATOM   592 C  CD2 . LEU A 1 78  ? -2.112  -7.700  -2.455  1.00 1.22 ? 77  LEU A CD2 1 
ATOM   593 N  N   . THR A 1 79  ? -2.675  -12.187 -3.912  1.00 0.61 ? 78  THR A N   1 
ATOM   594 C  CA  . THR A 1 79  ? -2.889  -13.618 -4.095  1.00 0.82 ? 78  THR A CA  1 
ATOM   595 C  C   . THR A 1 79  ? -3.126  -14.291 -2.775  1.00 0.86 ? 78  THR A C   1 
ATOM   596 O  O   . THR A 1 79  ? -3.400  -15.209 -2.701  1.00 1.42 ? 78  THR A O   1 
ATOM   597 C  CB  . THR A 1 79  ? -1.662  -14.202 -4.690  1.00 0.90 ? 78  THR A CB  1 
ATOM   598 O  OG1 . THR A 1 79  ? -0.942  -13.674 -5.022  1.00 1.30 ? 78  THR A OG1 1 
ATOM   599 C  CG2 . THR A 1 79  ? -1.621  -14.823 -5.553  1.00 1.23 ? 78  THR A CG2 1 
ATOM   600 N  N   . ASP A 1 80  ? -2.974  -13.830 -1.754  1.00 0.68 ? 79  ASP A N   1 
ATOM   601 C  CA  . ASP A 1 80  ? -3.117  -14.381 -0.386  1.00 0.64 ? 79  ASP A CA  1 
ATOM   602 C  C   . ASP A 1 80  ? -1.727  -14.394 0.201   1.00 0.55 ? 79  ASP A C   1 
ATOM   603 O  O   . ASP A 1 80  ? -1.444  -13.738 1.176   1.00 0.50 ? 79  ASP A O   1 
ATOM   604 C  CB  . ASP A 1 80  ? -3.674  -15.799 -0.395  1.00 0.78 ? 79  ASP A CB  1 
ATOM   605 C  CG  . ASP A 1 80  ? -4.162  -16.173 0.725   1.00 1.25 ? 79  ASP A CG  1 
ATOM   606 O  OD1 . ASP A 1 80  ? -4.202  -15.602 1.450   1.00 1.60 ? 79  ASP A OD1 1 
ATOM   607 O  OD2 . ASP A 1 80  ? -4.485  -17.023 0.839   1.00 1.76 ? 79  ASP A OD2 1 
ATOM   608 N  N   . ALA A 1 81  ? -0.838  -15.103 -0.422  1.00 0.58 ? 80  ALA A N   1 
ATOM   609 C  CA  . ALA A 1 81  ? 0.559   -15.111 0.074   1.00 0.55 ? 80  ALA A CA  1 
ATOM   610 C  C   . ALA A 1 81  ? 1.102   -13.684 -0.034  1.00 0.45 ? 80  ALA A C   1 
ATOM   611 O  O   . ALA A 1 81  ? 1.834   -13.216 0.811   1.00 0.44 ? 80  ALA A O   1 
ATOM   612 C  CB  . ALA A 1 81  ? 1.401   -16.047 -0.782  1.00 0.65 ? 80  ALA A CB  1 
ATOM   613 N  N   . GLU A 1 82  ? 0.725   -12.990 -1.073  1.00 0.42 ? 81  GLU A N   1 
ATOM   614 C  CA  . GLU A 1 82  ? 1.181   -11.586 -1.266  1.00 0.37 ? 81  GLU A CA  1 
ATOM   615 C  C   . GLU A 1 82  ? 0.659   -10.724 -0.120  1.00 0.30 ? 81  GLU A C   1 
ATOM   616 O  O   . GLU A 1 82  ? 1.256   -9.752  0.276   1.00 0.31 ? 81  GLU A O   1 
ATOM   617 C  CB  . GLU A 1 82  ? 0.620   -11.060 -2.579  1.00 0.44 ? 81  GLU A CB  1 
ATOM   618 C  CG  . GLU A 1 82  ? 1.347   -11.463 -3.657  1.00 0.69 ? 81  GLU A CG  1 
ATOM   619 C  CD  . GLU A 1 82  ? 0.963   -10.843 -4.963  1.00 0.55 ? 81  GLU A CD  1 
ATOM   620 O  OE1 . GLU A 1 82  ? 0.338   -10.215 -5.115  1.00 0.98 ? 81  GLU A OE1 1 
ATOM   621 O  OE2 . GLU A 1 82  ? 1.303   -11.008 -5.790  1.00 0.95 ? 81  GLU A OE2 1 
ATOM   622 N  N   . THR A 1 83  ? -0.456  -11.100 0.408   1.00 0.31 ? 82  THR A N   1 
ATOM   623 C  CA  . THR A 1 83  ? -1.084  -10.380 1.519   1.00 0.32 ? 82  THR A CA  1 
ATOM   624 C  C   . THR A 1 83  ? -0.400  -10.797 2.802   1.00 0.32 ? 82  THR A C   1 
ATOM   625 O  O   . THR A 1 83  ? -0.409  -10.088 3.785   1.00 0.34 ? 82  THR A O   1 
ATOM   626 C  CB  . THR A 1 83  ? -2.531  -10.820 1.563   1.00 0.40 ? 82  THR A CB  1 
ATOM   627 O  OG1 . THR A 1 83  ? -3.239  -10.227 0.487   1.00 0.43 ? 82  THR A OG1 1 
ATOM   628 C  CG2 . THR A 1 83  ? -3.156  -10.402 2.887   1.00 0.47 ? 82  THR A CG2 1 
ATOM   629 N  N   . LYS A 1 84  ? 0.201   -11.948 2.800   1.00 0.34 ? 83  LYS A N   1 
ATOM   630 C  CA  . LYS A 1 84  ? 0.883   -12.397 4.010   1.00 0.38 ? 83  LYS A CA  1 
ATOM   631 C  C   . LYS A 1 84  ? 2.241   -11.728 4.050   1.00 0.36 ? 83  LYS A C   1 
ATOM   632 O  O   . LYS A 1 84  ? 2.928   -11.745 5.049   1.00 0.38 ? 83  LYS A O   1 
ATOM   633 C  CB  . LYS A 1 84  ? 1.047   -13.915 3.990   1.00 0.44 ? 83  LYS A CB  1 
ATOM   634 C  CG  . LYS A 1 84  ? 0.626   -14.495 5.201   1.00 0.77 ? 83  LYS A CG  1 
ATOM   635 C  CD  . LYS A 1 84  ? 0.785   -15.153 5.966   1.00 1.00 ? 83  LYS A CD  1 
ATOM   636 C  CE  . LYS A 1 84  ? 0.693   -16.093 6.491   1.00 1.25 ? 83  LYS A CE  1 
ATOM   637 N  NZ  . LYS A 1 84  ? 0.429   -16.429 6.867   1.00 2.14 ? 83  LYS A NZ  1 
ATOM   638 N  N   . ALA A 1 85  ? 2.630   -11.124 2.963   1.00 0.35 ? 84  ALA A N   1 
ATOM   639 C  CA  . ALA A 1 85  ? 3.929   -10.446 2.939   1.00 0.37 ? 84  ALA A CA  1 
ATOM   640 C  C   . ALA A 1 85  ? 3.730   -9.011  3.410   1.00 0.35 ? 84  ALA A C   1 
ATOM   641 O  O   . ALA A 1 85  ? 4.418   -8.523  4.280   1.00 0.38 ? 84  ALA A O   1 
ATOM   642 C  CB  . ALA A 1 85  ? 4.499   -10.457 1.520   1.00 0.38 ? 84  ALA A CB  1 
ATOM   643 N  N   . PHE A 1 86  ? 2.772   -8.337  2.841   1.00 0.33 ? 85  PHE A N   1 
ATOM   644 C  CA  . PHE A 1 86  ? 2.488   -6.937  3.240   1.00 0.34 ? 85  PHE A CA  1 
ATOM   645 C  C   . PHE A 1 86  ? 2.198   -6.897  4.737   1.00 0.33 ? 85  PHE A C   1 
ATOM   646 O  O   . PHE A 1 86  ? 2.706   -6.067  5.458   1.00 0.36 ? 85  PHE A O   1 
ATOM   647 C  CB  . PHE A 1 86  ? 1.253   -6.452  2.487   1.00 0.35 ? 85  PHE A CB  1 
ATOM   648 C  CG  . PHE A 1 86  ? 1.355   -4.971  2.232   1.00 0.39 ? 85  PHE A CG  1 
ATOM   649 C  CD1 . PHE A 1 86  ? 1.824   -4.128  3.204   1.00 0.48 ? 85  PHE A CD1 1 
ATOM   650 C  CD2 . PHE A 1 86  ? 0.976   -4.438  1.022   1.00 0.51 ? 85  PHE A CD2 1 
ATOM   651 C  CE1 . PHE A 1 86  ? 1.915   -2.754  2.965   1.00 0.55 ? 85  PHE A CE1 1 
ATOM   652 C  CE2 . PHE A 1 86  ? 1.067   -3.065  0.783   1.00 0.54 ? 85  PHE A CE2 1 
ATOM   653 C  CZ  . PHE A 1 86  ? 1.536   -2.223  1.754   1.00 0.50 ? 85  PHE A CZ  1 
ATOM   654 N  N   . LEU A 1 87  ? 1.368   -7.785  5.204   1.00 0.33 ? 86  LEU A N   1 
ATOM   655 C  CA  . LEU A 1 87  ? 1.023   -7.803  6.654   1.00 0.33 ? 86  LEU A CA  1 
ATOM   656 C  C   . LEU A 1 87  ? 2.263   -8.115  7.497   1.00 0.32 ? 86  LEU A C   1 
ATOM   657 O  O   . LEU A 1 87  ? 2.488   -7.512  8.527   1.00 0.31 ? 86  LEU A O   1 
ATOM   658 C  CB  . LEU A 1 87  ? -0.042  -8.869  6.906   1.00 0.34 ? 86  LEU A CB  1 
ATOM   659 C  CG  . LEU A 1 87  ? -0.330  -8.959  8.400   1.00 0.36 ? 86  LEU A CG  1 
ATOM   660 C  CD1 . LEU A 1 87  ? -1.087  -7.739  8.842   1.00 0.48 ? 86  LEU A CD1 1 
ATOM   661 C  CD2 . LEU A 1 87  ? -1.157  -10.189 8.697   1.00 0.41 ? 86  LEU A CD2 1 
ATOM   662 N  N   . LYS A 1 88  ? 3.060   -9.058  7.085   1.00 0.37 ? 87  LYS A N   1 
ATOM   663 C  CA  . LYS A 1 88  ? 4.269   -9.409  7.887   1.00 0.40 ? 87  LYS A CA  1 
ATOM   664 C  C   . LYS A 1 88  ? 5.385   -8.408  7.631   1.00 0.43 ? 87  LYS A C   1 
ATOM   665 O  O   . LYS A 1 88  ? 6.441   -8.507  8.191   1.00 0.54 ? 87  LYS A O   1 
ATOM   666 C  CB  . LYS A 1 88  ? 4.740   -10.801 7.508   1.00 0.52 ? 87  LYS A CB  1 
ATOM   667 C  CG  . LYS A 1 88  ? 5.224   -11.376 8.007   1.00 1.17 ? 87  LYS A CG  1 
ATOM   668 C  CD  . LYS A 1 88  ? 5.664   -12.273 8.358   1.00 1.41 ? 87  LYS A CD  1 
ATOM   669 C  CE  . LYS A 1 88  ? 6.147   -11.929 8.494   1.00 2.37 ? 87  LYS A CE  1 
ATOM   670 N  NZ  . LYS A 1 88  ? 6.539   -12.694 8.902   1.00 3.22 ? 87  LYS A NZ  1 
ATOM   671 N  N   . ALA A 1 89  ? 5.164   -7.443  6.802   1.00 0.43 ? 88  ALA A N   1 
ATOM   672 C  CA  . ALA A 1 89  ? 6.214   -6.440  6.528   1.00 0.53 ? 88  ALA A CA  1 
ATOM   673 C  C   . ALA A 1 89  ? 5.735   -5.087  7.001   1.00 0.58 ? 88  ALA A C   1 
ATOM   674 O  O   . ALA A 1 89  ? 6.499   -4.171  7.138   1.00 0.72 ? 88  ALA A O   1 
ATOM   675 C  CB  . ALA A 1 89  ? 6.494   -6.376  5.036   1.00 0.60 ? 88  ALA A CB  1 
ATOM   676 N  N   . ALA A 1 90  ? 4.472   -4.959  7.250   1.00 0.53 ? 89  ALA A N   1 
ATOM   677 C  CA  . ALA A 1 90  ? 3.936   -3.671  7.713   1.00 0.67 ? 89  ALA A CA  1 
ATOM   678 C  C   . ALA A 1 90  ? 3.501   -3.760  9.154   1.00 0.61 ? 89  ALA A C   1 
ATOM   679 O  O   . ALA A 1 90  ? 3.309   -2.819  9.770   1.00 0.89 ? 89  ALA A O   1 
ATOM   680 C  CB  . ALA A 1 90  ? 2.767   -3.284  6.875   1.00 0.81 ? 89  ALA A CB  1 
ATOM   681 N  N   . ASP A 1 91  ? 3.345   -4.879  9.698   1.00 0.45 ? 90  ASP A N   1 
ATOM   682 C  CA  . ASP A 1 91  ? 2.925   -5.018  11.097  1.00 0.46 ? 90  ASP A CA  1 
ATOM   683 C  C   . ASP A 1 91  ? 4.106   -5.426  11.926  1.00 0.57 ? 90  ASP A C   1 
ATOM   684 O  O   . ASP A 1 91  ? 4.562   -6.185  11.834  1.00 1.21 ? 90  ASP A O   1 
ATOM   685 C  CB  . ASP A 1 91  ? 1.865   -6.069  11.194  1.00 0.53 ? 90  ASP A CB  1 
ATOM   686 C  CG  . ASP A 1 91  ? 0.983   -5.790  12.391  1.00 0.70 ? 90  ASP A CG  1 
ATOM   687 O  OD1 . ASP A 1 91  ? 0.771   -4.988  12.790  1.00 1.07 ? 90  ASP A OD1 1 
ATOM   688 O  OD2 . ASP A 1 91  ? 0.534   -6.384  12.887  1.00 1.16 ? 90  ASP A OD2 1 
ATOM   689 N  N   . LYS A 1 92  ? 4.603   -4.927  12.732  1.00 0.72 ? 91  LYS A N   1 
ATOM   690 C  CA  . LYS A 1 92  ? 5.753   -5.288  13.574  1.00 0.74 ? 91  LYS A CA  1 
ATOM   691 C  C   . LYS A 1 92  ? 5.260   -5.614  14.952  1.00 0.75 ? 91  LYS A C   1 
ATOM   692 O  O   . LYS A 1 92  ? 5.655   -6.569  15.541  1.00 0.89 ? 91  LYS A O   1 
ATOM   693 C  CB  . LYS A 1 92  ? 6.715   -4.142  13.653  1.00 0.79 ? 91  LYS A CB  1 
ATOM   694 C  CG  . LYS A 1 92  ? 7.685   -4.132  13.591  1.00 1.40 ? 91  LYS A CG  1 
ATOM   695 C  CD  . LYS A 1 92  ? 8.469   -3.201  13.763  1.00 1.69 ? 91  LYS A CD  1 
ATOM   696 C  CE  . LYS A 1 92  ? 9.101   -2.668  13.482  1.00 2.18 ? 91  LYS A CE  1 
ATOM   697 N  NZ  . LYS A 1 92  ? 9.881   -2.344  13.578  1.00 2.15 ? 91  LYS A NZ  1 
ATOM   698 N  N   . ASP A 1 93  ? 4.398   -4.825  15.471  1.00 0.73 ? 92  ASP A N   1 
ATOM   699 C  CA  . ASP A 1 93  ? 3.882   -5.092  16.811  1.00 0.88 ? 92  ASP A CA  1 
ATOM   700 C  C   . ASP A 1 93  ? 2.962   -6.275  16.784  1.00 0.90 ? 92  ASP A C   1 
ATOM   701 O  O   . ASP A 1 93  ? 2.579   -6.785  17.792  1.00 1.05 ? 92  ASP A O   1 
ATOM   702 C  CB  . ASP A 1 93  ? 3.117   -3.907  17.314  1.00 0.97 ? 92  ASP A CB  1 
ATOM   703 C  CG  . ASP A 1 93  ? 1.985   -3.613  16.395  1.00 0.87 ? 92  ASP A CG  1 
ATOM   704 O  OD1 . ASP A 1 93  ? 1.761   -4.287  15.502  1.00 0.86 ? 92  ASP A OD1 1 
ATOM   705 O  OD2 . ASP A 1 93  ? 1.361   -2.720  16.600  1.00 1.08 ? 92  ASP A OD2 1 
ATOM   706 N  N   . GLY A 1 94  ? 2.609   -6.719  15.640  1.00 0.87 ? 93  GLY A N   1 
ATOM   707 C  CA  . GLY A 1 94  ? 1.717   -7.872  15.550  1.00 1.02 ? 93  GLY A CA  1 
ATOM   708 C  C   . GLY A 1 94  ? 0.350   -7.572  16.098  1.00 0.87 ? 93  GLY A C   1 
ATOM   709 O  O   . GLY A 1 94  ? -0.227  -8.350  16.808  1.00 0.95 ? 93  GLY A O   1 
ATOM   710 N  N   . ASP A 1 95  ? -0.174  -6.449  15.779  1.00 0.73 ? 94  ASP A N   1 
ATOM   711 C  CA  . ASP A 1 95  ? -1.505  -6.105  16.286  1.00 0.71 ? 94  ASP A CA  1 
ATOM   712 C  C   . ASP A 1 95  ? -2.538  -6.368  15.223  1.00 0.64 ? 94  ASP A C   1 
ATOM   713 O  O   . ASP A 1 95  ? -3.644  -6.355  15.460  1.00 0.85 ? 94  ASP A O   1 
ATOM   714 C  CB  . ASP A 1 95  ? -1.528  -4.643  16.687  1.00 0.67 ? 94  ASP A CB  1 
ATOM   715 C  CG  . ASP A 1 95  ? -1.416  -3.780  15.472  1.00 0.48 ? 94  ASP A CG  1 
ATOM   716 O  OD1 . ASP A 1 95  ? -0.608  -4.049  14.647  1.00 0.43 ? 94  ASP A OD1 1 
ATOM   717 O  OD2 . ASP A 1 95  ? -2.141  -2.865  15.388  1.00 0.62 ? 94  ASP A OD2 1 
ATOM   718 N  N   . GLY A 1 96  ? -2.190  -6.615  14.053  1.00 0.64 ? 95  GLY A N   1 
ATOM   719 C  CA  . GLY A 1 96  ? -3.157  -6.886  12.982  1.00 0.66 ? 95  GLY A CA  1 
ATOM   720 C  C   . GLY A 1 96  ? -3.702  -5.595  12.409  1.00 0.51 ? 95  GLY A C   1 
ATOM   721 O  O   . GLY A 1 96  ? -4.602  -5.603  11.650  1.00 0.57 ? 95  GLY A O   1 
ATOM   722 N  N   . LYS A 1 97  ? -3.166  -4.482  12.765  1.00 0.50 ? 96  LYS A N   1 
ATOM   723 C  CA  . LYS A 1 97  ? -3.660  -3.195  12.238  1.00 0.39 ? 96  LYS A CA  1 
ATOM   724 C  C   . LYS A 1 97  ? -2.493  -2.246  11.998  1.00 0.36 ? 96  LYS A C   1 
ATOM   725 O  O   . LYS A 1 97  ? -1.659  -2.047  12.840  1.00 0.46 ? 96  LYS A O   1 
ATOM   726 C  CB  . LYS A 1 97  ? -4.616  -2.579  13.238  1.00 0.47 ? 96  LYS A CB  1 
ATOM   727 C  CG  . LYS A 1 97  ? -5.404  -3.006  13.619  1.00 1.16 ? 96  LYS A CG  1 
ATOM   728 C  CD  . LYS A 1 97  ? -6.263  -2.523  14.582  1.00 1.20 ? 96  LYS A CD  1 
ATOM   729 C  CE  . LYS A 1 97  ? -6.451  -3.093  15.669  1.00 1.41 ? 96  LYS A CE  1 
ATOM   730 N  NZ  . LYS A 1 97  ? -6.635  -3.034  16.385  1.00 2.06 ? 96  LYS A NZ  1 
ATOM   731 N  N   . ILE A 1 98  ? -2.431  -1.655  10.851  1.00 0.30 ? 97  ILE A N   1 
ATOM   732 C  CA  . ILE A 1 98  ? -1.324  -0.715  10.552  1.00 0.27 ? 97  ILE A CA  1 
ATOM   733 C  C   . ILE A 1 98  ? -1.839  0.715   10.665  1.00 0.25 ? 97  ILE A C   1 
ATOM   734 O  O   . ILE A 1 98  ? -2.484  1.217   9.778   1.00 0.25 ? 97  ILE A O   1 
ATOM   735 C  CB  . ILE A 1 98  ? -0.818  -0.951  9.129   1.00 0.28 ? 97  ILE A CB  1 
ATOM   736 C  CG1 . ILE A 1 98  ? -0.328  -2.386  8.998   1.00 0.37 ? 97  ILE A CG1 1 
ATOM   737 C  CG2 . ILE A 1 98  ? 0.327   0.004   8.828   1.00 0.32 ? 97  ILE A CG2 1 
ATOM   738 C  CD1 . ILE A 1 98  ? -0.327  -2.987  8.942   1.00 1.38 ? 97  ILE A CD1 1 
ATOM   739 N  N   . GLY A 1 99  ? -1.558  1.378   11.744  1.00 0.27 ? 98  GLY A N   1 
ATOM   740 C  CA  . GLY A 1 99  ? -2.028  2.777   11.894  1.00 0.29 ? 98  GLY A CA  1 
ATOM   741 C  C   . GLY A 1 99  ? -1.224  3.666   10.950  1.00 0.30 ? 98  GLY A C   1 
ATOM   742 O  O   . GLY A 1 99  ? -0.555  3.188   10.060  1.00 0.33 ? 98  GLY A O   1 
ATOM   743 N  N   . ILE A 1 100 ? -1.284  4.951   11.129  1.00 0.29 ? 99  ILE A N   1 
ATOM   744 C  CA  . ILE A 1 100 ? -0.515  5.858   10.221  1.00 0.32 ? 99  ILE A CA  1 
ATOM   745 C  C   . ILE A 1 100 ? 0.973   5.744   10.507  1.00 0.33 ? 99  ILE A C   1 
ATOM   746 O  O   . ILE A 1 100 ? 1.709   5.205   9.735   1.00 0.36 ? 99  ILE A O   1 
ATOM   747 C  CB  . ILE A 1 100 ? -0.922  7.322   10.403  1.00 0.34 ? 99  ILE A CB  1 
ATOM   748 C  CG1 . ILE A 1 100 ? -2.435  7.425   10.458  1.00 0.34 ? 99  ILE A CG1 1 
ATOM   749 C  CG2 . ILE A 1 100 ? -0.418  8.132   9.197   1.00 0.35 ? 99  ILE A CG2 1 
ATOM   750 C  CD1 . ILE A 1 100 ? -2.964  7.174   9.059   1.00 0.36 ? 99  ILE A CD1 1 
ATOM   751 N  N   . ASP A 1 101 ? 1.425   6.278   11.597  1.00 0.33 ? 100 ASP A N   1 
ATOM   752 C  CA  . ASP A 1 101 ? 2.884   6.224   11.896  1.00 0.37 ? 100 ASP A CA  1 
ATOM   753 C  C   . ASP A 1 101 ? 3.470   4.879   11.473  1.00 0.37 ? 100 ASP A C   1 
ATOM   754 O  O   . ASP A 1 101 ? 4.569   4.809   10.971  1.00 0.42 ? 100 ASP A O   1 
ATOM   755 C  CB  . ASP A 1 101 ? 3.119   6.447   13.388  1.00 0.39 ? 100 ASP A CB  1 
ATOM   756 C  CG  . ASP A 1 101 ? 3.091   6.813   13.853  1.00 1.41 ? 100 ASP A CG  1 
ATOM   757 O  OD1 . ASP A 1 101 ? 3.334   6.953   13.456  1.00 2.28 ? 100 ASP A OD1 1 
ATOM   758 O  OD2 . ASP A 1 101 ? 2.828   6.945   14.599  1.00 1.92 ? 100 ASP A OD2 1 
ATOM   759 N  N   . GLU A 1 102 ? 2.746   3.815   11.641  1.00 0.33 ? 101 GLU A N   1 
ATOM   760 C  CA  . GLU A 1 102 ? 3.279   2.500   11.208  1.00 0.36 ? 101 GLU A CA  1 
ATOM   761 C  C   . GLU A 1 102 ? 3.286   2.473   9.683   1.00 0.39 ? 101 GLU A C   1 
ATOM   762 O  O   . GLU A 1 102 ? 4.239   2.059   9.057   1.00 0.42 ? 101 GLU A O   1 
ATOM   763 C  CB  . GLU A 1 102 ? 2.386   1.381   11.738  1.00 0.37 ? 101 GLU A CB  1 
ATOM   764 C  CG  . GLU A 1 102 ? 3.165   0.342   12.367  1.00 0.53 ? 101 GLU A CG  1 
ATOM   765 C  CD  . GLU A 1 102 ? 3.092   0.174   13.445  1.00 1.11 ? 101 GLU A CD  1 
ATOM   766 O  OE1 . GLU A 1 102 ? 2.488   0.328   13.736  1.00 1.69 ? 101 GLU A OE1 1 
ATOM   767 O  OE2 . GLU A 1 102 ? 3.642   -0.106  13.960  1.00 1.74 ? 101 GLU A OE2 1 
ATOM   768 N  N   . PHE A 1 103 ? 2.217   2.919   9.086   1.00 0.38 ? 102 PHE A N   1 
ATOM   769 C  CA  . PHE A 1 103 ? 2.120   2.938   7.604   1.00 0.42 ? 102 PHE A CA  1 
ATOM   770 C  C   . PHE A 1 103 ? 3.078   3.979   7.002   1.00 0.45 ? 102 PHE A C   1 
ATOM   771 O  O   . PHE A 1 103 ? 3.884   3.659   6.157   1.00 0.50 ? 102 PHE A O   1 
ATOM   772 C  CB  . PHE A 1 103 ? 0.687   3.296   7.245   1.00 0.42 ? 102 PHE A CB  1 
ATOM   773 C  CG  . PHE A 1 103 ? 0.433   3.074   5.776   1.00 0.39 ? 102 PHE A CG  1 
ATOM   774 C  CD1 . PHE A 1 103 ? 0.296   2.037   5.253   1.00 0.69 ? 102 PHE A CD1 1 
ATOM   775 C  CD2 . PHE A 1 103 ? 0.309   3.911   4.941   1.00 0.97 ? 102 PHE A CD2 1 
ATOM   776 C  CE1 . PHE A 1 103 ? 0.038   1.838   3.894   1.00 0.72 ? 102 PHE A CE1 1 
ATOM   777 C  CE2 . PHE A 1 103 ? 0.052   3.712   3.583   1.00 0.95 ? 102 PHE A CE2 1 
ATOM   778 C  CZ  . PHE A 1 103 ? -0.085  2.676   3.059   1.00 0.38 ? 102 PHE A CZ  1 
ATOM   779 N  N   . GLU A 1 104 ? 2.992   5.221   7.410   1.00 0.44 ? 103 GLU A N   1 
ATOM   780 C  CA  . GLU A 1 104 ? 3.889   6.262   6.837   1.00 0.49 ? 103 GLU A CA  1 
ATOM   781 C  C   . GLU A 1 104 ? 5.345   5.956   7.188   1.00 0.46 ? 103 GLU A C   1 
ATOM   782 O  O   . GLU A 1 104 ? 6.254   6.505   6.617   1.00 0.48 ? 103 GLU A O   1 
ATOM   783 C  CB  . GLU A 1 104 ? 3.495   7.621   7.412   1.00 0.51 ? 103 GLU A CB  1 
ATOM   784 C  CG  . GLU A 1 104 ? 4.131   8.341   7.451   1.00 1.46 ? 103 GLU A CG  1 
ATOM   785 C  CD  . GLU A 1 104 ? 3.974   9.322   7.959   1.00 1.92 ? 103 GLU A CD  1 
ATOM   786 O  OE1 . GLU A 1 104 ? 3.782   9.612   8.218   1.00 2.05 ? 103 GLU A OE1 1 
ATOM   787 O  OE2 . GLU A 1 104 ? 4.049   9.767   8.081   1.00 2.78 ? 103 GLU A OE2 1 
ATOM   788 N  N   . THR A 1 105 ? 5.574   5.075   8.113   1.00 0.47 ? 104 THR A N   1 
ATOM   789 C  CA  . THR A 1 105 ? 6.956   4.729   8.496   1.00 0.47 ? 104 THR A CA  1 
ATOM   790 C  C   . THR A 1 105 ? 7.455   3.645   7.556   1.00 0.48 ? 104 THR A C   1 
ATOM   791 O  O   . THR A 1 105 ? 8.565   3.661   7.105   1.00 0.50 ? 104 THR A O   1 
ATOM   792 C  CB  . THR A 1 105 ? 6.959   4.224   9.943   1.00 0.48 ? 104 THR A CB  1 
ATOM   793 O  OG1 . THR A 1 105 ? 6.960   5.334   10.823  1.00 0.50 ? 104 THR A OG1 1 
ATOM   794 C  CG2 . THR A 1 105 ? 8.199   3.371   10.204  1.00 0.52 ? 104 THR A CG2 1 
ATOM   795 N  N   . LEU A 1 106 ? 6.642   2.696   7.251   1.00 0.58 ? 105 LEU A N   1 
ATOM   796 C  CA  . LEU A 1 106 ? 7.077   1.628   6.346   1.00 0.63 ? 105 LEU A CA  1 
ATOM   797 C  C   . LEU A 1 106 ? 7.062   2.134   4.910   1.00 0.61 ? 105 LEU A C   1 
ATOM   798 O  O   . LEU A 1 106 ? 7.860   1.807   4.137   1.00 0.87 ? 105 LEU A O   1 
ATOM   799 C  CB  . LEU A 1 106 ? 6.148   0.435   6.475   1.00 0.75 ? 105 LEU A CB  1 
ATOM   800 C  CG  . LEU A 1 106 ? 6.856   -0.715  6.786   1.00 0.99 ? 105 LEU A CG  1 
ATOM   801 C  CD1 . LEU A 1 106 ? 7.748   -1.133  6.820   1.00 1.32 ? 105 LEU A CD1 1 
ATOM   802 C  CD2 . LEU A 1 106 ? 6.721   -0.823  7.380   1.00 1.90 ? 105 LEU A CD2 1 
ATOM   803 N  N   . VAL A 1 107 ? 6.158   2.934   4.554   1.00 0.47 ? 106 VAL A N   1 
ATOM   804 C  CA  . VAL A 1 107 ? 6.079   3.470   3.178   1.00 0.46 ? 106 VAL A CA  1 
ATOM   805 C  C   . VAL A 1 107 ? 7.255   4.404   2.932   1.00 0.40 ? 106 VAL A C   1 
ATOM   806 O  O   . VAL A 1 107 ? 7.821   4.429   1.869   1.00 0.46 ? 106 VAL A O   1 
ATOM   807 C  CB  . VAL A 1 107 ? 4.774   4.239   3.018   1.00 0.50 ? 106 VAL A CB  1 
ATOM   808 C  CG1 . VAL A 1 107 ? 4.563   4.622   1.592   1.00 0.53 ? 106 VAL A CG1 1 
ATOM   809 C  CG2 . VAL A 1 107 ? 3.618   3.396   3.446   1.00 0.61 ? 106 VAL A CG2 1 
ATOM   810 N  N   . HIS A 1 108 ? 7.632   5.172   3.907   1.00 0.35 ? 107 HIS A N   1 
ATOM   811 C  CA  . HIS A 1 108 ? 8.775   6.100   3.730   1.00 0.35 ? 107 HIS A CA  1 
ATOM   812 C  C   . HIS A 1 108 ? 10.078  5.314   3.738   1.00 0.37 ? 107 HIS A C   1 
ATOM   813 O  O   . HIS A 1 108 ? 10.994  5.628   3.063   1.00 0.52 ? 107 HIS A O   1 
ATOM   814 C  CB  . HIS A 1 108 ? 8.787   7.106   4.868   1.00 0.39 ? 107 HIS A CB  1 
ATOM   815 C  CG  . HIS A 1 108 ? 7.870   8.227   4.553   1.00 0.51 ? 107 HIS A CG  1 
ATOM   816 N  ND1 . HIS A 1 108 ? 7.167   8.861   5.362   1.00 0.86 ? 107 HIS A ND1 1 
ATOM   817 C  CD2 . HIS A 1 108 ? 7.533   8.838   3.522   1.00 0.83 ? 107 HIS A CD2 1 
ATOM   818 C  CE1 . HIS A 1 108 ? 6.448   9.806   4.809   1.00 0.89 ? 107 HIS A CE1 1 
ATOM   819 N  NE2 . HIS A 1 108 ? 6.634   9.834   3.685   1.00 0.87 ? 107 HIS A NE2 1 
ATOM   820 N  N   . GLU A 1 109 ? 10.167  4.296   4.500   1.00 0.43 ? 108 GLU A N   1 
ATOM   821 C  CA  . GLU A 1 109 ? 11.410  3.490   4.555   1.00 0.49 ? 108 GLU A CA  1 
ATOM   822 C  C   . GLU A 1 109 ? 11.394  2.450   3.462   1.00 0.54 ? 108 GLU A C   1 
ATOM   823 O  O   . GLU A 1 109 ? 12.142  1.703   3.333   1.00 0.85 ? 108 GLU A O   1 
ATOM   824 C  CB  . GLU A 1 109 ? 11.501  2.809   5.896   1.00 0.68 ? 108 GLU A CB  1 
ATOM   825 C  CG  . GLU A 1 109 ? 11.572  3.315   6.722   1.00 1.23 ? 108 GLU A CG  1 
ATOM   826 C  CD  . GLU A 1 109 ? 12.779  3.090   6.980   1.00 1.79 ? 108 GLU A CD  1 
ATOM   827 O  OE1 . GLU A 1 109 ? 13.367  2.546   7.257   1.00 1.68 ? 108 GLU A OE1 1 
ATOM   828 O  OE2 . GLU A 1 109 ? 13.092  3.466   6.895   1.00 2.73 ? 108 GLU A OE2 1 
ATOM   829 N  N   . ALA A 1 110 ? 10.546  2.396   2.671   1.00 0.81 ? 109 ALA A N   1 
ATOM   830 C  CA  . ALA A 1 110 ? 10.482  1.405   1.586   1.00 0.92 ? 109 ALA A CA  1 
ATOM   831 C  C   . ALA A 1 110 ? 11.404  1.697   0.640   1.00 1.21 ? 109 ALA A C   1 
ATOM   832 O  O   . ALA A 1 110 ? 11.799  1.851   0.280   1.00 1.84 ? 109 ALA A O   1 
ATOM   833 C  CB  . ALA A 1 110 ? 9.243   1.377   0.986   1.00 1.42 ? 109 ALA A CB  1 
ATOM   834 O  OXT . ALA A 1 110 ? 11.702  1.764   0.293   1.00 1.69 ? 109 ALA A OXT 1 
HETATM 835 CA CA  . CA  B 2 .   ? -9.504  -0.389  8.403   1.00 1.00 ? 110 CA  A CA  1 
HETATM 836 CA CA  . CA  C 2 .   ? 1.156   -2.293  13.462  1.00 0.87 ? 111 CA  A CA  1 
# 
